data_4KI0
#
_entry.id   4KI0
#
_cell.length_a   81.592
_cell.length_b   96.631
_cell.length_c   112.321
_cell.angle_alpha   85.30
_cell.angle_beta   79.11
_cell.angle_gamma   73.00
#
_symmetry.space_group_name_H-M   'P 1'
#
loop_
_entity.id
_entity.type
_entity.pdbx_description
1 polymer 'ABC transporter related protein'
2 polymer 'Maltose-binding periplasmic protein'
3 polymer 'Maltose transport system permease protein MalF'
4 polymer 'Binding-protein-dependent transport systems inner membrane component'
5 branched alpha-D-glucopyranose-(1-4)-alpha-D-glucopyranose-(1-4)-alpha-D-glucopyranose-(1-4)-alpha-D-glucopyranose
6 non-polymer 'MAGNESIUM ION'
7 non-polymer 'PHOSPHOAMINOPHOSPHONIC ACID-ADENYLATE ESTER'
8 non-polymer UNDECYL-MALTOSIDE
9 non-polymer '(1R)-2-{[{[(2S)-2,3-DIHYDROXYPROPYL]OXY}(HYDROXY)PHOSPHORYL]OXY}-1-[(PALMITOYLOXY)METHYL]ETHYL (11E)-OCTADEC-11-ENOATE'
10 water water
#
loop_
_entity_poly.entity_id
_entity_poly.type
_entity_poly.pdbx_seq_one_letter_code
_entity_poly.pdbx_strand_id
1 'polypeptide(L)'
;MASVQLQNVTKAWGEVVVSKDINLDIHEGEFVVFVGPSGCGKSTLLRMIAGLETITSGDLFIGEKRMNDTPPAERGVGMV
FQSYALYPHLSVAENMSFGLKLAGAKKEVINQRVNQVAEVLQLAHLLDRKPKALSGGQRQRVAIGRTLVAEPSVFLLDEP
LSNLDAALRVQMRIEISRLHKRLGRTMIYVTHDQVEAMTLADKIVVLDAGRVAQVGKPLELYHYPADRFVAGFIGSPKMN
FLPVKVTATAIDQVQVELPMPNRQQVWLPVESRDVQVGANMSLGIRPEHLLPSDIADVILEGEVQVVEQLGNETQIHIQI
PSIRQNLVYRQNDVVLVEEGATFAIGLPPERCHLFREDGTACRRLHKEPGVASASHHHHHH
;
A,B
2 'polypeptide(L)'
;KIEEGKLVIWINGDKGYNGLAEVGKKFEKDTGIKVTVEHPDKLEEKFPQVAATGDGPDIIFWAHDRFGGYAQSGLLAEIT
PDKAFQDKLYPFTWDAVRYNGKLIAYPIAVEALSLIYNKDLLPNPPKTWEEIPALDKELKAKGKSALMFNLQEPYFTWPL
IAADGGYAFKYENGKYDIKDVGVDNAGAKAGLTFLVDLIKNKHMNADTDYSIAEAAFNKGETAMTINGPWAWSNIDTSKV
NYGVTVLPTFKGQPSKPFVGVLSAGINAASPNKELAKEFLENYLLTDEGLEAVNKDKPLGAVALKSYEEELAKDPRIAAT
MENAQKGEIMPNIPQMSAFWYAVRTAVINAASGRQTVDEALKDAQTRITKASASHHHHHH
;
E
3 'polypeptide(L)'
;MDVIKKKHWWQSDALKWSVLGLLGLLVGYLVVLMYAQGEYLFAITTLILSSAGLYIFANRKAYAWRYVYPGMAGMGLFVL
FPLVCTIAIAFTNYSSTNQLTFERAQEVLLDRSWQAGKTYNFGLYPAGDEWQLALSDGETGKNYLSDAFKFGGEQKLQLK
ETTAQPEGERANLRVITQNRQALSDITAILPDGNKVMMSSLRQFSGTQPLYTLDGDGTLTNNQSGVKYRPNNQIGFYQSI
TADGNWGDEKLSPGYTVTTGWKNFTRVFTDEGIQKPFLAIFVWTVVFSLITVFLTVAVGMVLACLVQWEALRGKAVYRVL
LILPYAVPSFISILIFKGLFNQSFGEINMMLSALFGVKPAWFSDPTTARTMLIIVNTWLGYPYMMILCMGLLKAIPDDLY
EASAMDGAGPFQNFFKITLPLLIKPLTPLMIASFAFNFNNFVLIQLLTNGGPDRLGTTTPAGYTDLLVNYTYRIAFEGGG
GQDFGLAAAIATLIFLLVGALAIVNLKATRMKFD
;
F
4 'polypeptide(L)'
;MAMVQPKSQKARLFITHLLLLLFIAAIMFPLLMVVAISLRQGNFATGSLIPEQISWDHWKLALGFSVEQADGRITPPPFP
VLLWLWNSVKVAGISAIGIVALSTTCAYAFARMRFPGKATLLKGMLIFQMFPAVLSLVALYALFDRLGEYIPFIGLNTHG
GVIFAYLGGIALHVWTIKGYFETIDSSLEEAAALDGATPWQAFRLVLLPLSVPILAVVFILSFIAAITEVPVASLLLRDV
NSYTLAVGMQQYLNPQNYLWGDFAAAAVMSALPITIVFLLAQRWLVNGLTAGGVKG
;
G
#
loop_
_chem_comp.id
_chem_comp.type
_chem_comp.name
_chem_comp.formula
ANP non-polymer 'PHOSPHOAMINOPHOSPHONIC ACID-ADENYLATE ESTER' 'C10 H17 N6 O12 P3'
GLC D-saccharide, alpha linking alpha-D-glucopyranose 'C6 H12 O6'
MG non-polymer 'MAGNESIUM ION' 'Mg 2'
PGV non-polymer '(1R)-2-{[{[(2S)-2,3-DIHYDROXYPROPYL]OXY}(HYDROXY)PHOSPHORYL]OXY}-1-[(PALMITOYLOXY)METHYL]ETHYL (11E)-OCTADEC-11-ENOATE' 'C40 H77 O10 P'
UMQ non-polymer UNDECYL-MALTOSIDE 'C23 H44 O11'
#
# COMPACT_ATOMS: atom_id res chain seq x y z
N ALA A 2 -11.42 36.31 23.54
CA ALA A 2 -12.67 35.88 24.23
C ALA A 2 -12.35 35.46 25.65
N SER A 3 -13.34 35.54 26.53
CA SER A 3 -13.21 34.97 27.86
C SER A 3 -13.01 33.47 27.72
N VAL A 4 -12.28 32.88 28.65
CA VAL A 4 -12.18 31.43 28.75
C VAL A 4 -12.52 31.01 30.18
N GLN A 5 -13.42 30.05 30.31
CA GLN A 5 -13.82 29.55 31.61
C GLN A 5 -13.95 28.04 31.58
N LEU A 6 -13.35 27.40 32.58
CA LEU A 6 -13.49 25.96 32.77
C LEU A 6 -14.29 25.74 34.06
N GLN A 7 -15.39 25.00 33.97
CA GLN A 7 -16.26 24.71 35.12
C GLN A 7 -16.23 23.23 35.47
N ASN A 8 -15.58 22.88 36.57
CA ASN A 8 -15.45 21.49 37.00
C ASN A 8 -14.92 20.56 35.92
N VAL A 9 -13.89 21.01 35.22
CA VAL A 9 -13.33 20.22 34.13
C VAL A 9 -12.51 19.06 34.69
N THR A 10 -12.86 17.87 34.25
CA THR A 10 -12.18 16.66 34.66
C THR A 10 -11.66 15.94 33.42
N LYS A 11 -10.49 15.34 33.54
CA LYS A 11 -9.89 14.57 32.45
C LYS A 11 -9.33 13.27 33.00
N ALA A 12 -9.77 12.17 32.42
CA ALA A 12 -9.31 10.84 32.81
C ALA A 12 -8.86 10.05 31.59
N TRP A 13 -7.66 9.50 31.68
CA TRP A 13 -7.22 8.47 30.75
C TRP A 13 -7.53 7.14 31.46
N GLY A 14 -8.74 6.64 31.24
CA GLY A 14 -9.22 5.47 31.97
C GLY A 14 -9.31 5.77 33.46
N GLU A 15 -8.62 4.98 34.27
CA GLU A 15 -8.62 5.16 35.72
C GLU A 15 -7.66 6.26 36.19
N VAL A 16 -6.72 6.64 35.33
CA VAL A 16 -5.79 7.75 35.65
C VAL A 16 -6.47 9.10 35.42
N VAL A 17 -6.42 9.96 36.44
CA VAL A 17 -7.08 11.27 36.42
C VAL A 17 -6.01 12.34 36.42
N VAL A 18 -5.97 13.15 35.36
CA VAL A 18 -4.94 14.19 35.20
C VAL A 18 -5.50 15.62 35.29
N SER A 19 -6.79 15.72 35.58
CA SER A 19 -7.46 17.00 35.83
C SER A 19 -8.67 16.70 36.72
N LYS A 20 -8.76 17.37 37.88
CA LYS A 20 -9.83 17.12 38.84
C LYS A 20 -10.60 18.40 39.15
N ASP A 21 -11.91 18.39 38.89
CA ASP A 21 -12.79 19.52 39.21
C ASP A 21 -12.06 20.84 39.05
N ILE A 22 -11.59 21.11 37.85
CA ILE A 22 -10.86 22.33 37.57
C ILE A 22 -11.83 23.48 37.27
N ASN A 23 -11.73 24.53 38.09
CA ASN A 23 -12.50 25.75 37.90
C ASN A 23 -11.55 26.92 37.69
N LEU A 24 -11.55 27.46 36.48
CA LEU A 24 -10.76 28.65 36.18
C LEU A 24 -11.64 29.67 35.48
N ASP A 25 -11.26 30.93 35.61
CA ASP A 25 -12.01 32.03 35.02
C ASP A 25 -11.04 33.05 34.42
N ILE A 26 -10.73 32.86 33.14
CA ILE A 26 -9.83 33.76 32.43
C ILE A 26 -10.66 34.81 31.71
N HIS A 27 -10.49 36.06 32.12
CA HIS A 27 -11.29 37.14 31.56
C HIS A 27 -10.74 37.60 30.22
N GLU A 28 -11.60 38.30 29.48
CA GLU A 28 -11.25 38.92 28.21
C GLU A 28 -9.99 39.76 28.33
N GLY A 29 -9.01 39.52 27.47
CA GLY A 29 -7.78 40.32 27.45
C GLY A 29 -6.80 40.08 28.59
N GLU A 30 -7.04 39.04 29.37
CA GLU A 30 -6.15 38.70 30.48
C GLU A 30 -4.94 37.93 29.91
N PHE A 31 -3.75 38.23 30.43
CA PHE A 31 -2.58 37.41 30.17
C PHE A 31 -2.41 36.48 31.36
N VAL A 32 -2.69 35.19 31.15
CA VAL A 32 -2.64 34.21 32.22
C VAL A 32 -1.52 33.21 31.96
N VAL A 33 -0.66 33.02 32.95
CA VAL A 33 0.42 32.06 32.87
C VAL A 33 0.09 30.82 33.70
N PHE A 34 0.29 29.65 33.11
CA PHE A 34 0.15 28.38 33.83
C PHE A 34 1.55 27.89 34.16
N VAL A 35 1.81 27.65 35.44
CA VAL A 35 3.04 26.98 35.89
C VAL A 35 2.67 25.73 36.67
N GLY A 36 3.64 24.83 36.80
CA GLY A 36 3.45 23.59 37.55
C GLY A 36 4.46 22.51 37.15
N PRO A 37 4.61 21.47 37.98
CA PRO A 37 5.63 20.44 37.70
C PRO A 37 5.45 19.76 36.35
N SER A 38 6.55 19.40 35.69
CA SER A 38 6.50 18.60 34.48
C SER A 38 5.71 17.33 34.80
N GLY A 39 4.54 17.21 34.18
CA GLY A 39 3.69 16.03 34.28
C GLY A 39 2.37 16.30 34.98
N CYS A 40 2.13 17.55 35.35
CA CYS A 40 0.99 17.95 36.18
C CYS A 40 -0.31 18.23 35.42
N GLY A 41 -0.22 18.57 34.13
CA GLY A 41 -1.41 18.74 33.29
C GLY A 41 -1.61 20.08 32.58
N LYS A 42 -0.53 20.83 32.38
CA LYS A 42 -0.62 22.15 31.74
C LYS A 42 -1.03 22.02 30.27
N SER A 43 -0.34 21.14 29.53
CA SER A 43 -0.65 20.88 28.12
C SER A 43 -2.05 20.29 27.95
N THR A 44 -2.42 19.35 28.82
CA THR A 44 -3.75 18.76 28.80
C THR A 44 -4.82 19.85 28.84
N LEU A 45 -4.66 20.84 29.73
CA LEU A 45 -5.60 21.97 29.79
C LEU A 45 -5.66 22.70 28.46
N LEU A 46 -4.51 23.02 27.89
CA LEU A 46 -4.46 23.65 26.57
C LEU A 46 -5.17 22.82 25.51
N ARG A 47 -4.85 21.53 25.45
CA ARG A 47 -5.41 20.65 24.41
C ARG A 47 -6.95 20.51 24.52
N MET A 48 -7.47 20.52 25.74
CA MET A 48 -8.93 20.47 25.97
C MET A 48 -9.61 21.77 25.54
N ILE A 49 -8.94 22.90 25.77
CA ILE A 49 -9.45 24.21 25.35
C ILE A 49 -9.48 24.31 23.82
N ALA A 50 -8.41 23.86 23.18
CA ALA A 50 -8.29 23.93 21.72
C ALA A 50 -9.15 22.87 21.03
N GLY A 51 -9.56 21.84 21.77
CA GLY A 51 -10.43 20.81 21.24
C GLY A 51 -9.68 19.63 20.64
N LEU A 52 -8.44 19.42 21.07
CA LEU A 52 -7.62 18.33 20.56
C LEU A 52 -7.69 17.12 21.50
N GLU A 53 -8.23 17.32 22.68
CA GLU A 53 -8.42 16.25 23.64
C GLU A 53 -9.84 16.37 24.18
N THR A 54 -10.50 15.24 24.41
CA THR A 54 -11.88 15.25 24.90
C THR A 54 -11.93 15.59 26.39
N ILE A 55 -13.06 16.13 26.83
CA ILE A 55 -13.29 16.43 28.24
C ILE A 55 -14.12 15.30 28.83
N THR A 56 -13.63 14.70 29.91
CA THR A 56 -14.33 13.57 30.55
C THR A 56 -15.66 14.03 31.15
N SER A 57 -15.61 15.10 31.94
CA SER A 57 -16.81 15.76 32.46
C SER A 57 -16.51 17.23 32.74
N GLY A 58 -17.58 18.00 32.96
CA GLY A 58 -17.46 19.44 33.19
C GLY A 58 -17.72 20.22 31.92
N ASP A 59 -17.63 21.54 32.03
CA ASP A 59 -18.01 22.45 30.95
C ASP A 59 -16.89 23.44 30.64
N LEU A 60 -16.58 23.61 29.35
CA LEU A 60 -15.64 24.62 28.87
C LEU A 60 -16.41 25.69 28.12
N PHE A 61 -16.18 26.95 28.48
CA PHE A 61 -16.82 28.09 27.80
C PHE A 61 -15.76 29.00 27.18
N ILE A 62 -15.91 29.31 25.91
CA ILE A 62 -15.10 30.34 25.26
C ILE A 62 -16.05 31.40 24.71
N GLY A 63 -15.81 32.66 25.09
CA GLY A 63 -16.67 33.76 24.69
C GLY A 63 -18.13 33.46 25.00
N GLU A 64 -18.37 32.87 26.17
CA GLU A 64 -19.71 32.54 26.66
C GLU A 64 -20.40 31.36 25.97
N LYS A 65 -19.76 30.73 24.98
CA LYS A 65 -20.34 29.58 24.28
C LYS A 65 -19.74 28.30 24.85
N ARG A 66 -20.58 27.32 25.16
CA ARG A 66 -20.08 26.01 25.62
C ARG A 66 -19.42 25.26 24.47
N MET A 67 -18.10 25.05 24.56
CA MET A 67 -17.32 24.56 23.42
C MET A 67 -16.91 23.09 23.48
N ASN A 68 -17.34 22.35 24.51
CA ASN A 68 -16.91 20.96 24.72
C ASN A 68 -16.95 20.09 23.47
N ASP A 69 -17.97 20.29 22.64
CA ASP A 69 -18.19 19.49 21.44
C ASP A 69 -17.97 20.27 20.14
N THR A 70 -17.48 21.51 20.24
CA THR A 70 -17.21 22.30 19.04
C THR A 70 -15.93 21.78 18.39
N PRO A 71 -15.88 21.73 17.04
CA PRO A 71 -14.64 21.30 16.40
C PRO A 71 -13.52 22.34 16.56
N PRO A 72 -12.25 21.89 16.66
CA PRO A 72 -11.10 22.79 16.83
C PRO A 72 -11.10 24.03 15.94
N ALA A 73 -11.36 23.84 14.66
CA ALA A 73 -11.31 24.95 13.70
C ALA A 73 -12.30 26.08 13.99
N GLU A 74 -13.28 25.84 14.87
CA GLU A 74 -14.36 26.79 15.14
C GLU A 74 -14.35 27.35 16.57
N ARG A 75 -13.20 27.31 17.23
CA ARG A 75 -13.10 27.79 18.62
C ARG A 75 -12.45 29.15 18.78
N GLY A 76 -11.88 29.68 17.70
CA GLY A 76 -11.14 30.96 17.76
C GLY A 76 -9.83 30.84 18.50
N VAL A 77 -9.27 29.64 18.49
CA VAL A 77 -8.08 29.32 19.24
C VAL A 77 -6.91 29.12 18.29
N GLY A 78 -5.74 29.66 18.66
CA GLY A 78 -4.47 29.28 18.05
C GLY A 78 -3.53 28.77 19.11
N MET A 79 -2.55 27.93 18.73
CA MET A 79 -1.60 27.37 19.69
C MET A 79 -0.18 27.22 19.15
N VAL A 80 0.79 27.61 19.98
CA VAL A 80 2.17 27.23 19.79
C VAL A 80 2.34 25.91 20.52
N PHE A 81 2.46 24.82 19.76
CA PHE A 81 2.52 23.47 20.31
C PHE A 81 3.82 23.27 21.09
N GLN A 82 3.75 22.50 22.16
CA GLN A 82 4.98 22.16 22.88
C GLN A 82 5.97 21.48 21.93
N SER A 83 5.46 20.56 21.12
CA SER A 83 6.26 19.83 20.15
C SER A 83 6.39 20.54 18.78
N TYR A 84 6.01 21.81 18.74
CA TYR A 84 6.12 22.72 17.55
C TYR A 84 5.14 22.39 16.41
N ALA A 85 5.09 21.13 16.00
CA ALA A 85 4.14 20.67 14.99
C ALA A 85 4.20 21.53 13.72
N LEU A 86 5.39 21.67 13.17
CA LEU A 86 5.60 22.41 11.92
C LEU A 86 5.24 21.55 10.72
N TYR A 87 4.79 22.18 9.64
CA TYR A 87 4.55 21.47 8.39
C TYR A 87 5.90 21.23 7.74
N PRO A 88 6.35 19.95 7.74
CA PRO A 88 7.71 19.64 7.33
C PRO A 88 7.94 19.70 5.83
N HIS A 89 6.85 19.73 5.06
CA HIS A 89 6.92 19.83 3.60
C HIS A 89 6.85 21.27 3.10
N LEU A 90 6.61 22.21 4.01
CA LEU A 90 6.50 23.61 3.65
C LEU A 90 7.63 24.39 4.29
N SER A 91 8.03 25.49 3.64
CA SER A 91 9.07 26.35 4.16
C SER A 91 8.58 27.17 5.36
N VAL A 92 9.47 27.96 5.93
CA VAL A 92 9.14 28.82 7.06
C VAL A 92 8.04 29.80 6.63
N ALA A 93 8.28 30.52 5.55
CA ALA A 93 7.28 31.44 5.00
C ALA A 93 5.93 30.76 4.78
N GLU A 94 5.96 29.60 4.12
CA GLU A 94 4.74 28.84 3.86
C GLU A 94 4.06 28.36 5.15
N ASN A 95 4.85 27.95 6.15
CA ASN A 95 4.31 27.65 7.48
C ASN A 95 3.62 28.85 8.10
N MET A 96 4.26 30.01 7.99
CA MET A 96 3.75 31.22 8.63
C MET A 96 2.55 31.81 7.90
N SER A 97 2.47 31.57 6.60
CA SER A 97 1.39 32.13 5.77
C SER A 97 0.26 31.15 5.47
N PHE A 98 0.38 29.91 5.94
CA PHE A 98 -0.60 28.86 5.61
C PHE A 98 -2.03 29.30 5.94
N GLY A 99 -2.27 29.66 7.20
CA GLY A 99 -3.59 30.05 7.67
C GLY A 99 -4.19 31.22 6.92
N LEU A 100 -3.35 32.18 6.53
CA LEU A 100 -3.80 33.32 5.74
C LEU A 100 -4.17 32.93 4.31
N LYS A 101 -3.54 31.89 3.76
CA LYS A 101 -3.90 31.40 2.43
C LYS A 101 -5.26 30.70 2.42
N LEU A 102 -5.58 29.99 3.49
CA LEU A 102 -6.85 29.28 3.59
C LEU A 102 -8.00 30.27 3.64
N ALA A 103 -7.84 31.32 4.43
CA ALA A 103 -8.62 32.55 4.23
C ALA A 103 -8.08 33.19 2.95
N GLY A 104 -8.94 33.71 2.08
CA GLY A 104 -8.47 34.17 0.76
C GLY A 104 -7.72 35.49 0.77
N ALA A 105 -6.64 35.56 1.54
CA ALA A 105 -5.94 36.82 1.78
C ALA A 105 -5.11 37.26 0.58
N LYS A 106 -5.05 38.57 0.37
CA LYS A 106 -4.18 39.17 -0.64
C LYS A 106 -2.75 38.68 -0.44
N LYS A 107 -2.04 38.46 -1.54
CA LYS A 107 -0.65 38.00 -1.45
C LYS A 107 0.24 39.06 -0.78
N GLU A 108 0.00 40.33 -1.09
CA GLU A 108 0.77 41.44 -0.53
C GLU A 108 0.53 41.51 0.98
N VAL A 109 -0.71 41.26 1.41
CA VAL A 109 -1.08 41.25 2.82
C VAL A 109 -0.38 40.11 3.56
N ILE A 110 -0.24 38.97 2.88
CA ILE A 110 0.47 37.82 3.46
C ILE A 110 1.95 38.12 3.61
N ASN A 111 2.56 38.65 2.57
CA ASN A 111 3.99 39.00 2.59
C ASN A 111 4.31 40.12 3.57
N GLN A 112 3.43 41.09 3.67
CA GLN A 112 3.64 42.19 4.61
C GLN A 112 3.79 41.63 6.02
N ARG A 113 2.75 40.97 6.51
CA ARG A 113 2.73 40.54 7.92
C ARG A 113 3.50 39.24 8.21
N VAL A 114 3.93 38.50 7.18
CA VAL A 114 4.88 37.42 7.41
C VAL A 114 6.26 38.02 7.64
N ASN A 115 6.66 38.95 6.78
CA ASN A 115 7.93 39.68 6.97
C ASN A 115 8.01 40.40 8.30
N GLN A 116 6.90 40.97 8.74
CA GLN A 116 6.86 41.69 10.01
C GLN A 116 7.15 40.76 11.17
N VAL A 117 6.39 39.66 11.28
CA VAL A 117 6.59 38.68 12.33
C VAL A 117 7.97 38.03 12.23
N ALA A 118 8.43 37.76 11.02
CA ALA A 118 9.72 37.09 10.82
C ALA A 118 10.91 37.93 11.27
N GLU A 119 10.82 39.24 11.07
CA GLU A 119 11.86 40.18 11.49
C GLU A 119 12.04 40.20 13.01
N VAL A 120 10.95 40.36 13.74
CA VAL A 120 11.00 40.39 15.21
C VAL A 120 11.50 39.07 15.79
N LEU A 121 11.16 37.96 15.14
CA LEU A 121 11.59 36.63 15.60
C LEU A 121 12.98 36.29 15.09
N GLN A 122 13.52 37.14 14.22
CA GLN A 122 14.86 36.96 13.65
C GLN A 122 14.93 35.69 12.80
N LEU A 123 13.91 35.49 11.97
CA LEU A 123 13.87 34.38 11.01
C LEU A 123 13.85 34.91 9.56
N ALA A 124 14.10 36.19 9.36
CA ALA A 124 13.97 36.80 8.02
C ALA A 124 14.89 36.14 6.98
N HIS A 125 16.10 35.78 7.40
CA HIS A 125 17.06 35.12 6.53
C HIS A 125 16.83 33.62 6.37
N LEU A 126 15.78 33.09 7.01
CA LEU A 126 15.48 31.64 7.00
C LEU A 126 14.16 31.27 6.31
N LEU A 127 13.48 32.27 5.76
CA LEU A 127 12.16 32.11 5.13
C LEU A 127 12.03 30.95 4.14
N ASP A 128 13.09 30.69 3.36
CA ASP A 128 13.09 29.62 2.36
C ASP A 128 13.36 28.22 2.93
N ARG A 129 13.95 28.17 4.13
CA ARG A 129 14.33 26.88 4.72
C ARG A 129 13.11 26.04 5.03
N LYS A 130 13.29 24.72 4.98
CA LYS A 130 12.32 23.79 5.50
C LYS A 130 12.68 23.44 6.92
N PRO A 131 11.70 23.04 7.74
CA PRO A 131 11.89 22.74 9.15
C PRO A 131 13.08 21.82 9.45
N LYS A 132 13.31 20.83 8.59
CA LYS A 132 14.40 19.88 8.79
C LYS A 132 15.76 20.56 8.74
N ALA A 133 15.85 21.69 8.02
CA ALA A 133 17.08 22.43 7.84
C ALA A 133 17.14 23.66 8.75
N LEU A 134 16.57 23.51 9.95
CA LEU A 134 16.60 24.55 10.97
C LEU A 134 17.09 23.97 12.27
N SER A 135 17.61 24.83 13.14
CA SER A 135 17.97 24.45 14.50
C SER A 135 16.71 24.29 15.36
N GLY A 136 16.88 23.67 16.52
CA GLY A 136 15.77 23.41 17.46
C GLY A 136 15.07 24.67 17.95
N GLY A 137 15.86 25.70 18.23
CA GLY A 137 15.32 26.98 18.67
C GLY A 137 14.71 27.80 17.55
N GLN A 138 15.20 27.61 16.32
CA GLN A 138 14.62 28.27 15.15
C GLN A 138 13.26 27.66 14.81
N ARG A 139 13.16 26.35 14.97
CA ARG A 139 11.90 25.67 14.72
C ARG A 139 10.83 26.20 15.65
N GLN A 140 11.18 26.29 16.91
CA GLN A 140 10.30 26.84 17.93
C GLN A 140 9.80 28.23 17.56
N ARG A 141 10.69 29.05 17.04
CA ARG A 141 10.33 30.41 16.68
C ARG A 141 9.42 30.42 15.46
N VAL A 142 9.62 29.45 14.57
CA VAL A 142 8.71 29.28 13.44
C VAL A 142 7.30 28.99 13.98
N ALA A 143 7.21 28.10 14.97
CA ALA A 143 5.90 27.76 15.57
C ALA A 143 5.26 28.96 16.28
N ILE A 144 6.08 29.80 16.92
CA ILE A 144 5.61 31.05 17.52
C ILE A 144 5.03 31.96 16.44
N GLY A 145 5.77 32.14 15.34
CA GLY A 145 5.41 33.11 14.30
C GLY A 145 4.17 32.75 13.50
N ARG A 146 3.93 31.45 13.42
CA ARG A 146 2.75 30.94 12.73
C ARG A 146 1.48 31.36 13.49
N THR A 147 1.50 31.25 14.82
CA THR A 147 0.35 31.65 15.63
C THR A 147 0.24 33.18 15.71
N LEU A 148 1.37 33.88 15.77
CA LEU A 148 1.37 35.34 15.76
C LEU A 148 0.72 35.92 14.51
N VAL A 149 0.99 35.33 13.35
CA VAL A 149 0.39 35.80 12.10
C VAL A 149 -1.12 35.62 12.09
N ALA A 150 -1.58 34.45 12.55
CA ALA A 150 -3.02 34.15 12.62
C ALA A 150 -3.81 35.06 13.56
N GLU A 151 -3.15 35.63 14.57
CA GLU A 151 -3.78 36.51 15.55
C GLU A 151 -5.14 35.98 15.97
N PRO A 152 -5.17 34.82 16.63
CA PRO A 152 -6.46 34.26 17.04
C PRO A 152 -7.07 35.09 18.16
N SER A 153 -8.34 34.84 18.46
CA SER A 153 -8.98 35.52 19.57
C SER A 153 -8.41 35.03 20.92
N VAL A 154 -7.98 33.78 20.96
CA VAL A 154 -7.38 33.16 22.15
C VAL A 154 -6.04 32.53 21.79
N PHE A 155 -4.96 33.07 22.34
CA PHE A 155 -3.59 32.57 22.13
C PHE A 155 -3.23 31.52 23.18
N LEU A 156 -2.85 30.33 22.76
CA LEU A 156 -2.26 29.34 23.66
C LEU A 156 -0.79 29.20 23.31
N LEU A 157 0.10 29.43 24.27
CA LEU A 157 1.53 29.19 24.06
C LEU A 157 1.96 28.12 25.05
N ASP A 158 2.49 27.00 24.54
CA ASP A 158 2.97 25.92 25.39
C ASP A 158 4.50 25.91 25.39
N GLU A 159 5.08 26.44 26.48
CA GLU A 159 6.54 26.50 26.68
C GLU A 159 7.29 27.01 25.45
N PRO A 160 6.90 28.19 24.95
CA PRO A 160 7.32 28.70 23.64
C PRO A 160 8.74 29.23 23.54
N LEU A 161 9.45 29.40 24.66
CA LEU A 161 10.81 29.97 24.63
C LEU A 161 11.86 29.00 25.18
N SER A 162 11.46 27.77 25.44
CA SER A 162 12.30 26.80 26.15
C SER A 162 13.63 26.48 25.50
N ASN A 163 13.72 26.61 24.18
CA ASN A 163 14.97 26.27 23.48
C ASN A 163 15.69 27.48 22.85
N LEU A 164 15.63 28.62 23.54
CA LEU A 164 16.25 29.85 23.05
C LEU A 164 17.32 30.35 24.04
N ASP A 165 18.36 30.97 23.51
CA ASP A 165 19.38 31.59 24.36
C ASP A 165 18.78 32.70 25.21
N ALA A 166 19.38 32.93 26.39
CA ALA A 166 18.91 33.93 27.33
C ALA A 166 18.64 35.27 26.63
N ALA A 167 19.64 35.77 25.90
CA ALA A 167 19.53 37.10 25.25
C ALA A 167 18.32 37.21 24.35
N LEU A 168 17.98 36.13 23.65
CA LEU A 168 16.86 36.10 22.71
C LEU A 168 15.54 35.88 23.45
N ARG A 169 15.57 35.05 24.50
CA ARG A 169 14.41 34.84 25.36
CA ARG A 169 14.43 34.84 25.38
C ARG A 169 13.88 36.19 25.83
N VAL A 170 14.80 37.06 26.28
CA VAL A 170 14.44 38.40 26.73
C VAL A 170 13.74 39.17 25.62
N GLN A 171 14.28 39.10 24.42
CA GLN A 171 13.69 39.79 23.27
C GLN A 171 12.32 39.25 22.86
N MET A 172 12.07 37.97 23.06
CA MET A 172 10.76 37.37 22.73
C MET A 172 9.72 37.66 23.82
N ARG A 173 10.13 37.53 25.08
CA ARG A 173 9.33 38.00 26.23
C ARG A 173 8.68 39.34 25.94
N ILE A 174 9.49 40.28 25.47
CA ILE A 174 9.06 41.65 25.26
C ILE A 174 8.04 41.74 24.13
N GLU A 175 8.31 41.06 23.02
CA GLU A 175 7.43 41.10 21.85
C GLU A 175 6.06 40.53 22.16
N ILE A 176 6.03 39.40 22.85
CA ILE A 176 4.77 38.82 23.33
C ILE A 176 4.04 39.80 24.25
N SER A 177 4.79 40.50 25.09
CA SER A 177 4.21 41.49 26.01
C SER A 177 3.61 42.68 25.25
N ARG A 178 4.30 43.14 24.19
CA ARG A 178 3.80 44.24 23.37
C ARG A 178 2.56 43.84 22.57
N LEU A 179 2.57 42.61 22.04
CA LEU A 179 1.44 42.07 21.32
C LEU A 179 0.17 42.06 22.17
N HIS A 180 0.30 41.62 23.42
CA HIS A 180 -0.82 41.59 24.35
C HIS A 180 -1.34 43.00 24.67
N LYS A 181 -0.44 43.97 24.68
CA LYS A 181 -0.83 45.36 24.94
C LYS A 181 -1.45 46.02 23.71
N ARG A 182 -1.04 45.62 22.52
CA ARG A 182 -1.59 46.16 21.27
C ARG A 182 -2.97 45.58 20.95
N LEU A 183 -3.06 44.25 20.96
CA LEU A 183 -4.28 43.53 20.59
C LEU A 183 -5.29 43.46 21.73
N GLY A 184 -4.81 43.44 22.97
CA GLY A 184 -5.69 43.32 24.14
C GLY A 184 -6.47 42.02 24.21
N ARG A 185 -5.97 40.98 23.56
CA ARG A 185 -6.67 39.70 23.45
C ARG A 185 -6.14 38.70 24.47
N THR A 186 -6.95 37.69 24.78
CA THR A 186 -6.62 36.71 25.80
C THR A 186 -5.40 35.87 25.40
N MET A 187 -4.47 35.72 26.32
CA MET A 187 -3.29 34.86 26.11
C MET A 187 -3.12 33.91 27.28
N ILE A 188 -3.00 32.61 26.98
CA ILE A 188 -2.75 31.59 28.01
C ILE A 188 -1.40 30.95 27.72
N TYR A 189 -0.45 31.15 28.63
CA TYR A 189 0.96 30.93 28.40
C TYR A 189 1.53 29.95 29.42
N VAL A 190 1.98 28.77 28.97
CA VAL A 190 2.59 27.78 29.86
C VAL A 190 4.10 27.89 29.84
N THR A 191 4.73 27.93 31.03
CA THR A 191 6.17 28.11 31.14
C THR A 191 6.72 27.49 32.43
N HIS A 192 7.97 27.06 32.36
CA HIS A 192 8.72 26.61 33.52
C HIS A 192 9.68 27.70 34.02
N ASP A 193 9.76 28.80 33.28
CA ASP A 193 10.72 29.84 33.58
C ASP A 193 10.08 30.90 34.48
N GLN A 194 10.61 31.02 35.68
CA GLN A 194 10.06 31.89 36.71
C GLN A 194 10.01 33.36 36.31
N VAL A 195 11.01 33.82 35.54
CA VAL A 195 11.08 35.21 35.09
C VAL A 195 9.98 35.57 34.08
N GLU A 196 9.76 34.69 33.11
CA GLU A 196 8.63 34.83 32.18
C GLU A 196 7.34 34.94 32.96
N ALA A 197 7.11 33.96 33.84
CA ALA A 197 5.92 33.93 34.70
C ALA A 197 5.71 35.25 35.45
N MET A 198 6.76 35.74 36.10
CA MET A 198 6.68 36.93 36.94
C MET A 198 6.48 38.22 36.14
N THR A 199 7.02 38.28 34.92
CA THR A 199 7.01 39.53 34.14
C THR A 199 5.86 39.65 33.16
N LEU A 200 5.30 38.50 32.74
CA LEU A 200 4.24 38.49 31.73
C LEU A 200 2.85 38.44 32.31
N ALA A 201 2.69 37.74 33.42
CA ALA A 201 1.37 37.39 33.95
C ALA A 201 0.63 38.55 34.61
N ASP A 202 -0.63 38.72 34.24
CA ASP A 202 -1.58 39.46 35.06
C ASP A 202 -1.93 38.59 36.26
N LYS A 203 -1.99 37.27 36.01
CA LYS A 203 -2.46 36.30 36.97
C LYS A 203 -1.75 34.97 36.70
N ILE A 204 -1.29 34.29 37.73
CA ILE A 204 -0.62 33.01 37.58
C ILE A 204 -1.45 31.89 38.18
N VAL A 205 -1.62 30.82 37.42
CA VAL A 205 -2.28 29.61 37.89
C VAL A 205 -1.21 28.56 38.19
N VAL A 206 -1.19 28.07 39.43
CA VAL A 206 -0.25 27.03 39.83
C VAL A 206 -0.99 25.71 39.90
N LEU A 207 -0.52 24.72 39.13
CA LEU A 207 -1.15 23.41 39.12
C LEU A 207 -0.28 22.42 39.86
N ASP A 208 -0.90 21.31 40.24
CA ASP A 208 -0.24 20.30 41.06
C ASP A 208 -1.04 19.01 40.93
N ALA A 209 -0.53 18.09 40.12
CA ALA A 209 -1.14 16.78 39.96
C ALA A 209 -2.63 16.90 39.62
N GLY A 210 -2.96 17.77 38.68
CA GLY A 210 -4.33 17.91 38.19
C GLY A 210 -5.29 18.80 38.99
N ARG A 211 -4.83 19.34 40.13
CA ARG A 211 -5.62 20.32 40.88
C ARG A 211 -5.02 21.71 40.69
N VAL A 212 -5.84 22.74 40.89
CA VAL A 212 -5.35 24.10 40.96
C VAL A 212 -4.98 24.35 42.41
N ALA A 213 -3.71 24.61 42.68
CA ALA A 213 -3.24 24.81 44.04
C ALA A 213 -3.45 26.25 44.50
N GLN A 214 -3.23 27.19 43.59
CA GLN A 214 -3.46 28.60 43.88
C GLN A 214 -3.48 29.40 42.60
N VAL A 215 -4.20 30.52 42.66
CA VAL A 215 -4.31 31.46 41.57
C VAL A 215 -4.11 32.86 42.15
N GLY A 216 -3.19 33.64 41.58
CA GLY A 216 -3.02 35.03 42.01
C GLY A 216 -2.00 35.81 41.20
N LYS A 217 -1.87 37.09 41.51
CA LYS A 217 -0.85 37.92 40.87
C LYS A 217 0.58 37.45 41.24
N PRO A 218 1.57 37.77 40.41
CA PRO A 218 2.92 37.24 40.62
C PRO A 218 3.47 37.48 42.04
N LEU A 219 3.44 38.73 42.47
CA LEU A 219 3.94 39.11 43.79
C LEU A 219 3.09 38.54 44.92
N GLU A 220 1.81 38.26 44.62
CA GLU A 220 0.89 37.66 45.58
C GLU A 220 1.33 36.23 45.92
N LEU A 221 1.70 35.47 44.89
CA LEU A 221 2.14 34.08 45.08
C LEU A 221 3.54 33.98 45.72
N TYR A 222 4.43 34.87 45.33
CA TYR A 222 5.77 34.94 45.89
C TYR A 222 5.76 35.28 47.40
N HIS A 223 5.04 36.33 47.78
CA HIS A 223 4.96 36.78 49.17
C HIS A 223 4.02 35.96 50.02
N TYR A 224 2.89 35.54 49.45
CA TYR A 224 1.84 34.88 50.23
C TYR A 224 1.39 33.57 49.61
N PRO A 225 2.26 32.55 49.60
CA PRO A 225 1.81 31.24 49.16
C PRO A 225 0.80 30.67 50.14
N ALA A 226 -0.27 30.08 49.60
CA ALA A 226 -1.37 29.56 50.40
C ALA A 226 -1.02 28.25 51.11
N ASP A 227 -0.03 27.53 50.58
CA ASP A 227 0.40 26.28 51.22
C ASP A 227 1.87 25.93 50.89
N ARG A 228 2.37 24.87 51.51
CA ARG A 228 3.78 24.46 51.39
C ARG A 228 4.18 24.18 49.94
N PHE A 229 3.33 23.49 49.19
CA PHE A 229 3.64 23.17 47.78
C PHE A 229 3.89 24.44 46.95
N VAL A 230 2.94 25.36 46.97
CA VAL A 230 3.08 26.59 46.19
C VAL A 230 4.34 27.32 46.63
N ALA A 231 4.53 27.41 47.95
CA ALA A 231 5.70 28.07 48.53
C ALA A 231 7.02 27.49 48.05
N GLY A 232 7.06 26.17 47.88
CA GLY A 232 8.25 25.48 47.36
C GLY A 232 8.41 25.53 45.86
N PHE A 233 7.37 25.97 45.15
CA PHE A 233 7.38 25.96 43.70
C PHE A 233 7.64 27.34 43.12
N ILE A 234 7.01 28.37 43.66
CA ILE A 234 7.23 29.72 43.16
C ILE A 234 8.52 30.27 43.75
N GLY A 235 9.40 30.75 42.89
CA GLY A 235 10.71 31.24 43.31
C GLY A 235 11.73 30.13 43.26
N SER A 236 12.83 30.37 42.56
CA SER A 236 13.89 29.38 42.43
C SER A 236 15.25 30.07 42.52
N PRO A 237 16.19 29.51 43.33
CA PRO A 237 16.17 28.35 44.24
C PRO A 237 14.99 28.33 45.20
N LYS A 238 14.46 27.13 45.47
CA LYS A 238 13.26 27.01 46.27
C LYS A 238 13.45 27.47 47.70
N MET A 239 12.32 27.78 48.33
CA MET A 239 12.27 28.16 49.72
C MET A 239 12.85 27.04 50.61
N ASN A 240 13.60 27.43 51.63
CA ASN A 240 14.08 26.48 52.64
C ASN A 240 12.96 26.14 53.60
N PHE A 241 12.92 24.90 54.05
CA PHE A 241 11.94 24.47 55.05
C PHE A 241 12.66 23.75 56.17
N LEU A 242 12.16 23.96 57.39
CA LEU A 242 12.71 23.29 58.55
C LEU A 242 11.65 23.16 59.64
N PRO A 243 11.60 21.98 60.30
CA PRO A 243 10.59 21.76 61.34
C PRO A 243 10.79 22.67 62.55
N VAL A 244 9.68 23.13 63.12
CA VAL A 244 9.69 23.91 64.34
C VAL A 244 8.53 23.45 65.24
N LYS A 245 8.55 23.88 66.49
CA LYS A 245 7.49 23.57 67.45
C LYS A 245 6.84 24.85 67.95
N VAL A 246 5.52 24.88 67.97
CA VAL A 246 4.79 26.02 68.50
C VAL A 246 4.90 26.02 70.02
N THR A 247 5.40 27.13 70.59
CA THR A 247 5.53 27.29 72.04
C THR A 247 4.42 28.17 72.65
N ALA A 248 4.00 29.19 71.89
CA ALA A 248 2.96 30.11 72.33
C ALA A 248 2.29 30.78 71.14
N THR A 249 1.09 31.33 71.37
CA THR A 249 0.31 32.00 70.31
C THR A 249 -0.28 33.33 70.75
N ALA A 250 -0.41 34.22 69.79
CA ALA A 250 -1.26 35.40 69.91
C ALA A 250 -2.17 35.38 68.70
N ILE A 251 -3.18 36.25 68.67
CA ILE A 251 -4.08 36.29 67.53
C ILE A 251 -3.33 36.60 66.24
N ASP A 252 -2.31 37.45 66.32
CA ASP A 252 -1.58 37.91 65.13
C ASP A 252 -0.11 37.52 65.10
N GLN A 253 0.27 36.53 65.90
CA GLN A 253 1.61 35.97 65.82
C GLN A 253 1.72 34.58 66.41
N VAL A 254 2.73 33.84 65.97
CA VAL A 254 3.02 32.52 66.49
C VAL A 254 4.48 32.44 66.92
N GLN A 255 4.71 31.97 68.15
CA GLN A 255 6.05 31.75 68.66
C GLN A 255 6.47 30.31 68.41
N VAL A 256 7.63 30.13 67.79
CA VAL A 256 8.12 28.81 67.45
C VAL A 256 9.53 28.57 68.00
N GLU A 257 9.80 27.31 68.34
CA GLU A 257 11.11 26.87 68.82
C GLU A 257 11.86 26.17 67.69
N LEU A 258 13.06 26.66 67.39
CA LEU A 258 13.86 26.10 66.32
C LEU A 258 14.49 24.79 66.80
N PRO A 259 14.74 23.85 65.88
CA PRO A 259 15.12 22.48 66.26
C PRO A 259 16.57 22.32 66.76
N MET A 260 17.39 23.35 66.60
CA MET A 260 18.77 23.32 67.10
C MET A 260 18.84 22.97 68.57
N PRO A 261 20.01 22.46 69.01
CA PRO A 261 20.26 22.19 70.43
C PRO A 261 19.93 23.35 71.38
N ASN A 262 20.10 24.59 70.91
CA ASN A 262 19.86 25.78 71.76
C ASN A 262 18.39 26.23 71.90
N ARG A 263 17.47 25.56 71.21
CA ARG A 263 16.02 25.81 71.36
C ARG A 263 15.60 27.28 71.26
N GLN A 264 16.24 28.05 70.38
CA GLN A 264 15.92 29.47 70.25
C GLN A 264 14.45 29.67 69.87
N GLN A 265 13.79 30.62 70.52
CA GLN A 265 12.37 30.90 70.31
C GLN A 265 12.20 32.18 69.51
N VAL A 266 11.31 32.17 68.53
CA VAL A 266 11.06 33.34 67.69
C VAL A 266 9.56 33.58 67.47
N TRP A 267 9.14 34.83 67.67
CA TRP A 267 7.78 35.26 67.32
C TRP A 267 7.73 35.61 65.84
N LEU A 268 6.76 35.04 65.12
CA LEU A 268 6.54 35.34 63.70
C LEU A 268 5.22 36.11 63.51
N PRO A 269 5.22 37.16 62.67
CA PRO A 269 3.99 37.88 62.37
C PRO A 269 3.10 37.09 61.39
N VAL A 270 2.45 36.07 61.93
CA VAL A 270 1.69 35.10 61.15
C VAL A 270 0.46 34.68 61.98
N GLU A 271 -0.66 34.38 61.33
CA GLU A 271 -1.90 34.05 62.06
C GLU A 271 -1.75 32.78 62.91
N SER A 272 -2.58 32.68 63.94
CA SER A 272 -2.56 31.53 64.86
C SER A 272 -3.83 30.68 64.78
N ARG A 273 -4.62 30.91 63.73
CA ARG A 273 -5.81 30.10 63.45
C ARG A 273 -5.47 28.62 63.25
N ASP A 274 -6.08 27.75 64.06
CA ASP A 274 -5.83 26.30 64.02
C ASP A 274 -4.34 26.00 64.19
N VAL A 275 -3.70 26.73 65.09
CA VAL A 275 -2.30 26.53 65.44
C VAL A 275 -2.22 26.32 66.95
N GLN A 276 -2.00 25.08 67.36
CA GLN A 276 -1.97 24.72 68.77
C GLN A 276 -0.54 24.70 69.31
N VAL A 277 -0.40 25.06 70.57
CA VAL A 277 0.87 24.95 71.27
C VAL A 277 1.31 23.49 71.27
N GLY A 278 2.58 23.25 70.95
CA GLY A 278 3.14 21.90 70.90
C GLY A 278 3.05 21.24 69.53
N ALA A 279 2.28 21.83 68.63
CA ALA A 279 2.15 21.29 67.27
C ALA A 279 3.46 21.43 66.49
N ASN A 280 3.73 20.48 65.61
CA ASN A 280 4.89 20.53 64.74
C ASN A 280 4.55 21.26 63.45
N MET A 281 5.33 22.29 63.13
CA MET A 281 5.08 23.10 61.96
C MET A 281 6.28 23.03 61.04
N SER A 282 6.14 23.63 59.86
CA SER A 282 7.25 23.78 58.93
C SER A 282 7.46 25.27 58.73
N LEU A 283 8.68 25.73 58.99
CA LEU A 283 9.01 27.15 58.84
C LEU A 283 9.68 27.33 57.49
N GLY A 284 9.09 28.16 56.64
CA GLY A 284 9.65 28.47 55.35
C GLY A 284 10.42 29.78 55.37
N ILE A 285 11.61 29.79 54.77
CA ILE A 285 12.40 31.01 54.59
C ILE A 285 13.16 30.93 53.28
N ARG A 286 13.02 31.93 52.43
CA ARG A 286 13.64 31.90 51.11
C ARG A 286 15.14 32.20 51.20
N PRO A 287 15.95 31.57 50.34
CA PRO A 287 17.40 31.83 50.24
C PRO A 287 17.79 33.31 50.14
N GLU A 288 16.97 34.10 49.43
CA GLU A 288 17.22 35.53 49.21
C GLU A 288 16.96 36.35 50.47
N HIS A 289 16.21 35.78 51.39
CA HIS A 289 15.71 36.50 52.57
C HIS A 289 16.54 36.26 53.83
N LEU A 290 17.35 35.20 53.83
CA LEU A 290 18.32 35.01 54.89
C LEU A 290 19.30 36.19 54.85
N LEU A 291 19.71 36.66 56.02
CA LEU A 291 20.58 37.83 56.13
C LEU A 291 21.98 37.43 56.57
N PRO A 292 22.97 38.29 56.30
CA PRO A 292 24.30 38.13 56.90
C PRO A 292 24.21 37.98 58.41
N SER A 293 25.16 37.26 59.01
CA SER A 293 25.13 36.96 60.45
C SER A 293 25.35 38.18 61.34
N ASP A 294 26.19 39.10 60.89
CA ASP A 294 26.57 40.27 61.68
C ASP A 294 25.40 41.22 61.99
N ILE A 295 24.45 41.29 61.06
CA ILE A 295 23.29 42.18 61.19
C ILE A 295 22.02 41.43 61.64
N ALA A 296 22.19 40.37 62.43
CA ALA A 296 21.09 39.43 62.70
C ALA A 296 20.90 39.09 64.17
N ASP A 297 19.64 38.95 64.58
CA ASP A 297 19.28 38.49 65.93
C ASP A 297 19.30 36.96 66.00
N VAL A 298 18.45 36.31 65.22
CA VAL A 298 18.32 34.84 65.25
C VAL A 298 19.33 34.19 64.30
N ILE A 299 20.32 33.51 64.86
CA ILE A 299 21.46 32.99 64.11
C ILE A 299 21.37 31.49 63.89
N LEU A 300 21.67 31.06 62.67
CA LEU A 300 21.83 29.64 62.35
C LEU A 300 23.22 29.41 61.78
N GLU A 301 23.98 28.53 62.43
CA GLU A 301 25.35 28.24 62.02
C GLU A 301 25.54 26.75 61.73
N GLY A 302 26.37 26.46 60.73
CA GLY A 302 26.64 25.08 60.34
C GLY A 302 27.83 24.94 59.42
N GLU A 303 27.90 23.81 58.74
CA GLU A 303 29.03 23.47 57.86
C GLU A 303 28.66 23.58 56.38
N VAL A 304 29.52 24.23 55.59
CA VAL A 304 29.27 24.44 54.17
C VAL A 304 29.41 23.13 53.39
N GLN A 305 28.38 22.77 52.62
CA GLN A 305 28.36 21.54 51.85
C GLN A 305 28.59 21.80 50.36
N VAL A 306 28.00 22.85 49.82
CA VAL A 306 28.11 23.16 48.40
C VAL A 306 28.25 24.67 48.22
N VAL A 307 29.02 25.06 47.20
CA VAL A 307 29.19 26.47 46.83
C VAL A 307 29.13 26.62 45.32
N GLU A 308 28.10 27.31 44.83
CA GLU A 308 27.94 27.54 43.39
C GLU A 308 28.19 29.00 43.05
N GLN A 309 29.22 29.23 42.25
CA GLN A 309 29.63 30.58 41.85
C GLN A 309 28.93 30.96 40.56
N LEU A 310 27.87 31.76 40.65
CA LEU A 310 27.12 32.19 39.44
C LEU A 310 27.63 33.50 38.85
N GLY A 311 28.71 34.05 39.39
CA GLY A 311 29.24 35.34 38.92
C GLY A 311 28.52 36.49 39.59
N ASN A 312 27.30 36.75 39.18
CA ASN A 312 26.48 37.78 39.81
C ASN A 312 26.32 37.56 41.31
N GLU A 313 26.25 36.31 41.71
CA GLU A 313 26.03 35.95 43.11
C GLU A 313 26.71 34.64 43.44
N THR A 314 26.68 34.30 44.72
CA THR A 314 27.18 33.01 45.21
C THR A 314 26.07 32.33 46.02
N GLN A 315 25.76 31.09 45.67
CA GLN A 315 24.77 30.32 46.40
C GLN A 315 25.51 29.29 47.23
N ILE A 316 25.18 29.25 48.53
CA ILE A 316 25.95 28.52 49.51
C ILE A 316 25.02 27.63 50.32
N HIS A 317 25.29 26.32 50.29
CA HIS A 317 24.43 25.33 50.92
C HIS A 317 25.08 24.96 52.25
N ILE A 318 24.34 25.07 53.35
CA ILE A 318 24.89 24.87 54.69
C ILE A 318 24.17 23.76 55.45
N GLN A 319 24.94 22.84 56.04
CA GLN A 319 24.38 21.77 56.84
C GLN A 319 24.34 22.23 58.28
N ILE A 320 23.17 22.14 58.89
CA ILE A 320 22.93 22.72 60.20
C ILE A 320 22.40 21.63 61.13
N PRO A 321 23.06 21.43 62.29
CA PRO A 321 22.70 20.31 63.17
C PRO A 321 21.22 20.23 63.51
N SER A 322 20.69 19.00 63.52
CA SER A 322 19.26 18.71 63.78
C SER A 322 18.33 19.18 62.66
N ILE A 323 18.87 19.38 61.46
CA ILE A 323 18.06 19.65 60.28
C ILE A 323 18.58 18.81 59.12
N ARG A 324 17.76 17.86 58.65
CA ARG A 324 18.17 16.91 57.61
C ARG A 324 18.51 17.63 56.32
N GLN A 325 17.63 18.53 55.88
CA GLN A 325 17.86 19.24 54.62
C GLN A 325 18.84 20.37 54.83
N ASN A 326 19.66 20.62 53.80
CA ASN A 326 20.59 21.73 53.81
C ASN A 326 19.85 23.04 53.69
N LEU A 327 20.50 24.10 54.16
CA LEU A 327 19.98 25.46 54.06
C LEU A 327 20.66 26.16 52.89
N VAL A 328 19.88 26.62 51.92
CA VAL A 328 20.42 27.31 50.76
C VAL A 328 20.37 28.83 50.96
N TYR A 329 21.52 29.48 50.84
CA TYR A 329 21.64 30.92 51.06
C TYR A 329 22.23 31.59 49.81
N ARG A 330 21.68 32.75 49.46
CA ARG A 330 22.16 33.54 48.32
C ARG A 330 22.80 34.84 48.80
N GLN A 331 23.91 35.22 48.18
CA GLN A 331 24.61 36.45 48.53
C GLN A 331 25.14 37.13 47.26
N ASN A 332 24.95 38.44 47.17
CA ASN A 332 25.42 39.21 46.01
C ASN A 332 26.93 39.07 45.82
N ASP A 333 27.38 39.17 44.57
CA ASP A 333 28.80 39.20 44.23
C ASP A 333 29.48 37.83 44.40
N VAL A 334 30.78 37.77 44.09
CA VAL A 334 31.56 36.53 44.23
C VAL A 334 32.13 36.44 45.64
N VAL A 335 31.89 35.32 46.29
CA VAL A 335 32.30 35.12 47.69
C VAL A 335 33.13 33.84 47.82
N LEU A 336 34.37 33.99 48.27
CA LEU A 336 35.27 32.85 48.38
C LEU A 336 35.00 32.06 49.66
N VAL A 337 34.38 30.90 49.50
CA VAL A 337 34.12 29.99 50.61
C VAL A 337 34.44 28.57 50.17
N GLU A 338 34.89 27.75 51.10
CA GLU A 338 35.22 26.35 50.84
C GLU A 338 34.25 25.41 51.55
N GLU A 339 34.04 24.24 50.96
CA GLU A 339 33.31 23.16 51.63
C GLU A 339 33.96 22.83 52.96
N GLY A 340 33.15 22.60 53.98
CA GLY A 340 33.64 22.30 55.33
C GLY A 340 33.76 23.52 56.24
N ALA A 341 33.84 24.71 55.65
CA ALA A 341 33.94 25.94 56.43
C ALA A 341 32.68 26.12 57.26
N THR A 342 32.80 26.77 58.40
CA THR A 342 31.62 27.06 59.22
C THR A 342 31.03 28.38 58.74
N PHE A 343 29.72 28.39 58.54
CA PHE A 343 29.03 29.57 58.04
C PHE A 343 27.82 29.87 58.91
N ALA A 344 27.64 31.15 59.24
CA ALA A 344 26.47 31.60 59.97
C ALA A 344 25.62 32.51 59.08
N ILE A 345 24.30 32.39 59.21
CA ILE A 345 23.37 33.33 58.57
C ILE A 345 22.25 33.72 59.53
N GLY A 346 21.59 34.82 59.21
CA GLY A 346 20.49 35.35 60.02
C GLY A 346 19.13 34.97 59.47
N LEU A 347 18.20 34.71 60.38
CA LEU A 347 16.86 34.24 60.06
C LEU A 347 15.86 35.33 60.46
N PRO A 348 15.41 36.16 59.49
CA PRO A 348 14.53 37.30 59.80
C PRO A 348 13.08 36.87 60.01
N PRO A 349 12.51 37.16 61.19
CA PRO A 349 11.17 36.66 61.49
C PRO A 349 10.05 37.23 60.61
N GLU A 350 10.20 38.46 60.09
CA GLU A 350 9.15 39.09 59.27
C GLU A 350 8.91 38.31 57.99
N ARG A 351 9.96 37.66 57.49
CA ARG A 351 9.94 36.98 56.20
C ARG A 351 9.89 35.46 56.33
N CYS A 352 9.51 34.95 57.50
CA CYS A 352 9.33 33.51 57.70
C CYS A 352 7.91 33.12 57.36
N HIS A 353 7.72 32.04 56.61
CA HIS A 353 6.40 31.48 56.36
C HIS A 353 6.24 30.35 57.36
N LEU A 354 5.00 29.98 57.67
CA LEU A 354 4.75 28.86 58.57
C LEU A 354 3.59 28.01 58.03
N PHE A 355 3.77 26.70 58.04
CA PHE A 355 2.82 25.76 57.43
C PHE A 355 2.38 24.69 58.43
N ARG A 356 1.08 24.47 58.48
CA ARG A 356 0.48 23.51 59.41
C ARG A 356 0.80 22.08 58.96
N GLU A 357 0.57 21.10 59.83
CA GLU A 357 0.80 19.68 59.53
C GLU A 357 0.20 19.28 58.17
N ASP A 358 -1.00 19.81 57.87
CA ASP A 358 -1.67 19.55 56.59
C ASP A 358 -1.09 20.32 55.40
N GLY A 359 -0.04 21.11 55.63
CA GLY A 359 0.62 21.84 54.56
C GLY A 359 0.08 23.23 54.28
N THR A 360 -1.05 23.60 54.90
CA THR A 360 -1.68 24.91 54.66
C THR A 360 -0.92 26.04 55.35
N ALA A 361 -0.83 27.19 54.69
CA ALA A 361 -0.07 28.33 55.21
C ALA A 361 -0.82 29.07 56.31
N CYS A 362 -0.13 29.35 57.40
CA CYS A 362 -0.63 30.32 58.37
C CYS A 362 -0.37 31.66 57.73
N ARG A 363 -1.42 32.35 57.32
CA ARG A 363 -1.26 33.55 56.50
C ARG A 363 -0.33 34.55 57.17
N ARG A 364 0.63 35.04 56.38
CA ARG A 364 1.54 36.07 56.83
C ARG A 364 0.83 37.40 57.02
N LEU A 365 1.13 38.08 58.13
CA LEU A 365 0.52 39.35 58.46
C LEU A 365 1.48 40.53 58.30
N HIS A 366 2.76 40.26 58.07
CA HIS A 366 3.71 41.31 57.72
C HIS A 366 3.35 41.82 56.35
N LYS A 367 3.30 43.14 56.18
CA LYS A 367 2.93 43.75 54.89
C LYS A 367 4.15 44.00 54.02
N GLU A 368 4.13 43.42 52.83
CA GLU A 368 5.23 43.50 51.90
C GLU A 368 4.90 44.51 50.79
N PRO A 369 5.75 45.55 50.62
CA PRO A 369 5.53 46.53 49.57
C PRO A 369 5.32 45.89 48.19
N GLY A 370 4.30 46.34 47.47
CA GLY A 370 3.99 45.82 46.13
C GLY A 370 2.78 44.90 46.00
N VAL A 371 2.11 44.60 47.12
CA VAL A 371 0.88 43.80 47.12
C VAL A 371 -0.22 44.56 47.85
N ALA A 372 -1.45 44.50 47.34
CA ALA A 372 -2.57 45.28 47.89
C ALA A 372 -3.01 44.79 49.27
N ALA B 2 36.47 9.22 27.75
CA ALA B 2 37.68 9.29 26.85
C ALA B 2 37.86 10.72 26.34
N SER B 3 39.08 11.04 25.94
CA SER B 3 39.40 12.38 25.45
C SER B 3 38.70 12.65 24.13
N VAL B 4 38.41 13.92 23.86
CA VAL B 4 37.88 14.35 22.56
C VAL B 4 38.66 15.54 22.08
N GLN B 5 39.00 15.55 20.80
CA GLN B 5 39.83 16.62 20.25
C GLN B 5 39.45 16.94 18.80
N LEU B 6 39.28 18.23 18.52
CA LEU B 6 39.00 18.71 17.17
C LEU B 6 40.16 19.57 16.70
N GLN B 7 40.63 19.34 15.47
CA GLN B 7 41.66 20.16 14.85
C GLN B 7 41.17 20.75 13.54
N ASN B 8 41.16 22.09 13.47
CA ASN B 8 40.76 22.80 12.26
C ASN B 8 39.54 22.18 11.62
N VAL B 9 38.57 21.84 12.46
CA VAL B 9 37.37 21.13 12.03
C VAL B 9 36.40 22.12 11.41
N THR B 10 35.92 21.78 10.22
CA THR B 10 35.05 22.67 9.45
C THR B 10 33.79 21.93 8.99
N LYS B 11 32.70 22.67 8.84
CA LYS B 11 31.46 22.14 8.28
C LYS B 11 30.88 23.12 7.26
N ALA B 12 30.39 22.59 6.14
CA ALA B 12 29.73 23.41 5.13
C ALA B 12 28.59 22.65 4.46
N TRP B 13 27.41 23.26 4.45
CA TRP B 13 26.30 22.77 3.64
C TRP B 13 26.44 23.44 2.28
N GLY B 14 27.13 22.76 1.36
CA GLY B 14 27.48 23.36 0.08
C GLY B 14 28.48 24.47 0.29
N GLU B 15 28.04 25.71 0.07
CA GLU B 15 28.90 26.89 0.24
C GLU B 15 28.33 27.78 1.34
N VAL B 16 28.11 27.18 2.52
CA VAL B 16 27.58 27.90 3.69
C VAL B 16 28.25 27.33 4.95
N VAL B 17 29.30 28.00 5.41
CA VAL B 17 30.12 27.49 6.50
C VAL B 17 29.41 27.61 7.86
N VAL B 18 28.96 26.47 8.37
CA VAL B 18 28.22 26.39 9.64
C VAL B 18 29.16 26.21 10.83
N SER B 19 30.36 25.68 10.58
CA SER B 19 31.38 25.53 11.60
C SER B 19 32.72 25.91 10.96
N LYS B 20 33.36 26.95 11.46
CA LYS B 20 34.54 27.52 10.82
C LYS B 20 35.82 27.27 11.62
N ASP B 21 36.56 26.24 11.22
CA ASP B 21 37.90 25.99 11.74
C ASP B 21 37.92 25.92 13.27
N ILE B 22 37.41 24.82 13.82
CA ILE B 22 37.19 24.69 15.26
C ILE B 22 38.29 23.87 15.94
N ASN B 23 38.89 24.47 16.97
CA ASN B 23 39.91 23.80 17.78
C ASN B 23 39.52 23.67 19.23
N LEU B 24 39.32 22.42 19.66
CA LEU B 24 38.96 22.13 21.03
C LEU B 24 39.73 20.91 21.50
N ASP B 25 40.25 20.98 22.72
CA ASP B 25 41.00 19.87 23.31
C ASP B 25 40.35 19.49 24.63
N ILE B 26 39.35 18.61 24.56
CA ILE B 26 38.58 18.19 25.72
C ILE B 26 39.28 16.98 26.38
N HIS B 27 39.74 17.16 27.61
CA HIS B 27 40.50 16.11 28.30
C HIS B 27 39.58 15.04 28.88
N GLU B 28 40.16 13.87 29.15
CA GLU B 28 39.45 12.77 29.78
C GLU B 28 38.86 13.21 31.12
N GLY B 29 37.59 12.90 31.35
CA GLY B 29 36.91 13.22 32.60
C GLY B 29 36.44 14.65 32.75
N GLU B 30 36.54 15.44 31.68
CA GLU B 30 36.24 16.87 31.72
C GLU B 30 34.78 17.10 31.33
N PHE B 31 34.10 17.96 32.10
CA PHE B 31 32.75 18.36 31.82
C PHE B 31 32.79 19.67 31.03
N VAL B 32 32.57 19.60 29.73
CA VAL B 32 32.61 20.77 28.87
C VAL B 32 31.20 21.18 28.47
N VAL B 33 30.93 22.48 28.46
CA VAL B 33 29.61 23.00 28.14
C VAL B 33 29.72 23.89 26.90
N PHE B 34 28.89 23.62 25.89
CA PHE B 34 28.80 24.49 24.72
C PHE B 34 27.66 25.46 24.90
N VAL B 35 27.94 26.76 24.77
CA VAL B 35 26.89 27.76 24.74
C VAL B 35 27.04 28.62 23.49
N GLY B 36 25.98 29.35 23.18
CA GLY B 36 25.96 30.25 22.03
C GLY B 36 24.54 30.50 21.55
N PRO B 37 24.34 31.54 20.73
CA PRO B 37 23.00 31.91 20.30
C PRO B 37 22.29 30.77 19.57
N SER B 38 20.98 30.65 19.80
CA SER B 38 20.17 29.72 19.06
C SER B 38 20.47 29.88 17.57
N GLY B 39 21.24 28.95 17.04
CA GLY B 39 21.56 28.89 15.61
C GLY B 39 23.03 29.03 15.30
N CYS B 40 23.87 29.04 16.34
CA CYS B 40 25.31 29.30 16.19
C CYS B 40 26.12 28.10 15.73
N GLY B 41 25.61 26.89 16.01
CA GLY B 41 26.27 25.65 15.54
C GLY B 41 26.61 24.60 16.60
N LYS B 42 25.89 24.62 17.73
CA LYS B 42 26.19 23.75 18.87
C LYS B 42 25.85 22.28 18.58
N SER B 43 24.62 22.06 18.10
CA SER B 43 24.14 20.71 17.78
C SER B 43 24.91 20.13 16.62
N THR B 44 25.16 20.94 15.60
CA THR B 44 26.03 20.54 14.49
C THR B 44 27.36 20.01 15.01
N LEU B 45 27.96 20.73 15.96
CA LEU B 45 29.20 20.28 16.59
C LEU B 45 29.02 18.93 17.28
N LEU B 46 28.03 18.86 18.14
CA LEU B 46 27.76 17.66 18.92
C LEU B 46 27.54 16.44 18.02
N ARG B 47 26.89 16.66 16.88
CA ARG B 47 26.58 15.60 15.94
C ARG B 47 27.80 15.20 15.14
N MET B 48 28.60 16.18 14.71
CA MET B 48 29.87 15.88 14.05
C MET B 48 30.77 15.04 14.94
N ILE B 49 30.79 15.31 16.24
CA ILE B 49 31.50 14.47 17.20
C ILE B 49 30.88 13.07 17.24
N ALA B 50 29.55 13.01 17.23
CA ALA B 50 28.82 11.74 17.37
C ALA B 50 28.93 10.86 16.14
N GLY B 51 29.09 11.48 14.98
CA GLY B 51 29.15 10.76 13.72
C GLY B 51 27.84 10.78 12.95
N LEU B 52 26.88 11.57 13.45
CA LEU B 52 25.59 11.73 12.80
C LEU B 52 25.67 12.78 11.71
N GLU B 53 26.85 13.38 11.51
CA GLU B 53 27.05 14.43 10.53
C GLU B 53 28.48 14.32 10.05
N THR B 54 28.70 14.47 8.76
CA THR B 54 30.07 14.40 8.21
C THR B 54 30.83 15.68 8.51
N ILE B 55 32.16 15.57 8.45
CA ILE B 55 33.04 16.69 8.66
C ILE B 55 33.61 17.09 7.30
N THR B 56 33.36 18.32 6.88
CA THR B 56 33.87 18.80 5.58
C THR B 56 35.38 18.64 5.49
N SER B 57 36.09 19.19 6.47
CA SER B 57 37.54 19.06 6.59
C SER B 57 37.96 19.19 8.04
N GLY B 58 39.22 18.87 8.33
CA GLY B 58 39.74 18.86 9.69
C GLY B 58 39.78 17.47 10.27
N ASP B 59 40.28 17.35 11.50
CA ASP B 59 40.49 16.06 12.13
C ASP B 59 39.78 15.99 13.48
N LEU B 60 39.00 14.93 13.71
CA LEU B 60 38.34 14.67 14.99
C LEU B 60 38.95 13.43 15.63
N PHE B 61 39.36 13.54 16.88
CA PHE B 61 39.98 12.43 17.60
C PHE B 61 39.21 12.10 18.87
N ILE B 62 38.99 10.82 19.13
CA ILE B 62 38.38 10.37 20.38
C ILE B 62 39.22 9.25 20.98
N GLY B 63 39.65 9.43 22.22
CA GLY B 63 40.53 8.48 22.89
C GLY B 63 41.84 8.30 22.15
N GLU B 64 42.33 9.40 21.57
CA GLU B 64 43.51 9.41 20.70
C GLU B 64 43.37 8.44 19.53
N LYS B 65 42.24 8.56 18.83
CA LYS B 65 42.00 7.80 17.59
C LYS B 65 41.12 8.62 16.65
N ARG B 66 41.49 8.68 15.37
CA ARG B 66 40.78 9.47 14.37
C ARG B 66 39.42 8.84 14.06
N MET B 67 38.35 9.65 14.11
CA MET B 67 36.99 9.14 13.97
C MET B 67 36.22 9.67 12.76
N ASN B 68 36.76 10.64 12.03
CA ASN B 68 36.08 11.27 10.89
C ASN B 68 35.26 10.31 10.03
N ASP B 69 35.89 9.21 9.62
CA ASP B 69 35.28 8.22 8.72
C ASP B 69 34.73 6.99 9.45
N THR B 70 34.49 7.11 10.75
CA THR B 70 34.07 5.98 11.57
C THR B 70 32.56 6.02 11.80
N PRO B 71 31.88 4.86 11.77
CA PRO B 71 30.43 4.90 11.98
C PRO B 71 30.06 5.28 13.43
N PRO B 72 29.06 6.14 13.60
CA PRO B 72 28.70 6.65 14.93
C PRO B 72 28.58 5.58 16.01
N ALA B 73 28.05 4.41 15.64
CA ALA B 73 27.89 3.29 16.56
C ALA B 73 29.21 2.75 17.14
N GLU B 74 30.32 2.99 16.47
CA GLU B 74 31.61 2.46 16.92
C GLU B 74 32.51 3.54 17.51
N ARG B 75 31.92 4.64 17.98
CA ARG B 75 32.70 5.79 18.48
C ARG B 75 32.74 5.88 20.00
N GLY B 76 31.98 5.04 20.70
CA GLY B 76 31.95 5.04 22.15
C GLY B 76 31.23 6.24 22.76
N VAL B 77 30.24 6.76 22.04
CA VAL B 77 29.49 7.91 22.53
C VAL B 77 28.03 7.56 22.73
N GLY B 78 27.32 8.42 23.46
CA GLY B 78 25.87 8.35 23.59
C GLY B 78 25.36 9.77 23.51
N MET B 79 24.07 9.93 23.19
CA MET B 79 23.52 11.26 23.04
C MET B 79 22.09 11.40 23.53
N VAL B 80 21.85 12.48 24.26
CA VAL B 80 20.52 12.93 24.60
C VAL B 80 20.20 13.97 23.54
N PHE B 81 19.36 13.56 22.59
CA PHE B 81 18.97 14.38 21.45
C PHE B 81 18.17 15.61 21.85
N GLN B 82 18.38 16.71 21.12
CA GLN B 82 17.62 17.93 21.34
C GLN B 82 16.12 17.68 21.20
N SER B 83 15.74 16.89 20.19
CA SER B 83 14.35 16.53 19.95
C SER B 83 14.00 15.12 20.44
N TYR B 84 14.83 14.56 21.31
CA TYR B 84 14.56 13.30 22.04
C TYR B 84 14.73 12.04 21.18
N ALA B 85 14.03 12.02 20.05
CA ALA B 85 14.10 10.90 19.12
C ALA B 85 13.88 9.58 19.84
N LEU B 86 12.74 9.45 20.51
CA LEU B 86 12.39 8.23 21.20
C LEU B 86 11.83 7.19 20.25
N TYR B 87 11.92 5.94 20.69
CA TYR B 87 11.38 4.83 19.94
C TYR B 87 9.88 4.73 20.25
N PRO B 88 9.02 5.03 19.26
CA PRO B 88 7.58 5.10 19.52
C PRO B 88 6.96 3.75 19.78
N HIS B 89 7.52 2.69 19.22
CA HIS B 89 6.95 1.35 19.39
C HIS B 89 7.32 0.69 20.70
N LEU B 90 8.22 1.30 21.46
CA LEU B 90 8.72 0.73 22.70
C LEU B 90 8.31 1.56 23.90
N SER B 91 8.17 0.90 25.05
CA SER B 91 7.79 1.57 26.28
C SER B 91 8.95 2.40 26.81
N VAL B 92 8.71 3.07 27.93
CA VAL B 92 9.76 3.81 28.62
C VAL B 92 10.88 2.86 29.06
N ALA B 93 10.51 1.79 29.76
CA ALA B 93 11.48 0.76 30.18
C ALA B 93 12.31 0.24 29.00
N GLU B 94 11.63 -0.13 27.92
CA GLU B 94 12.30 -0.66 26.73
C GLU B 94 13.15 0.39 26.01
N ASN B 95 12.65 1.62 25.91
CA ASN B 95 13.48 2.74 25.42
C ASN B 95 14.77 2.88 26.23
N MET B 96 14.63 2.87 27.55
CA MET B 96 15.75 3.11 28.45
C MET B 96 16.75 1.96 28.43
N SER B 97 16.24 0.74 28.23
CA SER B 97 17.08 -0.45 28.25
C SER B 97 17.66 -0.82 26.87
N PHE B 98 17.30 -0.05 25.85
CA PHE B 98 17.59 -0.43 24.46
C PHE B 98 19.09 -0.63 24.18
N GLY B 99 19.92 0.32 24.58
CA GLY B 99 21.37 0.24 24.35
C GLY B 99 22.07 -0.89 25.09
N LEU B 100 21.57 -1.20 26.28
CA LEU B 100 22.11 -2.27 27.11
C LEU B 100 21.77 -3.65 26.56
N LYS B 101 20.57 -3.80 26.00
CA LYS B 101 20.19 -5.07 25.37
C LYS B 101 21.09 -5.39 24.18
N LEU B 102 21.28 -4.41 23.31
CA LEU B 102 22.20 -4.55 22.17
C LEU B 102 23.59 -5.02 22.58
N ALA B 103 24.12 -4.44 23.66
CA ALA B 103 25.51 -4.69 24.07
C ALA B 103 25.73 -6.02 24.80
N GLY B 104 24.75 -6.47 25.58
CA GLY B 104 24.91 -7.68 26.39
C GLY B 104 23.83 -7.81 27.44
N ALA B 105 22.72 -8.41 27.05
CA ALA B 105 21.50 -8.44 27.87
C ALA B 105 21.63 -9.29 29.13
N LYS B 106 22.20 -8.71 30.18
CA LYS B 106 22.19 -9.33 31.50
C LYS B 106 20.90 -8.83 32.16
N LYS B 107 19.89 -9.70 32.25
CA LYS B 107 18.55 -9.24 32.62
C LYS B 107 18.49 -8.56 34.00
N GLU B 108 19.12 -9.18 35.00
CA GLU B 108 19.18 -8.60 36.35
C GLU B 108 19.81 -7.22 36.32
N VAL B 109 20.94 -7.10 35.63
CA VAL B 109 21.69 -5.85 35.55
C VAL B 109 20.91 -4.75 34.82
N ILE B 110 20.15 -5.14 33.80
CA ILE B 110 19.33 -4.20 33.06
C ILE B 110 18.22 -3.65 33.97
N ASN B 111 17.38 -4.54 34.49
CA ASN B 111 16.30 -4.13 35.41
C ASN B 111 16.81 -3.23 36.52
N GLN B 112 17.87 -3.67 37.20
CA GLN B 112 18.43 -2.94 38.32
C GLN B 112 18.79 -1.52 37.92
N ARG B 113 19.52 -1.36 36.82
CA ARG B 113 20.04 -0.04 36.42
C ARG B 113 18.92 0.85 35.81
N VAL B 114 17.96 0.22 35.16
CA VAL B 114 16.77 0.91 34.66
C VAL B 114 15.90 1.41 35.83
N ASN B 115 15.74 0.60 36.87
CA ASN B 115 14.98 1.03 38.04
C ASN B 115 15.68 2.17 38.77
N GLN B 116 17.00 2.05 38.93
CA GLN B 116 17.76 3.08 39.62
C GLN B 116 17.72 4.42 38.89
N VAL B 117 17.87 4.39 37.57
CA VAL B 117 17.90 5.63 36.77
C VAL B 117 16.50 6.23 36.64
N ALA B 118 15.49 5.36 36.57
CA ALA B 118 14.10 5.79 36.52
C ALA B 118 13.68 6.45 37.83
N GLU B 119 14.29 6.03 38.93
CA GLU B 119 14.01 6.60 40.24
C GLU B 119 14.48 8.05 40.29
N VAL B 120 15.76 8.28 40.03
CA VAL B 120 16.29 9.64 40.13
C VAL B 120 15.60 10.57 39.14
N LEU B 121 15.23 10.05 37.97
CA LEU B 121 14.52 10.85 36.96
C LEU B 121 13.03 11.02 37.25
N GLN B 122 12.55 10.37 38.30
CA GLN B 122 11.14 10.39 38.70
C GLN B 122 10.24 9.89 37.56
N LEU B 123 10.68 8.80 36.94
CA LEU B 123 9.98 8.16 35.83
C LEU B 123 9.47 6.77 36.21
N ALA B 124 9.63 6.38 37.47
CA ALA B 124 9.39 4.98 37.89
C ALA B 124 7.95 4.51 37.72
N HIS B 125 7.01 5.45 37.81
CA HIS B 125 5.58 5.19 37.63
C HIS B 125 5.15 5.21 36.16
N LEU B 126 6.08 5.46 35.25
CA LEU B 126 5.78 5.61 33.82
C LEU B 126 6.45 4.54 32.95
N LEU B 127 6.99 3.49 33.58
CA LEU B 127 7.82 2.49 32.89
C LEU B 127 7.11 1.76 31.73
N ASP B 128 5.81 1.52 31.88
CA ASP B 128 5.05 0.81 30.85
C ASP B 128 4.24 1.71 29.91
N ARG B 129 4.48 3.02 29.94
CA ARG B 129 3.84 3.95 28.99
C ARG B 129 4.61 3.93 27.68
N LYS B 130 3.91 4.22 26.59
CA LYS B 130 4.54 4.57 25.33
C LYS B 130 4.77 6.09 25.33
N PRO B 131 5.78 6.55 24.59
CA PRO B 131 6.08 7.97 24.44
C PRO B 131 4.88 8.86 24.17
N LYS B 132 3.93 8.39 23.38
CA LYS B 132 2.75 9.20 23.08
C LYS B 132 1.90 9.48 24.30
N ALA B 133 1.93 8.57 25.28
CA ALA B 133 1.15 8.73 26.52
C ALA B 133 1.98 9.35 27.64
N LEU B 134 2.75 10.37 27.29
CA LEU B 134 3.70 11.02 28.18
C LEU B 134 3.67 12.51 27.97
N SER B 135 4.11 13.27 28.97
CA SER B 135 4.24 14.72 28.83
C SER B 135 5.53 15.08 28.07
N GLY B 136 5.68 16.33 27.68
CA GLY B 136 6.91 16.79 27.01
C GLY B 136 8.16 16.56 27.84
N GLY B 137 8.13 16.96 29.12
CA GLY B 137 9.28 16.84 30.00
C GLY B 137 9.54 15.42 30.46
N GLN B 138 8.52 14.58 30.46
CA GLN B 138 8.70 13.17 30.71
C GLN B 138 9.44 12.52 29.55
N ARG B 139 9.05 12.83 28.32
CA ARG B 139 9.77 12.32 27.14
C ARG B 139 11.24 12.72 27.18
N GLN B 140 11.49 14.01 27.38
CA GLN B 140 12.85 14.50 27.55
C GLN B 140 13.64 13.66 28.56
N ARG B 141 13.02 13.33 29.69
CA ARG B 141 13.69 12.55 30.73
C ARG B 141 13.92 11.10 30.29
N VAL B 142 13.01 10.58 29.47
CA VAL B 142 13.18 9.25 28.92
C VAL B 142 14.42 9.23 28.01
N ALA B 143 14.64 10.33 27.28
CA ALA B 143 15.84 10.48 26.45
C ALA B 143 17.12 10.54 27.28
N ILE B 144 17.06 11.24 28.41
CA ILE B 144 18.16 11.28 29.37
C ILE B 144 18.41 9.88 29.92
N GLY B 145 17.36 9.24 30.44
CA GLY B 145 17.50 7.91 31.02
C GLY B 145 18.13 6.90 30.08
N ARG B 146 17.78 6.99 28.81
CA ARG B 146 18.26 6.02 27.82
C ARG B 146 19.79 6.11 27.61
N THR B 147 20.32 7.33 27.63
CA THR B 147 21.77 7.54 27.52
C THR B 147 22.48 7.16 28.82
N LEU B 148 21.90 7.54 29.96
CA LEU B 148 22.52 7.29 31.28
C LEU B 148 22.61 5.80 31.61
N VAL B 149 21.59 5.04 31.21
CA VAL B 149 21.60 3.59 31.43
C VAL B 149 22.75 2.91 30.66
N ALA B 150 23.04 3.41 29.46
CA ALA B 150 24.07 2.82 28.61
C ALA B 150 25.50 3.05 29.13
N GLU B 151 25.71 4.17 29.81
CA GLU B 151 27.03 4.56 30.34
C GLU B 151 28.15 4.51 29.30
N PRO B 152 28.04 5.32 28.24
CA PRO B 152 29.09 5.38 27.22
C PRO B 152 30.36 6.05 27.73
N SER B 153 31.45 5.89 26.99
CA SER B 153 32.71 6.50 27.39
C SER B 153 32.66 8.02 27.28
N VAL B 154 31.78 8.52 26.42
CA VAL B 154 31.57 9.95 26.23
C VAL B 154 30.08 10.26 26.21
N PHE B 155 29.63 11.13 27.10
CA PHE B 155 28.24 11.59 27.13
C PHE B 155 28.09 12.88 26.33
N LEU B 156 27.10 12.90 25.42
CA LEU B 156 26.73 14.11 24.70
C LEU B 156 25.29 14.45 25.06
N LEU B 157 25.06 15.67 25.55
CA LEU B 157 23.70 16.11 25.91
C LEU B 157 23.36 17.43 25.22
N ASP B 158 22.23 17.45 24.51
CA ASP B 158 21.82 18.61 23.75
C ASP B 158 20.57 19.22 24.40
N GLU B 159 20.74 20.34 25.09
CA GLU B 159 19.65 21.05 25.80
C GLU B 159 18.73 20.10 26.57
N PRO B 160 19.31 19.28 27.47
CA PRO B 160 18.59 18.13 28.06
C PRO B 160 17.61 18.42 29.18
N LEU B 161 17.57 19.64 29.71
CA LEU B 161 16.66 19.98 30.82
C LEU B 161 15.68 21.10 30.45
N SER B 162 15.67 21.48 29.17
CA SER B 162 14.95 22.65 28.69
C SER B 162 13.45 22.67 28.99
N ASN B 163 12.84 21.49 29.11
CA ASN B 163 11.41 21.41 29.32
C ASN B 163 11.06 20.79 30.69
N LEU B 164 11.89 21.09 31.70
CA LEU B 164 11.62 20.67 33.08
C LEU B 164 11.40 21.86 33.98
N ASP B 165 10.60 21.67 35.02
CA ASP B 165 10.31 22.73 35.98
C ASP B 165 11.55 23.10 36.79
N ALA B 166 11.65 24.38 37.13
CA ALA B 166 12.82 24.93 37.80
C ALA B 166 13.34 24.05 38.94
N ALA B 167 12.40 23.49 39.72
CA ALA B 167 12.71 22.65 40.88
C ALA B 167 13.26 21.28 40.49
N LEU B 168 12.62 20.62 39.53
CA LEU B 168 13.11 19.33 39.03
C LEU B 168 14.46 19.52 38.35
N ARG B 169 14.60 20.64 37.65
CA ARG B 169 15.82 20.99 36.93
C ARG B 169 17.04 21.01 37.87
N VAL B 170 16.88 21.60 39.05
CA VAL B 170 17.93 21.60 40.08
C VAL B 170 18.32 20.17 40.42
N GLN B 171 17.34 19.31 40.67
CA GLN B 171 17.62 17.92 41.01
C GLN B 171 18.35 17.15 39.89
N MET B 172 18.09 17.50 38.63
CA MET B 172 18.77 16.88 37.50
C MET B 172 20.20 17.44 37.34
N ARG B 173 20.37 18.76 37.49
CA ARG B 173 21.71 19.37 37.54
C ARG B 173 22.58 18.57 38.48
N ILE B 174 22.09 18.37 39.69
CA ILE B 174 22.86 17.74 40.74
C ILE B 174 23.19 16.28 40.38
N GLU B 175 22.23 15.56 39.82
CA GLU B 175 22.44 14.14 39.47
C GLU B 175 23.43 13.94 38.32
N ILE B 176 23.36 14.82 37.33
CA ILE B 176 24.33 14.82 36.23
C ILE B 176 25.72 15.17 36.77
N SER B 177 25.78 16.01 37.81
CA SER B 177 27.04 16.28 38.51
C SER B 177 27.53 15.09 39.34
N ARG B 178 26.64 14.46 40.09
CA ARG B 178 26.99 13.26 40.86
C ARG B 178 27.54 12.17 39.95
N LEU B 179 26.90 11.97 38.79
CA LEU B 179 27.27 10.92 37.86
C LEU B 179 28.64 11.20 37.23
N HIS B 180 28.91 12.45 36.94
CA HIS B 180 30.18 12.85 36.34
C HIS B 180 31.36 12.59 37.27
N LYS B 181 31.17 12.83 38.56
CA LYS B 181 32.25 12.65 39.54
C LYS B 181 32.47 11.17 39.90
N ARG B 182 31.44 10.35 39.77
CA ARG B 182 31.57 8.91 40.02
C ARG B 182 32.25 8.21 38.84
N LEU B 183 31.73 8.45 37.63
CA LEU B 183 32.27 7.79 36.44
C LEU B 183 33.57 8.40 35.96
N GLY B 184 33.70 9.72 36.09
CA GLY B 184 34.88 10.44 35.60
C GLY B 184 35.06 10.33 34.10
N ARG B 185 33.96 10.41 33.36
CA ARG B 185 33.98 10.31 31.89
C ARG B 185 33.74 11.68 31.29
N THR B 186 34.23 11.87 30.08
CA THR B 186 34.04 13.12 29.37
C THR B 186 32.55 13.34 29.13
N MET B 187 32.07 14.54 29.46
CA MET B 187 30.71 14.94 29.19
C MET B 187 30.73 16.24 28.40
N ILE B 188 30.01 16.27 27.27
CA ILE B 188 29.84 17.49 26.49
C ILE B 188 28.36 17.84 26.45
N TYR B 189 28.04 19.05 26.91
CA TYR B 189 26.70 19.41 27.38
C TYR B 189 26.32 20.76 26.78
N VAL B 190 25.25 20.78 26.00
CA VAL B 190 24.80 22.02 25.37
C VAL B 190 23.64 22.56 26.18
N THR B 191 23.66 23.88 26.41
CA THR B 191 22.59 24.51 27.18
C THR B 191 22.48 26.02 26.93
N HIS B 192 21.25 26.52 27.09
CA HIS B 192 20.97 27.94 27.09
C HIS B 192 20.80 28.48 28.52
N ASP B 193 20.75 27.57 29.49
CA ASP B 193 20.62 27.96 30.90
C ASP B 193 21.98 28.38 31.47
N GLN B 194 22.09 29.63 31.90
CA GLN B 194 23.38 30.17 32.40
C GLN B 194 23.81 29.52 33.71
N VAL B 195 22.85 29.18 34.56
CA VAL B 195 23.15 28.52 35.84
C VAL B 195 23.77 27.15 35.61
N GLU B 196 23.17 26.37 34.70
CA GLU B 196 23.72 25.07 34.33
C GLU B 196 25.14 25.18 33.81
N ALA B 197 25.37 26.16 32.93
CA ALA B 197 26.69 26.37 32.39
C ALA B 197 27.68 26.74 33.49
N MET B 198 27.27 27.65 34.37
CA MET B 198 28.16 28.13 35.43
C MET B 198 28.46 27.05 36.46
N THR B 199 27.49 26.18 36.77
CA THR B 199 27.65 25.21 37.86
C THR B 199 28.19 23.85 37.44
N LEU B 200 27.92 23.44 36.20
CA LEU B 200 28.32 22.11 35.73
C LEU B 200 29.71 22.09 35.12
N ALA B 201 30.02 23.14 34.37
CA ALA B 201 31.22 23.19 33.53
C ALA B 201 32.54 23.23 34.30
N ASP B 202 33.45 22.36 33.90
CA ASP B 202 34.88 22.57 34.12
C ASP B 202 35.33 23.71 33.21
N LYS B 203 34.76 23.71 31.99
CA LYS B 203 35.18 24.60 30.92
C LYS B 203 33.95 24.95 30.08
N ILE B 204 33.86 26.20 29.64
CA ILE B 204 32.75 26.69 28.83
C ILE B 204 33.26 27.17 27.47
N VAL B 205 32.60 26.70 26.41
CA VAL B 205 32.94 27.10 25.06
C VAL B 205 31.83 27.99 24.52
N VAL B 206 32.13 29.26 24.31
CA VAL B 206 31.18 30.19 23.73
C VAL B 206 31.34 30.18 22.21
N LEU B 207 30.31 29.70 21.52
CA LEU B 207 30.27 29.64 20.06
C LEU B 207 29.47 30.82 19.50
N ASP B 208 29.87 31.28 18.32
CA ASP B 208 29.21 32.40 17.66
C ASP B 208 29.30 32.24 16.14
N ALA B 209 28.16 31.96 15.50
CA ALA B 209 28.11 31.79 14.05
C ALA B 209 29.27 30.93 13.54
N GLY B 210 29.38 29.73 14.08
CA GLY B 210 30.38 28.75 13.63
C GLY B 210 31.73 28.79 14.33
N ARG B 211 32.20 29.99 14.68
CA ARG B 211 33.52 30.14 15.30
C ARG B 211 33.47 29.96 16.81
N VAL B 212 34.62 29.64 17.38
CA VAL B 212 34.78 29.63 18.83
C VAL B 212 35.16 31.04 19.26
N ALA B 213 34.23 31.72 19.93
CA ALA B 213 34.45 33.07 20.41
C ALA B 213 35.47 33.06 21.54
N GLN B 214 35.32 32.11 22.46
CA GLN B 214 36.18 32.00 23.63
C GLN B 214 35.93 30.69 24.38
N VAL B 215 36.99 30.22 25.02
CA VAL B 215 36.99 29.01 25.84
C VAL B 215 37.63 29.34 27.17
N GLY B 216 36.99 28.95 28.26
CA GLY B 216 37.54 29.22 29.58
C GLY B 216 36.68 28.70 30.72
N LYS B 217 37.17 28.91 31.94
CA LYS B 217 36.39 28.58 33.13
C LYS B 217 35.21 29.55 33.24
N PRO B 218 34.17 29.15 33.97
CA PRO B 218 32.99 30.02 34.14
C PRO B 218 33.33 31.47 34.53
N LEU B 219 33.99 31.65 35.67
CA LEU B 219 34.24 32.99 36.22
C LEU B 219 35.20 33.80 35.35
N GLU B 220 36.11 33.10 34.67
CA GLU B 220 37.01 33.72 33.69
C GLU B 220 36.21 34.43 32.59
N LEU B 221 35.22 33.74 32.03
CA LEU B 221 34.36 34.30 30.98
C LEU B 221 33.48 35.42 31.50
N TYR B 222 33.07 35.31 32.76
CA TYR B 222 32.23 36.33 33.40
C TYR B 222 33.02 37.61 33.65
N HIS B 223 34.12 37.50 34.39
CA HIS B 223 34.94 38.66 34.75
C HIS B 223 35.73 39.22 33.57
N TYR B 224 36.23 38.36 32.70
CA TYR B 224 37.17 38.76 31.66
C TYR B 224 36.80 38.22 30.27
N PRO B 225 35.67 38.70 29.72
CA PRO B 225 35.32 38.35 28.35
C PRO B 225 36.29 38.97 27.35
N ALA B 226 36.65 38.19 26.32
CA ALA B 226 37.65 38.62 25.34
C ALA B 226 37.09 39.65 24.36
N ASP B 227 35.78 39.59 24.09
CA ASP B 227 35.13 40.49 23.14
C ASP B 227 33.71 40.90 23.54
N ARG B 228 33.18 41.87 22.79
CA ARG B 228 31.86 42.43 23.00
C ARG B 228 30.80 41.33 22.95
N PHE B 229 30.94 40.41 22.00
CA PHE B 229 29.98 39.32 21.85
C PHE B 229 29.91 38.44 23.10
N VAL B 230 31.06 37.97 23.58
CA VAL B 230 31.10 37.12 24.77
C VAL B 230 30.57 37.89 25.97
N ALA B 231 31.01 39.15 26.09
CA ALA B 231 30.55 40.05 27.14
C ALA B 231 29.03 40.15 27.20
N GLY B 232 28.41 40.29 26.01
CA GLY B 232 26.97 40.41 25.89
C GLY B 232 26.22 39.09 25.93
N PHE B 233 26.94 37.97 25.89
CA PHE B 233 26.30 36.67 25.90
C PHE B 233 26.35 36.00 27.28
N ILE B 234 27.51 36.00 27.92
CA ILE B 234 27.63 35.44 29.27
C ILE B 234 27.16 36.48 30.27
N GLY B 235 26.18 36.10 31.09
CA GLY B 235 25.51 37.02 32.00
C GLY B 235 24.13 37.38 31.48
N SER B 236 23.10 37.25 32.31
CA SER B 236 21.74 37.58 31.90
C SER B 236 20.92 38.04 33.09
N PRO B 237 20.30 39.24 33.00
CA PRO B 237 20.31 40.23 31.91
C PRO B 237 21.71 40.60 31.42
N LYS B 238 21.80 40.89 30.12
CA LYS B 238 23.09 41.10 29.47
C LYS B 238 23.80 42.36 29.96
N MET B 239 25.10 42.41 29.70
CA MET B 239 25.91 43.58 30.00
C MET B 239 25.42 44.79 29.21
N ASN B 240 25.28 45.93 29.88
CA ASN B 240 24.94 47.20 29.22
C ASN B 240 26.11 47.70 28.38
N PHE B 241 25.81 48.46 27.33
CA PHE B 241 26.84 48.98 26.45
C PHE B 241 26.59 50.46 26.10
N LEU B 242 27.57 51.31 26.42
CA LEU B 242 27.52 52.75 26.09
C LEU B 242 28.74 53.15 25.27
N PRO B 243 28.55 53.93 24.19
CA PRO B 243 29.69 54.37 23.39
C PRO B 243 30.49 55.45 24.11
N VAL B 244 31.82 55.41 23.96
CA VAL B 244 32.68 56.43 24.55
C VAL B 244 33.80 56.83 23.58
N LYS B 245 34.55 57.85 23.97
CA LYS B 245 35.71 58.32 23.19
C LYS B 245 36.97 58.32 24.06
N VAL B 246 38.09 57.88 23.50
CA VAL B 246 39.36 57.87 24.23
C VAL B 246 39.92 59.30 24.26
N THR B 247 40.10 59.82 25.48
CA THR B 247 40.49 61.21 25.69
C THR B 247 42.00 61.32 25.93
N ALA B 248 42.48 60.61 26.95
CA ALA B 248 43.90 60.48 27.23
C ALA B 248 44.21 59.04 27.64
N THR B 249 45.46 58.63 27.48
CA THR B 249 45.88 57.27 27.82
C THR B 249 47.13 57.28 28.71
N ALA B 250 47.13 56.41 29.72
CA ALA B 250 48.28 56.23 30.60
C ALA B 250 48.90 54.86 30.34
N ILE B 251 50.04 54.60 31.00
CA ILE B 251 50.85 53.42 30.71
C ILE B 251 50.08 52.11 30.92
N ASP B 252 49.15 52.09 31.86
CA ASP B 252 48.39 50.86 32.14
C ASP B 252 46.92 51.10 32.55
N GLN B 253 46.33 52.18 32.04
CA GLN B 253 44.89 52.43 32.20
C GLN B 253 44.38 53.49 31.22
N VAL B 254 43.20 53.24 30.66
CA VAL B 254 42.64 54.08 29.61
C VAL B 254 41.59 55.04 30.17
N GLN B 255 41.68 56.31 29.76
CA GLN B 255 40.68 57.31 30.12
C GLN B 255 39.74 57.56 28.94
N VAL B 256 38.46 57.73 29.25
CA VAL B 256 37.43 57.92 28.23
C VAL B 256 36.40 58.96 28.69
N GLU B 257 35.49 59.31 27.76
CA GLU B 257 34.45 60.29 28.04
C GLU B 257 33.06 59.71 27.76
N LEU B 258 32.14 59.92 28.70
CA LEU B 258 30.74 59.52 28.52
C LEU B 258 30.05 60.50 27.57
N PRO B 259 29.07 60.01 26.78
CA PRO B 259 28.45 60.83 25.74
C PRO B 259 27.34 61.77 26.22
N MET B 260 26.86 61.57 27.44
CA MET B 260 25.76 62.38 27.99
C MET B 260 26.21 63.82 28.24
N PRO B 261 25.24 64.78 28.26
CA PRO B 261 25.53 66.23 28.22
C PRO B 261 26.57 66.79 29.18
N ASN B 262 26.76 66.18 30.35
CA ASN B 262 27.75 66.67 31.31
C ASN B 262 29.21 66.41 30.88
N ARG B 263 29.41 65.39 30.04
CA ARG B 263 30.72 65.04 29.47
C ARG B 263 31.77 64.71 30.54
N GLN B 264 31.41 63.81 31.45
CA GLN B 264 32.29 63.40 32.55
C GLN B 264 33.37 62.44 32.06
N GLN B 265 34.56 62.54 32.64
CA GLN B 265 35.73 61.79 32.21
C GLN B 265 36.28 60.91 33.34
N VAL B 266 36.42 59.61 33.07
CA VAL B 266 36.80 58.63 34.08
C VAL B 266 37.95 57.74 33.60
N TRP B 267 38.79 57.28 34.54
CA TRP B 267 39.93 56.43 34.24
C TRP B 267 39.60 54.95 34.46
N LEU B 268 39.72 54.16 33.39
CA LEU B 268 39.40 52.74 33.43
C LEU B 268 40.68 51.89 33.52
N PRO B 269 40.81 51.05 34.56
CA PRO B 269 41.99 50.18 34.69
C PRO B 269 42.02 49.00 33.71
N VAL B 270 42.33 49.29 32.46
CA VAL B 270 42.42 48.29 31.39
C VAL B 270 43.72 48.49 30.60
N GLU B 271 44.10 47.49 29.80
CA GLU B 271 45.34 47.57 29.02
C GLU B 271 45.31 48.71 28.02
N SER B 272 46.41 49.48 27.97
CA SER B 272 46.55 50.60 27.04
C SER B 272 47.13 50.17 25.71
N ARG B 273 47.94 49.10 25.74
CA ARG B 273 48.61 48.58 24.56
C ARG B 273 47.74 48.72 23.30
N ASP B 274 48.19 49.58 22.38
CA ASP B 274 47.50 49.84 21.11
C ASP B 274 46.06 50.33 21.31
N VAL B 275 45.95 51.57 21.79
CA VAL B 275 44.69 52.29 21.91
C VAL B 275 44.97 53.77 21.70
N GLN B 276 44.39 54.34 20.65
CA GLN B 276 44.68 55.73 20.26
C GLN B 276 43.63 56.71 20.78
N VAL B 277 44.02 57.99 20.81
CA VAL B 277 43.12 59.07 21.23
C VAL B 277 42.06 59.30 20.15
N GLY B 278 40.82 59.53 20.57
CA GLY B 278 39.74 59.84 19.65
C GLY B 278 39.07 58.63 19.00
N ALA B 279 39.45 57.42 19.41
CA ALA B 279 38.84 56.20 18.89
C ALA B 279 37.52 55.95 19.61
N ASN B 280 36.50 55.52 18.86
CA ASN B 280 35.19 55.25 19.44
C ASN B 280 35.15 53.86 20.08
N MET B 281 35.18 53.81 21.40
CA MET B 281 35.13 52.56 22.15
C MET B 281 33.70 52.29 22.62
N SER B 282 33.43 51.05 22.98
CA SER B 282 32.18 50.70 23.66
C SER B 282 32.53 50.33 25.09
N LEU B 283 31.91 51.03 26.05
CA LEU B 283 32.13 50.78 27.47
C LEU B 283 31.03 49.86 27.98
N GLY B 284 31.41 48.83 28.72
CA GLY B 284 30.46 47.81 29.19
C GLY B 284 30.38 47.72 30.70
N ILE B 285 29.15 47.67 31.21
CA ILE B 285 28.91 47.51 32.65
C ILE B 285 27.71 46.61 32.91
N ARG B 286 27.89 45.60 33.75
CA ARG B 286 26.80 44.67 34.04
C ARG B 286 25.76 45.34 34.94
N PRO B 287 24.48 44.96 34.78
CA PRO B 287 23.42 45.46 35.66
C PRO B 287 23.65 45.18 37.16
N GLU B 288 24.33 44.07 37.48
CA GLU B 288 24.67 43.71 38.85
C GLU B 288 25.75 44.60 39.46
N HIS B 289 26.54 45.23 38.60
CA HIS B 289 27.74 45.95 39.02
C HIS B 289 27.52 47.45 39.18
N LEU B 290 26.48 47.97 38.54
CA LEU B 290 26.03 49.34 38.79
C LEU B 290 25.67 49.49 40.26
N LEU B 291 26.02 50.64 40.84
CA LEU B 291 25.82 50.90 42.26
C LEU B 291 24.64 51.84 42.49
N PRO B 292 24.16 51.92 43.74
CA PRO B 292 23.30 53.03 44.15
C PRO B 292 24.02 54.37 43.93
N SER B 293 23.27 55.39 43.51
CA SER B 293 23.88 56.69 43.16
C SER B 293 24.62 57.33 44.33
N ASP B 294 23.96 57.40 45.48
CA ASP B 294 24.51 58.06 46.68
C ASP B 294 25.92 57.66 47.09
N ILE B 295 26.32 56.42 46.75
CA ILE B 295 27.64 55.90 47.13
C ILE B 295 28.74 56.37 46.16
N ALA B 296 28.62 56.00 44.89
CA ALA B 296 29.72 56.12 43.91
C ALA B 296 30.03 57.55 43.47
N ASP B 297 31.11 57.69 42.72
CA ASP B 297 31.58 58.97 42.21
C ASP B 297 30.87 59.35 40.91
N VAL B 298 30.93 58.43 39.94
CA VAL B 298 30.38 58.69 38.60
C VAL B 298 28.89 58.34 38.56
N ILE B 299 28.07 59.36 38.33
CA ILE B 299 26.61 59.22 38.35
C ILE B 299 25.99 59.41 36.97
N LEU B 300 25.12 58.48 36.58
CA LEU B 300 24.32 58.59 35.37
C LEU B 300 22.86 58.64 35.79
N GLU B 301 22.15 59.68 35.38
CA GLU B 301 20.75 59.89 35.74
C GLU B 301 19.89 59.80 34.51
N GLY B 302 18.63 59.40 34.68
CA GLY B 302 17.73 59.25 33.55
C GLY B 302 16.31 58.91 33.96
N GLU B 303 15.48 58.60 32.97
CA GLU B 303 14.06 58.32 33.18
C GLU B 303 13.80 56.82 33.15
N VAL B 304 12.98 56.33 34.08
CA VAL B 304 12.63 54.91 34.15
C VAL B 304 11.62 54.55 33.05
N GLN B 305 11.89 53.47 32.33
CA GLN B 305 11.04 53.03 31.21
C GLN B 305 10.31 51.71 31.51
N VAL B 306 11.02 50.75 32.09
CA VAL B 306 10.45 49.46 32.44
C VAL B 306 10.87 49.04 33.84
N VAL B 307 9.92 48.55 34.62
CA VAL B 307 10.22 47.99 35.93
C VAL B 307 9.70 46.56 35.97
N GLU B 308 10.59 45.62 36.25
CA GLU B 308 10.22 44.21 36.35
C GLU B 308 10.44 43.68 37.77
N GLN B 309 9.34 43.28 38.40
CA GLN B 309 9.34 42.80 39.79
C GLN B 309 9.44 41.28 39.84
N LEU B 310 10.64 40.76 40.11
CA LEU B 310 10.86 39.30 40.16
C LEU B 310 10.67 38.69 41.55
N GLY B 311 10.38 39.51 42.55
CA GLY B 311 10.18 39.03 43.92
C GLY B 311 11.46 39.11 44.73
N ASN B 312 12.46 38.33 44.32
CA ASN B 312 13.77 38.39 44.97
C ASN B 312 14.51 39.67 44.67
N GLU B 313 14.20 40.27 43.53
CA GLU B 313 14.88 41.49 43.09
C GLU B 313 13.98 42.30 42.18
N THR B 314 14.43 43.50 41.85
CA THR B 314 13.72 44.39 40.94
C THR B 314 14.71 44.83 39.87
N GLN B 315 14.29 44.71 38.61
CA GLN B 315 15.14 45.09 37.48
C GLN B 315 14.58 46.34 36.81
N ILE B 316 15.43 47.35 36.66
CA ILE B 316 15.00 48.71 36.33
C ILE B 316 15.71 49.21 35.07
N HIS B 317 14.93 49.45 34.02
CA HIS B 317 15.45 49.98 32.75
C HIS B 317 15.40 51.51 32.79
N ILE B 318 16.53 52.15 32.50
CA ILE B 318 16.65 53.62 32.61
C ILE B 318 17.09 54.23 31.28
N GLN B 319 16.31 55.16 30.76
CA GLN B 319 16.72 55.92 29.58
C GLN B 319 17.50 57.16 30.02
N ILE B 320 18.79 57.16 29.71
CA ILE B 320 19.67 58.29 30.01
C ILE B 320 19.76 59.18 28.76
N PRO B 321 19.66 60.51 28.95
CA PRO B 321 19.83 61.46 27.85
C PRO B 321 21.09 61.23 27.00
N SER B 322 20.94 61.31 25.68
CA SER B 322 22.05 61.20 24.73
C SER B 322 22.51 59.75 24.49
N ILE B 323 22.19 58.86 25.42
CA ILE B 323 22.33 57.42 25.21
C ILE B 323 21.04 56.95 24.53
N ARG B 324 21.13 55.90 23.73
CA ARG B 324 19.98 55.40 22.96
C ARG B 324 19.49 54.06 23.49
N GLN B 325 20.42 53.19 23.91
CA GLN B 325 20.05 51.94 24.57
C GLN B 325 19.78 52.20 26.06
N ASN B 326 18.66 51.67 26.55
CA ASN B 326 18.35 51.76 27.98
C ASN B 326 19.41 51.06 28.84
N LEU B 327 19.61 51.57 30.04
CA LEU B 327 20.54 50.98 31.00
C LEU B 327 19.75 50.10 31.96
N VAL B 328 20.08 48.81 31.97
CA VAL B 328 19.41 47.86 32.84
C VAL B 328 20.19 47.77 34.16
N TYR B 329 19.45 47.87 35.26
CA TYR B 329 20.01 47.86 36.60
C TYR B 329 19.25 46.86 37.46
N ARG B 330 19.98 46.08 38.24
CA ARG B 330 19.38 45.11 39.15
C ARG B 330 19.61 45.55 40.58
N GLN B 331 18.59 45.40 41.41
CA GLN B 331 18.69 45.71 42.83
C GLN B 331 17.92 44.66 43.62
N ASN B 332 18.47 44.28 44.77
CA ASN B 332 17.89 43.24 45.61
C ASN B 332 16.54 43.67 46.19
N ASP B 333 15.66 42.70 46.39
CA ASP B 333 14.37 42.90 47.06
C ASP B 333 13.39 43.65 46.16
N VAL B 334 12.17 43.87 46.67
CA VAL B 334 11.14 44.57 45.93
C VAL B 334 11.36 46.08 46.08
N VAL B 335 11.55 46.75 44.93
CA VAL B 335 11.76 48.20 44.90
C VAL B 335 10.53 48.89 44.32
N LEU B 336 9.87 49.71 45.13
CA LEU B 336 8.74 50.50 44.67
C LEU B 336 9.23 51.66 43.81
N VAL B 337 9.29 51.42 42.51
CA VAL B 337 9.61 52.43 41.51
C VAL B 337 8.74 52.16 40.28
N GLU B 338 8.40 53.22 39.55
CA GLU B 338 7.48 53.10 38.43
C GLU B 338 7.90 53.88 37.17
N GLU B 339 7.33 53.46 36.05
CA GLU B 339 7.58 54.07 34.74
C GLU B 339 7.40 55.58 34.83
N GLY B 340 8.38 56.34 34.34
CA GLY B 340 8.31 57.81 34.34
C GLY B 340 9.21 58.46 35.38
N ALA B 341 9.47 57.76 36.48
CA ALA B 341 10.28 58.29 37.59
C ALA B 341 11.71 58.60 37.17
N THR B 342 12.36 59.46 37.93
CA THR B 342 13.77 59.79 37.72
C THR B 342 14.65 58.90 38.61
N PHE B 343 15.67 58.31 38.01
CA PHE B 343 16.51 57.33 38.68
C PHE B 343 17.95 57.49 38.22
N ALA B 344 18.87 57.57 39.18
CA ALA B 344 20.30 57.66 38.90
C ALA B 344 21.03 56.48 39.51
N ILE B 345 22.19 56.14 38.95
CA ILE B 345 23.00 55.02 39.43
C ILE B 345 24.50 55.33 39.38
N GLY B 346 25.27 54.57 40.16
CA GLY B 346 26.72 54.73 40.21
C GLY B 346 27.42 53.80 39.24
N LEU B 347 28.43 54.33 38.55
CA LEU B 347 29.21 53.58 37.56
C LEU B 347 30.62 53.33 38.10
N PRO B 348 30.86 52.15 38.71
CA PRO B 348 32.18 51.88 39.29
C PRO B 348 33.25 51.68 38.21
N PRO B 349 34.30 52.53 38.22
CA PRO B 349 35.36 52.46 37.20
C PRO B 349 36.01 51.08 37.02
N GLU B 350 36.32 50.40 38.12
CA GLU B 350 37.10 49.17 38.08
C GLU B 350 36.37 47.98 37.43
N ARG B 351 35.04 48.01 37.40
CA ARG B 351 34.27 46.93 36.78
C ARG B 351 33.78 47.25 35.36
N CYS B 352 34.06 48.46 34.88
CA CYS B 352 33.75 48.81 33.50
C CYS B 352 34.65 48.07 32.52
N HIS B 353 34.05 47.42 31.54
CA HIS B 353 34.79 46.80 30.44
C HIS B 353 34.91 47.81 29.32
N LEU B 354 35.88 47.62 28.44
CA LEU B 354 36.07 48.52 27.29
C LEU B 354 36.46 47.72 26.05
N PHE B 355 35.76 47.98 24.95
CA PHE B 355 35.93 47.20 23.72
C PHE B 355 36.30 48.12 22.56
N ARG B 356 37.28 47.67 21.77
CA ARG B 356 37.78 48.44 20.63
C ARG B 356 36.74 48.50 19.51
N GLU B 357 37.05 49.27 18.46
CA GLU B 357 36.14 49.45 17.32
C GLU B 357 35.82 48.15 16.60
N ASP B 358 36.78 47.23 16.56
CA ASP B 358 36.57 45.89 15.99
C ASP B 358 35.77 44.96 16.93
N GLY B 359 35.71 45.30 18.21
CA GLY B 359 34.92 44.55 19.20
C GLY B 359 35.72 43.75 20.22
N THR B 360 37.04 43.87 20.18
CA THR B 360 37.94 43.14 21.09
C THR B 360 38.13 43.91 22.41
N ALA B 361 38.24 43.17 23.51
CA ALA B 361 38.33 43.77 24.84
C ALA B 361 39.76 44.10 25.22
N CYS B 362 39.95 45.29 25.80
CA CYS B 362 41.20 45.66 26.44
C CYS B 362 41.26 44.98 27.80
N ARG B 363 42.18 44.03 27.95
CA ARG B 363 42.29 43.20 29.17
C ARG B 363 42.09 44.03 30.43
N ARG B 364 41.16 43.61 31.26
CA ARG B 364 40.90 44.29 32.53
C ARG B 364 41.97 43.91 33.56
N LEU B 365 42.54 44.92 34.20
CA LEU B 365 43.67 44.74 35.10
C LEU B 365 43.26 44.64 36.56
N HIS B 366 42.03 45.05 36.87
CA HIS B 366 41.47 44.89 38.21
C HIS B 366 41.32 43.41 38.51
N LYS B 367 41.87 42.97 39.64
CA LYS B 367 41.79 41.55 40.01
C LYS B 367 40.46 41.25 40.68
N GLU B 368 39.72 40.31 40.10
CA GLU B 368 38.47 39.82 40.67
C GLU B 368 38.74 38.51 41.39
N PRO B 369 37.98 38.24 42.48
CA PRO B 369 38.24 37.03 43.25
C PRO B 369 37.70 35.76 42.58
N GLY B 370 38.35 34.64 42.84
CA GLY B 370 37.91 33.33 42.35
C GLY B 370 38.33 33.00 40.93
N VAL B 371 39.34 33.69 40.42
CA VAL B 371 39.93 33.37 39.12
C VAL B 371 41.44 33.16 39.32
N ALA B 372 41.78 32.00 39.90
CA ALA B 372 43.17 31.67 40.22
C ALA B 372 44.01 31.52 38.96
N LYS C 1 -30.95 -11.05 -27.96
CA LYS C 1 -31.74 -11.34 -29.19
C LYS C 1 -30.93 -11.04 -30.46
N ILE C 2 -30.78 -12.06 -31.30
CA ILE C 2 -29.91 -11.99 -32.48
C ILE C 2 -30.59 -11.19 -33.59
N GLU C 3 -29.78 -10.46 -34.36
CA GLU C 3 -30.29 -9.54 -35.39
C GLU C 3 -30.79 -10.29 -36.63
N GLU C 4 -32.00 -9.95 -37.08
CA GLU C 4 -32.62 -10.59 -38.24
C GLU C 4 -32.06 -9.98 -39.53
N GLY C 5 -31.94 -10.82 -40.57
CA GLY C 5 -31.47 -10.35 -41.87
C GLY C 5 -29.97 -10.11 -41.96
N LYS C 6 -29.20 -10.80 -41.13
CA LYS C 6 -27.73 -10.80 -41.17
C LYS C 6 -27.18 -12.11 -40.64
N LEU C 7 -25.89 -12.34 -40.84
CA LEU C 7 -25.22 -13.53 -40.30
C LEU C 7 -23.95 -13.17 -39.57
N VAL C 8 -23.93 -13.39 -38.26
CA VAL C 8 -22.70 -13.26 -37.48
C VAL C 8 -22.11 -14.65 -37.30
N ILE C 9 -20.83 -14.80 -37.63
CA ILE C 9 -20.13 -16.08 -37.53
C ILE C 9 -18.95 -15.95 -36.58
N TRP C 10 -18.76 -16.96 -35.73
CA TRP C 10 -17.61 -17.02 -34.83
C TRP C 10 -16.76 -18.21 -35.25
N ILE C 11 -15.46 -17.97 -35.35
CA ILE C 11 -14.51 -19.01 -35.72
C ILE C 11 -13.21 -18.71 -34.97
N ASN C 12 -12.42 -19.73 -34.67
CA ASN C 12 -11.19 -19.50 -33.91
C ASN C 12 -10.15 -18.74 -34.73
N GLY C 13 -9.25 -18.06 -34.04
CA GLY C 13 -8.30 -17.16 -34.68
C GLY C 13 -7.16 -17.80 -35.46
N ASP C 14 -7.02 -19.11 -35.38
CA ASP C 14 -6.03 -19.84 -36.16
C ASP C 14 -6.64 -20.48 -37.41
N LYS C 15 -7.90 -20.17 -37.70
CA LYS C 15 -8.51 -20.53 -38.97
C LYS C 15 -8.44 -19.35 -39.93
N GLY C 16 -8.76 -19.61 -41.19
CA GLY C 16 -8.69 -18.60 -42.24
C GLY C 16 -9.93 -17.73 -42.24
N TYR C 17 -10.01 -16.87 -41.24
CA TYR C 17 -11.21 -16.05 -41.04
C TYR C 17 -11.33 -14.96 -42.11
N ASN C 18 -10.22 -14.46 -42.63
CA ASN C 18 -10.26 -13.55 -43.78
C ASN C 18 -10.78 -14.25 -45.04
N GLY C 19 -10.47 -15.54 -45.17
CA GLY C 19 -10.98 -16.34 -46.26
C GLY C 19 -12.48 -16.51 -46.14
N LEU C 20 -12.93 -16.93 -44.96
CA LEU C 20 -14.35 -17.12 -44.71
C LEU C 20 -15.16 -15.83 -44.91
N ALA C 21 -14.52 -14.67 -44.70
CA ALA C 21 -15.16 -13.38 -44.91
C ALA C 21 -15.38 -13.09 -46.39
N GLU C 22 -14.50 -13.60 -47.25
CA GLU C 22 -14.65 -13.44 -48.72
C GLU C 22 -15.77 -14.32 -49.25
N VAL C 23 -15.88 -15.52 -48.70
CA VAL C 23 -17.03 -16.37 -48.95
C VAL C 23 -18.28 -15.60 -48.54
N GLY C 24 -18.20 -14.94 -47.39
CA GLY C 24 -19.25 -14.05 -46.93
C GLY C 24 -19.61 -12.91 -47.88
N LYS C 25 -18.63 -12.35 -48.60
CA LYS C 25 -18.89 -11.28 -49.56
C LYS C 25 -19.68 -11.78 -50.77
N LYS C 26 -19.38 -13.00 -51.20
CA LYS C 26 -20.09 -13.61 -52.32
C LYS C 26 -21.56 -13.82 -51.94
N PHE C 27 -21.79 -14.42 -50.76
CA PHE C 27 -23.15 -14.59 -50.23
C PHE C 27 -23.88 -13.26 -50.21
N GLU C 28 -23.21 -12.21 -49.73
CA GLU C 28 -23.82 -10.86 -49.71
C GLU C 28 -24.19 -10.40 -51.11
N LYS C 29 -23.24 -10.49 -52.03
CA LYS C 29 -23.48 -10.13 -53.43
C LYS C 29 -24.72 -10.86 -53.97
N ASP C 30 -24.82 -12.16 -53.72
CA ASP C 30 -25.95 -12.95 -54.23
C ASP C 30 -27.27 -12.76 -53.47
N THR C 31 -27.21 -12.36 -52.19
CA THR C 31 -28.41 -12.31 -51.33
C THR C 31 -28.82 -10.94 -50.79
N GLY C 32 -27.85 -10.03 -50.65
CA GLY C 32 -28.06 -8.79 -49.91
C GLY C 32 -27.74 -8.92 -48.43
N ILE C 33 -27.57 -10.15 -47.96
CA ILE C 33 -27.33 -10.42 -46.53
C ILE C 33 -25.85 -10.26 -46.21
N LYS C 34 -25.55 -9.36 -45.27
CA LYS C 34 -24.17 -9.15 -44.83
C LYS C 34 -23.72 -10.26 -43.88
N VAL C 35 -22.50 -10.73 -44.08
CA VAL C 35 -21.90 -11.76 -43.21
C VAL C 35 -20.72 -11.17 -42.46
N THR C 36 -20.78 -11.21 -41.12
CA THR C 36 -19.69 -10.72 -40.28
C THR C 36 -19.02 -11.89 -39.56
N VAL C 37 -17.69 -11.97 -39.70
CA VAL C 37 -16.89 -13.02 -39.07
C VAL C 37 -16.10 -12.43 -37.92
N GLU C 38 -16.15 -13.09 -36.77
CA GLU C 38 -15.43 -12.68 -35.58
C GLU C 38 -14.64 -13.88 -35.03
N HIS C 39 -13.51 -13.59 -34.39
CA HIS C 39 -12.68 -14.64 -33.78
C HIS C 39 -12.26 -14.26 -32.36
N PRO C 40 -13.25 -14.11 -31.47
CA PRO C 40 -12.94 -13.72 -30.10
C PRO C 40 -12.16 -14.79 -29.34
N ASP C 41 -11.47 -14.35 -28.29
CA ASP C 41 -10.75 -15.25 -27.40
C ASP C 41 -11.76 -16.11 -26.66
N LYS C 42 -11.38 -17.34 -26.38
CA LYS C 42 -12.20 -18.28 -25.61
C LYS C 42 -13.65 -18.32 -26.12
N LEU C 43 -13.80 -18.31 -27.44
CA LEU C 43 -15.13 -18.28 -28.06
C LEU C 43 -15.92 -19.54 -27.71
N GLU C 44 -15.20 -20.64 -27.51
CA GLU C 44 -15.80 -21.92 -27.12
C GLU C 44 -16.44 -21.89 -25.73
N GLU C 45 -16.01 -20.94 -24.90
CA GLU C 45 -16.62 -20.74 -23.59
C GLU C 45 -17.59 -19.57 -23.60
N LYS C 46 -17.31 -18.54 -24.41
CA LYS C 46 -18.23 -17.40 -24.52
C LYS C 46 -19.54 -17.80 -25.19
N PHE C 47 -19.49 -18.68 -26.17
CA PHE C 47 -20.69 -19.06 -26.90
C PHE C 47 -21.81 -19.58 -26.00
N PRO C 48 -21.55 -20.62 -25.19
CA PRO C 48 -22.63 -21.13 -24.35
C PRO C 48 -23.21 -20.11 -23.37
N GLN C 49 -22.41 -19.12 -22.96
CA GLN C 49 -22.90 -18.07 -22.07
C GLN C 49 -23.83 -17.08 -22.77
N VAL C 50 -23.46 -16.61 -23.95
CA VAL C 50 -24.33 -15.69 -24.67
C VAL C 50 -25.51 -16.40 -25.35
N ALA C 51 -25.30 -17.65 -25.76
CA ALA C 51 -26.36 -18.42 -26.46
C ALA C 51 -27.51 -18.82 -25.53
N ALA C 52 -27.19 -19.07 -24.26
CA ALA C 52 -28.17 -19.49 -23.27
C ALA C 52 -29.23 -18.41 -22.99
N THR C 53 -28.85 -17.14 -23.19
CA THR C 53 -29.80 -16.04 -23.04
C THR C 53 -30.48 -15.66 -24.36
N GLY C 54 -30.07 -16.30 -25.45
CA GLY C 54 -30.71 -16.11 -26.74
C GLY C 54 -29.96 -15.20 -27.70
N ASP C 55 -28.75 -14.79 -27.32
CA ASP C 55 -27.92 -13.96 -28.17
C ASP C 55 -26.76 -14.80 -28.70
N GLY C 56 -25.69 -14.16 -29.16
CA GLY C 56 -24.55 -14.85 -29.74
C GLY C 56 -24.58 -14.80 -31.25
N PRO C 57 -23.61 -15.45 -31.89
CA PRO C 57 -23.51 -15.49 -33.34
C PRO C 57 -24.54 -16.45 -33.91
N ASP C 58 -24.85 -16.31 -35.20
CA ASP C 58 -25.75 -17.22 -35.88
C ASP C 58 -25.06 -18.57 -36.09
N ILE C 59 -23.79 -18.53 -36.47
CA ILE C 59 -23.02 -19.73 -36.75
C ILE C 59 -21.76 -19.78 -35.91
N ILE C 60 -21.50 -20.93 -35.29
CA ILE C 60 -20.23 -21.15 -34.57
C ILE C 60 -19.40 -22.28 -35.19
N PHE C 61 -18.11 -22.02 -35.38
CA PHE C 61 -17.15 -23.02 -35.84
C PHE C 61 -16.24 -23.49 -34.70
N TRP C 62 -16.24 -24.78 -34.41
CA TRP C 62 -15.33 -25.36 -33.43
C TRP C 62 -15.19 -26.86 -33.69
N ALA C 63 -14.23 -27.50 -33.03
CA ALA C 63 -14.16 -28.96 -33.04
C ALA C 63 -15.48 -29.55 -32.55
N HIS C 64 -15.91 -30.64 -33.19
CA HIS C 64 -17.22 -31.27 -32.93
C HIS C 64 -17.48 -31.72 -31.48
N ASP C 65 -16.44 -32.19 -30.79
CA ASP C 65 -16.58 -32.78 -29.45
C ASP C 65 -17.33 -31.87 -28.46
N ARG C 66 -17.12 -30.57 -28.63
CA ARG C 66 -17.75 -29.55 -27.80
C ARG C 66 -19.24 -29.35 -28.12
N PHE C 67 -19.64 -29.73 -29.33
CA PHE C 67 -21.01 -29.51 -29.80
C PHE C 67 -22.02 -30.46 -29.16
N GLY C 68 -21.55 -31.63 -28.72
CA GLY C 68 -22.39 -32.51 -27.92
C GLY C 68 -22.85 -31.81 -26.63
N GLY C 69 -21.91 -31.10 -26.00
CA GLY C 69 -22.21 -30.25 -24.86
C GLY C 69 -23.21 -29.16 -25.20
N TYR C 70 -22.93 -28.34 -26.21
CA TYR C 70 -23.84 -27.25 -26.56
C TYR C 70 -25.23 -27.79 -26.91
N ALA C 71 -25.29 -28.91 -27.63
CA ALA C 71 -26.57 -29.48 -28.05
C ALA C 71 -27.41 -29.90 -26.84
N GLN C 72 -26.81 -30.69 -25.95
CA GLN C 72 -27.45 -31.06 -24.68
C GLN C 72 -28.00 -29.86 -23.90
N SER C 73 -27.24 -28.76 -23.91
CA SER C 73 -27.64 -27.54 -23.24
C SER C 73 -28.79 -26.80 -23.92
N GLY C 74 -29.09 -27.16 -25.17
CA GLY C 74 -30.22 -26.59 -25.91
C GLY C 74 -29.87 -25.36 -26.74
N LEU C 75 -28.63 -25.31 -27.23
CA LEU C 75 -28.10 -24.12 -27.88
C LEU C 75 -27.91 -24.27 -29.39
N LEU C 76 -28.09 -25.49 -29.91
CA LEU C 76 -27.87 -25.77 -31.33
C LEU C 76 -29.17 -26.21 -32.03
N ALA C 77 -29.37 -25.71 -33.25
CA ALA C 77 -30.49 -26.15 -34.06
C ALA C 77 -30.15 -27.50 -34.71
N GLU C 78 -31.17 -28.32 -34.93
CA GLU C 78 -31.01 -29.55 -35.67
C GLU C 78 -31.01 -29.20 -37.16
N ILE C 79 -29.99 -29.65 -37.88
CA ILE C 79 -29.82 -29.31 -39.30
C ILE C 79 -30.51 -30.33 -40.21
N THR C 80 -30.82 -29.90 -41.42
CA THR C 80 -31.64 -30.70 -42.33
C THR C 80 -31.03 -30.87 -43.72
N PRO C 81 -29.75 -31.30 -43.79
CA PRO C 81 -29.18 -31.60 -45.10
C PRO C 81 -29.79 -32.89 -45.67
N ASP C 82 -30.26 -32.83 -46.91
CA ASP C 82 -30.89 -34.02 -47.52
C ASP C 82 -29.87 -35.07 -47.94
N LYS C 83 -30.38 -36.22 -48.39
CA LYS C 83 -29.58 -37.35 -48.85
C LYS C 83 -28.45 -36.93 -49.78
N ALA C 84 -28.78 -36.17 -50.81
CA ALA C 84 -27.81 -35.76 -51.82
C ALA C 84 -26.66 -34.98 -51.22
N PHE C 85 -26.99 -33.98 -50.40
CA PHE C 85 -25.95 -33.18 -49.79
C PHE C 85 -25.03 -34.01 -48.89
N GLN C 86 -25.61 -34.95 -48.13
CA GLN C 86 -24.81 -35.79 -47.24
C GLN C 86 -23.78 -36.64 -48.00
N ASP C 87 -24.16 -37.15 -49.18
CA ASP C 87 -23.27 -37.97 -50.01
C ASP C 87 -22.01 -37.24 -50.48
N LYS C 88 -22.03 -35.91 -50.44
CA LYS C 88 -20.87 -35.10 -50.81
C LYS C 88 -19.76 -35.09 -49.74
N LEU C 89 -20.08 -35.50 -48.51
CA LEU C 89 -19.07 -35.59 -47.45
C LEU C 89 -18.89 -37.03 -46.97
N TYR C 90 -17.70 -37.32 -46.43
CA TYR C 90 -17.37 -38.68 -45.97
C TYR C 90 -18.33 -39.10 -44.85
N PRO C 91 -18.93 -40.30 -44.98
CA PRO C 91 -19.95 -40.73 -44.02
C PRO C 91 -19.52 -40.62 -42.55
N PHE C 92 -18.25 -40.91 -42.27
CA PHE C 92 -17.78 -40.97 -40.89
C PHE C 92 -17.71 -39.58 -40.24
N THR C 93 -17.65 -38.51 -41.04
CA THR C 93 -17.69 -37.16 -40.48
C THR C 93 -19.07 -36.79 -39.96
N TRP C 94 -20.12 -37.37 -40.56
CA TRP C 94 -21.48 -37.15 -40.08
C TRP C 94 -21.68 -37.79 -38.71
N ASP C 95 -20.96 -38.89 -38.45
CA ASP C 95 -21.00 -39.56 -37.17
C ASP C 95 -20.50 -38.65 -36.05
N ALA C 96 -19.59 -37.74 -36.39
CA ALA C 96 -19.00 -36.83 -35.42
C ALA C 96 -19.96 -35.72 -34.95
N VAL C 97 -21.07 -35.52 -35.66
CA VAL C 97 -21.95 -34.37 -35.37
C VAL C 97 -23.40 -34.78 -35.12
N ARG C 98 -23.59 -35.93 -34.46
CA ARG C 98 -24.91 -36.35 -34.01
C ARG C 98 -25.05 -36.11 -32.52
N TYR C 99 -26.24 -35.70 -32.08
CA TYR C 99 -26.60 -35.70 -30.66
C TYR C 99 -27.99 -36.31 -30.52
N ASN C 100 -28.10 -37.37 -29.71
CA ASN C 100 -29.31 -38.17 -29.65
C ASN C 100 -29.78 -38.56 -31.05
N GLY C 101 -28.83 -38.98 -31.87
CA GLY C 101 -29.11 -39.49 -33.21
C GLY C 101 -29.50 -38.48 -34.27
N LYS C 102 -29.35 -37.20 -34.00
CA LYS C 102 -29.74 -36.15 -34.93
C LYS C 102 -28.58 -35.24 -35.26
N LEU C 103 -28.48 -34.85 -36.53
CA LEU C 103 -27.38 -34.01 -36.99
C LEU C 103 -27.50 -32.61 -36.40
N ILE C 104 -26.39 -32.12 -35.81
CA ILE C 104 -26.38 -30.80 -35.18
C ILE C 104 -25.23 -29.90 -35.62
N ALA C 105 -24.59 -30.20 -36.75
CA ALA C 105 -23.61 -29.31 -37.36
C ALA C 105 -23.05 -29.84 -38.69
N TYR C 106 -22.51 -28.96 -39.51
CA TYR C 106 -21.94 -29.32 -40.79
C TYR C 106 -20.43 -29.55 -40.67
N PRO C 107 -19.96 -30.78 -40.95
CA PRO C 107 -18.51 -31.03 -40.90
C PRO C 107 -17.78 -30.22 -41.94
N ILE C 108 -16.66 -29.63 -41.55
CA ILE C 108 -15.87 -28.77 -42.44
C ILE C 108 -14.50 -29.38 -42.72
N ALA C 109 -13.75 -29.70 -41.67
CA ALA C 109 -12.39 -30.22 -41.81
C ALA C 109 -12.12 -31.37 -40.88
N VAL C 110 -11.05 -32.12 -41.18
CA VAL C 110 -10.70 -33.33 -40.46
C VAL C 110 -9.26 -33.28 -39.98
N GLU C 111 -9.07 -33.55 -38.70
CA GLU C 111 -7.77 -33.43 -38.05
C GLU C 111 -7.41 -34.71 -37.26
N ALA C 112 -6.19 -35.18 -37.49
CA ALA C 112 -5.62 -36.27 -36.70
C ALA C 112 -4.10 -36.25 -36.76
N LEU C 113 -3.47 -37.01 -35.88
CA LEU C 113 -2.01 -37.13 -35.85
C LEU C 113 -1.51 -38.05 -36.95
N SER C 114 -0.34 -37.71 -37.50
CA SER C 114 0.37 -38.57 -38.44
C SER C 114 1.82 -38.79 -37.99
N LEU C 115 2.49 -39.76 -38.60
CA LEU C 115 3.93 -39.96 -38.38
C LEU C 115 4.71 -38.99 -39.27
N ILE C 116 5.54 -38.17 -38.63
CA ILE C 116 6.38 -37.21 -39.35
C ILE C 116 7.82 -37.68 -39.24
N TYR C 117 8.53 -37.74 -40.35
CA TYR C 117 9.89 -38.28 -40.37
C TYR C 117 10.85 -37.45 -41.21
N ASN C 118 12.14 -37.55 -40.88
CA ASN C 118 13.20 -36.87 -41.61
C ASN C 118 13.67 -37.74 -42.77
N LYS C 119 13.45 -37.27 -43.99
CA LYS C 119 13.85 -38.02 -45.19
C LYS C 119 15.35 -38.29 -45.24
N ASP C 120 16.15 -37.32 -44.79
CA ASP C 120 17.60 -37.41 -44.87
C ASP C 120 18.18 -38.44 -43.90
N LEU C 121 17.58 -38.56 -42.72
CA LEU C 121 18.03 -39.54 -41.73
C LEU C 121 17.35 -40.90 -41.95
N LEU C 122 16.14 -40.87 -42.50
CA LEU C 122 15.29 -42.05 -42.60
C LEU C 122 14.44 -42.00 -43.88
N PRO C 123 15.05 -42.35 -45.04
CA PRO C 123 14.35 -42.25 -46.34
C PRO C 123 13.05 -43.05 -46.39
N ASN C 124 13.07 -44.24 -45.79
CA ASN C 124 11.90 -45.10 -45.71
C ASN C 124 11.52 -45.29 -44.24
N PRO C 125 10.37 -44.74 -43.82
CA PRO C 125 9.96 -44.87 -42.43
C PRO C 125 9.38 -46.25 -42.14
N PRO C 126 9.36 -46.65 -40.86
CA PRO C 126 8.89 -47.96 -40.46
C PRO C 126 7.37 -48.10 -40.52
N LYS C 127 6.91 -49.25 -40.96
CA LYS C 127 5.48 -49.55 -41.00
C LYS C 127 5.00 -50.01 -39.64
N THR C 128 5.93 -50.44 -38.78
CA THR C 128 5.60 -51.05 -37.49
C THR C 128 6.26 -50.33 -36.31
N TRP C 129 5.57 -50.36 -35.17
CA TRP C 129 6.15 -49.91 -33.90
C TRP C 129 7.27 -50.87 -33.46
N GLU C 130 7.13 -52.17 -33.80
CA GLU C 130 8.10 -53.20 -33.42
C GLU C 130 9.45 -53.05 -34.13
N GLU C 131 9.45 -52.33 -35.24
CA GLU C 131 10.66 -52.04 -36.01
C GLU C 131 11.50 -50.92 -35.35
N ILE C 132 10.91 -50.20 -34.41
CA ILE C 132 11.51 -48.95 -33.89
C ILE C 132 12.71 -49.19 -32.96
N PRO C 133 12.59 -50.14 -32.01
CA PRO C 133 13.72 -50.36 -31.11
C PRO C 133 15.02 -50.65 -31.83
N ALA C 134 14.99 -51.58 -32.79
CA ALA C 134 16.17 -51.88 -33.62
C ALA C 134 16.66 -50.65 -34.42
N LEU C 135 15.71 -49.84 -34.92
CA LEU C 135 16.07 -48.66 -35.72
C LEU C 135 16.74 -47.58 -34.89
N ASP C 136 16.26 -47.38 -33.67
CA ASP C 136 16.91 -46.46 -32.74
C ASP C 136 18.37 -46.84 -32.48
N LYS C 137 18.65 -48.14 -32.44
CA LYS C 137 19.99 -48.63 -32.14
C LYS C 137 21.01 -48.30 -33.22
N GLU C 138 20.61 -48.35 -34.49
CA GLU C 138 21.54 -47.97 -35.57
C GLU C 138 21.62 -46.45 -35.75
N LEU C 139 20.64 -45.72 -35.22
CA LEU C 139 20.67 -44.26 -35.23
C LEU C 139 21.51 -43.71 -34.08
N LYS C 140 21.45 -44.36 -32.92
CA LYS C 140 22.29 -44.00 -31.77
C LYS C 140 23.80 -44.14 -32.05
N ALA C 141 24.17 -44.99 -33.00
CA ALA C 141 25.56 -45.11 -33.44
C ALA C 141 26.05 -43.85 -34.19
N LYS C 142 25.11 -43.03 -34.68
CA LYS C 142 25.44 -41.77 -35.33
C LYS C 142 25.05 -40.57 -34.47
N GLY C 143 24.83 -40.81 -33.18
CA GLY C 143 24.50 -39.75 -32.23
C GLY C 143 23.12 -39.15 -32.39
N LYS C 144 22.16 -39.95 -32.85
CA LYS C 144 20.78 -39.51 -33.08
C LYS C 144 19.80 -40.47 -32.38
N SER C 145 18.51 -40.22 -32.54
CA SER C 145 17.46 -41.14 -32.07
C SER C 145 16.41 -41.37 -33.15
N ALA C 146 15.57 -42.38 -32.96
CA ALA C 146 14.57 -42.73 -33.96
C ALA C 146 13.29 -41.91 -33.79
N LEU C 147 12.80 -41.87 -32.56
CA LEU C 147 11.47 -41.34 -32.27
C LEU C 147 11.45 -40.52 -30.98
N MET C 148 10.99 -39.28 -31.07
CA MET C 148 10.70 -38.43 -29.91
C MET C 148 9.34 -37.74 -30.12
N PHE C 149 8.37 -38.08 -29.27
CA PHE C 149 7.09 -37.37 -29.27
C PHE C 149 6.62 -37.09 -27.86
N ASN C 150 5.52 -36.36 -27.73
CA ASN C 150 5.00 -35.96 -26.44
C ASN C 150 4.40 -37.15 -25.69
N LEU C 151 5.04 -37.54 -24.60
CA LEU C 151 4.59 -38.66 -23.78
C LEU C 151 3.75 -38.21 -22.59
N GLN C 152 3.74 -36.89 -22.34
CA GLN C 152 3.02 -36.32 -21.19
C GLN C 152 1.50 -36.25 -21.39
N GLU C 153 1.07 -36.21 -22.64
CA GLU C 153 -0.32 -35.93 -22.96
C GLU C 153 -0.94 -37.11 -23.68
N PRO C 154 -2.02 -37.68 -23.12
CA PRO C 154 -2.59 -38.93 -23.65
C PRO C 154 -3.11 -38.81 -25.08
N TYR C 155 -3.43 -37.59 -25.51
CA TYR C 155 -3.78 -37.34 -26.91
C TYR C 155 -2.70 -37.89 -27.84
N PHE C 156 -1.45 -37.73 -27.45
CA PHE C 156 -0.33 -38.15 -28.28
C PHE C 156 0.04 -39.63 -28.13
N THR C 157 -0.22 -40.23 -26.96
CA THR C 157 0.14 -41.63 -26.70
C THR C 157 -1.02 -42.60 -26.95
N TRP C 158 -2.24 -42.08 -27.06
CA TRP C 158 -3.43 -42.91 -27.31
C TRP C 158 -3.38 -43.73 -28.60
N PRO C 159 -2.90 -43.15 -29.72
CA PRO C 159 -2.85 -43.92 -30.97
C PRO C 159 -2.26 -45.33 -30.81
N LEU C 160 -1.15 -45.44 -30.09
CA LEU C 160 -0.50 -46.73 -29.85
C LEU C 160 -1.26 -47.58 -28.84
N ILE C 161 -1.83 -46.94 -27.81
CA ILE C 161 -2.55 -47.63 -26.76
C ILE C 161 -3.86 -48.22 -27.29
N ALA C 162 -4.50 -47.50 -28.20
CA ALA C 162 -5.79 -47.88 -28.74
C ALA C 162 -5.71 -48.97 -29.82
N ALA C 163 -4.54 -49.11 -30.43
CA ALA C 163 -4.36 -49.96 -31.62
C ALA C 163 -4.87 -51.39 -31.44
N ASP C 164 -4.50 -52.01 -30.32
CA ASP C 164 -4.76 -53.44 -30.11
C ASP C 164 -6.06 -53.72 -29.35
N GLY C 165 -6.92 -52.70 -29.20
CA GLY C 165 -8.21 -52.89 -28.53
C GLY C 165 -8.63 -51.83 -27.52
N GLY C 166 -7.73 -50.91 -27.19
CA GLY C 166 -8.07 -49.80 -26.31
C GLY C 166 -9.08 -48.86 -26.97
N TYR C 167 -10.03 -48.36 -26.17
CA TYR C 167 -11.00 -47.33 -26.60
C TYR C 167 -11.54 -46.53 -25.40
N ALA C 168 -12.02 -45.32 -25.68
CA ALA C 168 -12.58 -44.45 -24.63
C ALA C 168 -13.95 -44.95 -24.18
N PHE C 169 -14.95 -44.73 -25.03
CA PHE C 169 -16.32 -45.18 -24.78
C PHE C 169 -16.84 -45.89 -26.02
N LYS C 170 -17.36 -47.11 -25.84
CA LYS C 170 -17.85 -47.92 -26.96
C LYS C 170 -19.01 -47.25 -27.70
N TYR C 171 -18.87 -47.13 -29.02
CA TYR C 171 -19.87 -46.47 -29.86
C TYR C 171 -20.74 -47.54 -30.54
N GLU C 172 -22.02 -47.57 -30.18
CA GLU C 172 -22.93 -48.61 -30.66
C GLU C 172 -23.40 -48.30 -32.08
N ASN C 173 -24.12 -47.19 -32.24
CA ASN C 173 -24.66 -46.79 -33.55
C ASN C 173 -25.26 -45.38 -33.50
N GLY C 174 -24.51 -44.45 -32.89
CA GLY C 174 -25.04 -43.13 -32.54
C GLY C 174 -25.35 -43.01 -31.06
N LYS C 175 -24.83 -43.94 -30.26
CA LYS C 175 -25.02 -43.91 -28.82
C LYS C 175 -23.76 -44.45 -28.16
N TYR C 176 -23.00 -43.56 -27.54
CA TYR C 176 -21.85 -43.95 -26.75
C TYR C 176 -22.35 -44.56 -25.44
N ASP C 177 -22.02 -45.83 -25.22
CA ASP C 177 -22.27 -46.50 -23.95
C ASP C 177 -21.28 -45.95 -22.93
N ILE C 178 -21.81 -45.19 -21.97
CA ILE C 178 -20.98 -44.45 -21.00
C ILE C 178 -20.27 -45.35 -19.97
N LYS C 179 -20.77 -46.56 -19.78
CA LYS C 179 -20.17 -47.49 -18.83
C LYS C 179 -19.38 -48.62 -19.49
N ASP C 180 -19.28 -48.58 -20.82
CA ASP C 180 -18.40 -49.50 -21.57
C ASP C 180 -17.13 -48.75 -21.95
N VAL C 181 -16.15 -48.77 -21.05
CA VAL C 181 -14.88 -48.07 -21.25
C VAL C 181 -13.76 -49.08 -21.42
N GLY C 182 -12.92 -48.84 -22.42
CA GLY C 182 -11.84 -49.77 -22.76
C GLY C 182 -10.45 -49.25 -22.48
N VAL C 183 -10.17 -48.84 -21.24
CA VAL C 183 -8.82 -48.40 -20.88
C VAL C 183 -8.00 -49.48 -20.16
N ASP C 184 -8.65 -50.45 -19.53
CA ASP C 184 -7.93 -51.53 -18.82
C ASP C 184 -8.03 -52.89 -19.49
N ASN C 185 -8.51 -52.95 -20.73
CA ASN C 185 -8.53 -54.20 -21.49
C ASN C 185 -7.13 -54.60 -21.97
N ALA C 186 -7.03 -55.78 -22.58
CA ALA C 186 -5.75 -56.33 -23.03
C ALA C 186 -5.10 -55.47 -24.11
N GLY C 187 -5.92 -54.94 -25.01
CA GLY C 187 -5.44 -54.05 -26.05
C GLY C 187 -4.70 -52.84 -25.50
N ALA C 188 -5.22 -52.23 -24.45
CA ALA C 188 -4.63 -51.03 -23.87
C ALA C 188 -3.32 -51.34 -23.14
N LYS C 189 -3.32 -52.46 -22.42
CA LYS C 189 -2.14 -52.88 -21.67
C LYS C 189 -0.98 -53.15 -22.61
N ALA C 190 -1.26 -53.87 -23.70
CA ALA C 190 -0.22 -54.22 -24.69
C ALA C 190 0.38 -52.97 -25.31
N GLY C 191 -0.47 -52.02 -25.69
CA GLY C 191 -0.01 -50.76 -26.24
C GLY C 191 0.82 -49.97 -25.25
N LEU C 192 0.28 -49.79 -24.04
CA LEU C 192 0.98 -49.05 -23.00
C LEU C 192 2.23 -49.79 -22.49
N THR C 193 2.21 -51.12 -22.53
CA THR C 193 3.40 -51.90 -22.16
C THR C 193 4.52 -51.70 -23.20
N PHE C 194 4.16 -51.65 -24.47
CA PHE C 194 5.14 -51.39 -25.51
C PHE C 194 5.76 -50.00 -25.39
N LEU C 195 4.95 -49.02 -24.99
CA LEU C 195 5.44 -47.66 -24.80
C LEU C 195 6.42 -47.60 -23.65
N VAL C 196 6.07 -48.25 -22.54
CA VAL C 196 6.91 -48.27 -21.35
C VAL C 196 8.22 -48.99 -21.63
N ASP C 197 8.15 -50.06 -22.43
CA ASP C 197 9.35 -50.78 -22.86
C ASP C 197 10.29 -49.90 -23.69
N LEU C 198 9.74 -49.04 -24.55
CA LEU C 198 10.56 -48.10 -25.33
C LEU C 198 11.33 -47.18 -24.39
N ILE C 199 10.70 -46.80 -23.28
CA ILE C 199 11.33 -45.98 -22.27
C ILE C 199 12.36 -46.81 -21.49
N LYS C 200 11.96 -47.99 -21.03
CA LYS C 200 12.87 -48.87 -20.29
C LYS C 200 14.17 -49.13 -21.05
N ASN C 201 14.07 -49.49 -22.34
CA ASN C 201 15.26 -49.69 -23.19
C ASN C 201 15.89 -48.39 -23.69
N LYS C 202 15.47 -47.26 -23.13
CA LYS C 202 16.09 -45.96 -23.38
C LYS C 202 16.02 -45.56 -24.86
N HIS C 203 14.98 -46.02 -25.55
CA HIS C 203 14.71 -45.53 -26.89
C HIS C 203 13.94 -44.21 -26.81
N MET C 204 13.28 -43.98 -25.66
CA MET C 204 12.59 -42.72 -25.36
C MET C 204 12.73 -42.38 -23.87
N ASN C 205 12.37 -41.15 -23.50
CA ASN C 205 12.41 -40.67 -22.11
C ASN C 205 11.01 -40.26 -21.60
N ALA C 206 10.68 -40.68 -20.38
CA ALA C 206 9.34 -40.53 -19.79
C ALA C 206 8.83 -39.09 -19.68
N ASP C 207 9.75 -38.13 -19.59
CA ASP C 207 9.34 -36.74 -19.43
C ASP C 207 9.71 -35.91 -20.66
N THR C 208 9.66 -36.57 -21.82
CA THR C 208 9.70 -35.88 -23.11
C THR C 208 8.31 -35.26 -23.31
N ASP C 209 8.27 -33.93 -23.39
CA ASP C 209 7.00 -33.22 -23.58
C ASP C 209 6.92 -32.65 -25.00
N TYR C 210 5.89 -31.84 -25.30
CA TYR C 210 5.69 -31.31 -26.64
C TYR C 210 6.91 -30.53 -27.14
N SER C 211 7.36 -29.58 -26.33
CA SER C 211 8.39 -28.63 -26.76
C SER C 211 9.73 -29.29 -27.05
N ILE C 212 10.13 -30.21 -26.18
CA ILE C 212 11.39 -30.92 -26.33
C ILE C 212 11.37 -31.83 -27.56
N ALA C 213 10.24 -32.52 -27.78
CA ALA C 213 10.07 -33.39 -28.94
C ALA C 213 10.09 -32.60 -30.25
N GLU C 214 9.35 -31.49 -30.27
CA GLU C 214 9.29 -30.65 -31.46
C GLU C 214 10.67 -30.05 -31.76
N ALA C 215 11.36 -29.59 -30.73
CA ALA C 215 12.67 -28.99 -30.92
C ALA C 215 13.67 -30.03 -31.41
N ALA C 216 13.56 -31.25 -30.92
CA ALA C 216 14.50 -32.31 -31.29
C ALA C 216 14.33 -32.72 -32.75
N PHE C 217 13.10 -32.71 -33.24
CA PHE C 217 12.85 -33.06 -34.63
C PHE C 217 13.24 -31.91 -35.55
N ASN C 218 12.90 -30.68 -35.17
CA ASN C 218 13.19 -29.53 -36.02
C ASN C 218 14.67 -29.20 -36.16
N LYS C 219 15.50 -29.72 -35.26
CA LYS C 219 16.95 -29.49 -35.31
C LYS C 219 17.71 -30.68 -35.88
N GLY C 220 17.01 -31.78 -36.17
CA GLY C 220 17.60 -32.95 -36.79
C GLY C 220 18.17 -33.97 -35.82
N GLU C 221 17.83 -33.86 -34.54
CA GLU C 221 18.35 -34.78 -33.53
C GLU C 221 17.58 -36.10 -33.52
N THR C 222 16.39 -36.11 -34.10
CA THR C 222 15.59 -37.32 -34.17
C THR C 222 14.97 -37.52 -35.54
N ALA C 223 14.95 -38.76 -36.00
CA ALA C 223 14.47 -39.12 -37.33
C ALA C 223 12.97 -38.97 -37.48
N MET C 224 12.23 -39.21 -36.40
CA MET C 224 10.76 -39.18 -36.44
C MET C 224 10.15 -38.46 -35.25
N THR C 225 8.93 -37.97 -35.45
CA THR C 225 8.07 -37.50 -34.37
C THR C 225 6.60 -37.72 -34.75
N ILE C 226 5.71 -37.59 -33.78
CA ILE C 226 4.27 -37.75 -33.98
C ILE C 226 3.60 -36.41 -33.68
N ASN C 227 2.87 -35.86 -34.65
CA ASN C 227 2.29 -34.52 -34.50
C ASN C 227 1.26 -34.23 -35.60
N GLY C 228 0.53 -33.12 -35.44
CA GLY C 228 -0.57 -32.78 -36.34
C GLY C 228 -0.25 -31.68 -37.34
N PRO C 229 -1.24 -31.33 -38.19
CA PRO C 229 -1.05 -30.33 -39.25
C PRO C 229 -0.60 -28.96 -38.76
N TRP C 230 -0.95 -28.61 -37.54
CA TRP C 230 -0.53 -27.36 -36.92
C TRP C 230 1.00 -27.24 -36.75
N ALA C 231 1.70 -28.37 -36.70
CA ALA C 231 3.17 -28.36 -36.54
C ALA C 231 3.98 -28.18 -37.83
N TRP C 232 3.32 -28.23 -38.99
CA TRP C 232 4.04 -28.28 -40.26
C TRP C 232 4.86 -27.03 -40.61
N SER C 233 4.35 -25.84 -40.30
CA SER C 233 5.03 -24.61 -40.72
C SER C 233 6.30 -24.32 -39.91
N ASN C 234 6.35 -24.78 -38.67
CA ASN C 234 7.62 -24.73 -37.92
C ASN C 234 8.68 -25.53 -38.65
N ILE C 235 8.27 -26.68 -39.21
CA ILE C 235 9.19 -27.58 -39.91
C ILE C 235 9.58 -26.99 -41.27
N ASP C 236 8.66 -26.29 -41.92
CA ASP C 236 8.95 -25.57 -43.16
C ASP C 236 10.07 -24.55 -42.93
N THR C 237 9.97 -23.77 -41.85
CA THR C 237 10.97 -22.75 -41.52
C THR C 237 12.29 -23.35 -41.05
N SER C 238 12.24 -24.53 -40.42
CA SER C 238 13.46 -25.28 -40.07
C SER C 238 14.17 -25.83 -41.30
N LYS C 239 13.41 -26.02 -42.38
CA LYS C 239 13.91 -26.53 -43.67
C LYS C 239 14.38 -27.98 -43.56
N VAL C 240 13.84 -28.72 -42.58
CA VAL C 240 14.14 -30.13 -42.45
C VAL C 240 13.39 -30.87 -43.54
N ASN C 241 14.10 -31.59 -44.39
CA ASN C 241 13.47 -32.34 -45.46
C ASN C 241 12.63 -33.47 -44.86
N TYR C 242 11.33 -33.22 -44.73
CA TYR C 242 10.44 -34.08 -43.95
C TYR C 242 9.30 -34.64 -44.77
N GLY C 243 8.82 -35.81 -44.36
CA GLY C 243 7.62 -36.41 -44.91
C GLY C 243 6.58 -36.60 -43.81
N VAL C 244 5.33 -36.76 -44.23
CA VAL C 244 4.23 -37.05 -43.32
C VAL C 244 3.50 -38.26 -43.87
N THR C 245 3.40 -39.31 -43.06
CA THR C 245 2.88 -40.57 -43.54
C THR C 245 2.01 -41.27 -42.48
N VAL C 246 1.47 -42.42 -42.87
CA VAL C 246 0.62 -43.22 -41.97
C VAL C 246 1.41 -43.63 -40.73
N LEU C 247 0.73 -43.64 -39.59
CA LEU C 247 1.37 -44.02 -38.32
C LEU C 247 1.70 -45.49 -38.35
N PRO C 248 2.75 -45.89 -37.61
CA PRO C 248 3.13 -47.31 -37.62
C PRO C 248 2.05 -48.21 -37.02
N THR C 249 2.01 -49.45 -37.48
CA THR C 249 1.08 -50.45 -36.96
C THR C 249 1.65 -51.09 -35.70
N PHE C 250 0.76 -51.49 -34.79
CA PHE C 250 1.16 -52.25 -33.62
C PHE C 250 0.44 -53.59 -33.67
N LYS C 251 1.22 -54.66 -33.66
CA LYS C 251 0.70 -56.02 -33.75
C LYS C 251 -0.23 -56.18 -34.96
N GLY C 252 0.21 -55.64 -36.09
CA GLY C 252 -0.52 -55.76 -37.36
C GLY C 252 -1.70 -54.82 -37.53
N GLN C 253 -2.06 -54.08 -36.48
CA GLN C 253 -3.26 -53.24 -36.50
C GLN C 253 -2.88 -51.76 -36.50
N PRO C 254 -3.70 -50.91 -37.15
CA PRO C 254 -3.34 -49.49 -37.27
C PRO C 254 -3.35 -48.73 -35.94
N SER C 255 -2.44 -47.79 -35.80
CA SER C 255 -2.53 -46.78 -34.75
C SER C 255 -3.85 -46.04 -34.93
N LYS C 256 -4.55 -45.77 -33.82
CA LYS C 256 -5.87 -45.16 -33.86
C LYS C 256 -5.88 -43.79 -33.20
N PRO C 257 -5.38 -42.77 -33.91
CA PRO C 257 -5.39 -41.44 -33.32
C PRO C 257 -6.80 -40.91 -33.16
N PHE C 258 -6.99 -39.98 -32.22
CA PHE C 258 -8.28 -39.33 -32.07
C PHE C 258 -8.54 -38.40 -33.25
N VAL C 259 -9.80 -38.36 -33.69
CA VAL C 259 -10.18 -37.55 -34.83
C VAL C 259 -10.93 -36.32 -34.35
N GLY C 260 -10.49 -35.16 -34.84
CA GLY C 260 -11.14 -33.89 -34.57
C GLY C 260 -11.73 -33.35 -35.87
N VAL C 261 -13.00 -33.00 -35.84
CA VAL C 261 -13.74 -32.54 -37.02
C VAL C 261 -14.23 -31.11 -36.81
N LEU C 262 -13.57 -30.14 -37.43
CA LEU C 262 -14.04 -28.76 -37.42
C LEU C 262 -15.44 -28.78 -37.99
N SER C 263 -16.39 -28.22 -37.25
CA SER C 263 -17.79 -28.26 -37.64
C SER C 263 -18.47 -26.91 -37.48
N ALA C 264 -19.49 -26.66 -38.30
CA ALA C 264 -20.25 -25.41 -38.23
C ALA C 264 -21.64 -25.67 -37.68
N GLY C 265 -21.93 -25.09 -36.51
CA GLY C 265 -23.23 -25.22 -35.87
C GLY C 265 -24.08 -23.98 -36.09
N ILE C 266 -25.39 -24.17 -36.08
CA ILE C 266 -26.34 -23.06 -36.16
C ILE C 266 -26.93 -22.81 -34.77
N ASN C 267 -26.99 -21.55 -34.38
CA ASN C 267 -27.49 -21.16 -33.07
C ASN C 267 -29.00 -21.39 -32.98
N ALA C 268 -29.43 -22.16 -31.98
CA ALA C 268 -30.86 -22.45 -31.81
C ALA C 268 -31.71 -21.19 -31.70
N ALA C 269 -31.12 -20.11 -31.21
CA ALA C 269 -31.81 -18.82 -31.07
C ALA C 269 -31.81 -17.95 -32.33
N SER C 270 -31.15 -18.39 -33.39
CA SER C 270 -31.02 -17.58 -34.60
C SER C 270 -32.36 -17.41 -35.31
N PRO C 271 -32.72 -16.16 -35.64
CA PRO C 271 -33.86 -15.95 -36.52
C PRO C 271 -33.51 -16.15 -37.99
N ASN C 272 -32.28 -16.58 -38.27
CA ASN C 272 -31.76 -16.67 -39.64
C ASN C 272 -31.24 -18.07 -39.99
N LYS C 273 -31.97 -19.10 -39.59
CA LYS C 273 -31.52 -20.48 -39.79
C LYS C 273 -31.44 -20.83 -41.28
N GLU C 274 -32.44 -20.39 -42.04
CA GLU C 274 -32.50 -20.66 -43.48
C GLU C 274 -31.35 -19.97 -44.21
N LEU C 275 -31.05 -18.73 -43.85
CA LEU C 275 -29.90 -18.02 -44.40
C LEU C 275 -28.60 -18.77 -44.10
N ALA C 276 -28.49 -19.27 -42.87
CA ALA C 276 -27.31 -20.04 -42.43
C ALA C 276 -27.16 -21.35 -43.21
N LYS C 277 -28.29 -22.03 -43.45
CA LYS C 277 -28.30 -23.27 -44.23
C LYS C 277 -27.79 -23.05 -45.65
N GLU C 278 -28.31 -22.01 -46.30
CA GLU C 278 -27.90 -21.65 -47.66
C GLU C 278 -26.43 -21.27 -47.69
N PHE C 279 -26.00 -20.41 -46.77
CA PHE C 279 -24.59 -20.03 -46.70
C PHE C 279 -23.71 -21.27 -46.52
N LEU C 280 -24.03 -22.06 -45.51
CA LEU C 280 -23.20 -23.23 -45.19
C LEU C 280 -23.20 -24.28 -46.31
N GLU C 281 -24.38 -24.65 -46.80
CA GLU C 281 -24.50 -25.74 -47.78
C GLU C 281 -24.05 -25.33 -49.18
N ASN C 282 -24.51 -24.19 -49.66
CA ASN C 282 -24.27 -23.83 -51.05
C ASN C 282 -23.12 -22.85 -51.30
N TYR C 283 -22.57 -22.24 -50.25
CA TYR C 283 -21.47 -21.29 -50.45
C TYR C 283 -20.16 -21.81 -49.84
N LEU C 284 -20.16 -22.11 -48.54
CA LEU C 284 -18.94 -22.58 -47.88
C LEU C 284 -18.54 -23.98 -48.35
N LEU C 285 -19.45 -24.93 -48.22
CA LEU C 285 -19.15 -26.32 -48.53
C LEU C 285 -19.17 -26.61 -50.04
N THR C 286 -18.32 -25.87 -50.75
CA THR C 286 -18.09 -26.08 -52.17
C THR C 286 -16.60 -26.03 -52.36
N ASP C 287 -16.11 -26.50 -53.50
CA ASP C 287 -14.69 -26.39 -53.82
C ASP C 287 -14.23 -24.93 -53.74
N GLU C 288 -14.99 -24.02 -54.33
CA GLU C 288 -14.66 -22.59 -54.32
C GLU C 288 -14.57 -22.01 -52.91
N GLY C 289 -15.55 -22.36 -52.06
CA GLY C 289 -15.66 -21.80 -50.72
C GLY C 289 -14.55 -22.26 -49.78
N LEU C 290 -14.35 -23.58 -49.71
CA LEU C 290 -13.29 -24.13 -48.89
C LEU C 290 -11.92 -23.68 -49.38
N GLU C 291 -11.75 -23.53 -50.70
CA GLU C 291 -10.47 -23.03 -51.25
C GLU C 291 -10.16 -21.63 -50.74
N ALA C 292 -11.18 -20.77 -50.67
CA ALA C 292 -11.00 -19.40 -50.17
C ALA C 292 -10.51 -19.40 -48.72
N VAL C 293 -11.06 -20.29 -47.90
CA VAL C 293 -10.63 -20.41 -46.51
C VAL C 293 -9.23 -21.02 -46.42
N ASN C 294 -9.01 -22.12 -47.14
CA ASN C 294 -7.72 -22.82 -47.18
C ASN C 294 -6.57 -21.91 -47.62
N LYS C 295 -6.86 -21.07 -48.61
CA LYS C 295 -5.90 -20.12 -49.18
C LYS C 295 -5.42 -19.14 -48.11
N ASP C 296 -6.32 -18.73 -47.23
CA ASP C 296 -6.00 -17.84 -46.12
C ASP C 296 -5.19 -18.59 -45.06
N LYS C 297 -5.77 -19.65 -44.50
CA LYS C 297 -5.03 -20.56 -43.62
C LYS C 297 -5.46 -22.00 -43.89
N PRO C 298 -4.48 -22.88 -44.20
CA PRO C 298 -4.81 -24.25 -44.62
C PRO C 298 -5.70 -24.97 -43.63
N LEU C 299 -6.66 -25.73 -44.17
CA LEU C 299 -7.64 -26.45 -43.38
C LEU C 299 -7.19 -27.87 -43.06
N GLY C 300 -6.14 -28.34 -43.75
CA GLY C 300 -5.72 -29.73 -43.67
C GLY C 300 -6.60 -30.59 -44.55
N ALA C 301 -6.95 -31.77 -44.06
CA ALA C 301 -7.90 -32.64 -44.75
C ALA C 301 -9.28 -32.06 -44.55
N VAL C 302 -10.09 -32.06 -45.61
CA VAL C 302 -11.47 -31.58 -45.52
C VAL C 302 -12.49 -32.70 -45.66
N ALA C 303 -13.70 -32.45 -45.18
CA ALA C 303 -14.78 -33.43 -45.21
C ALA C 303 -15.46 -33.49 -46.58
N LEU C 304 -15.37 -32.41 -47.36
CA LEU C 304 -15.99 -32.39 -48.70
C LEU C 304 -15.16 -33.25 -49.66
N LYS C 305 -15.71 -34.40 -50.04
CA LYS C 305 -15.03 -35.34 -50.93
C LYS C 305 -14.35 -34.66 -52.12
N SER C 306 -15.10 -33.85 -52.84
CA SER C 306 -14.58 -33.26 -54.08
C SER C 306 -13.31 -32.42 -53.84
N TYR C 307 -13.28 -31.66 -52.76
CA TYR C 307 -12.11 -30.82 -52.47
C TYR C 307 -10.98 -31.59 -51.79
N GLU C 308 -11.32 -32.58 -50.97
CA GLU C 308 -10.30 -33.45 -50.36
C GLU C 308 -9.44 -34.18 -51.41
N GLU C 309 -10.08 -34.63 -52.49
CA GLU C 309 -9.38 -35.33 -53.57
C GLU C 309 -8.34 -34.43 -54.27
N GLU C 310 -8.60 -33.13 -54.31
CA GLU C 310 -7.63 -32.17 -54.86
C GLU C 310 -6.52 -31.85 -53.86
N LEU C 311 -6.86 -31.73 -52.57
CA LEU C 311 -5.87 -31.45 -51.53
C LEU C 311 -4.95 -32.64 -51.29
N ALA C 312 -5.50 -33.85 -51.36
CA ALA C 312 -4.72 -35.08 -51.09
C ALA C 312 -3.61 -35.35 -52.11
N LYS C 313 -3.53 -34.54 -53.17
CA LYS C 313 -2.35 -34.54 -54.05
C LYS C 313 -1.09 -34.14 -53.29
N ASP C 314 -1.27 -33.43 -52.17
CA ASP C 314 -0.23 -33.26 -51.17
C ASP C 314 -0.24 -34.49 -50.27
N PRO C 315 0.85 -35.29 -50.29
CA PRO C 315 0.89 -36.56 -49.55
C PRO C 315 0.76 -36.39 -48.04
N ARG C 316 1.03 -35.18 -47.55
CA ARG C 316 0.86 -34.85 -46.14
C ARG C 316 -0.61 -34.80 -45.73
N ILE C 317 -1.45 -34.35 -46.65
CA ILE C 317 -2.89 -34.22 -46.37
C ILE C 317 -3.57 -35.57 -46.51
N ALA C 318 -3.16 -36.31 -47.53
CA ALA C 318 -3.58 -37.69 -47.73
C ALA C 318 -3.27 -38.53 -46.50
N ALA C 319 -2.08 -38.32 -45.93
CA ALA C 319 -1.68 -39.03 -44.72
C ALA C 319 -2.59 -38.68 -43.54
N THR C 320 -2.91 -37.40 -43.38
CA THR C 320 -3.82 -36.97 -42.30
C THR C 320 -5.17 -37.69 -42.39
N MET C 321 -5.71 -37.76 -43.61
CA MET C 321 -7.01 -38.36 -43.86
C MET C 321 -6.98 -39.87 -43.62
N GLU C 322 -5.93 -40.52 -44.09
CA GLU C 322 -5.76 -41.95 -43.88
C GLU C 322 -5.75 -42.30 -42.38
N ASN C 323 -4.93 -41.57 -41.61
CA ASN C 323 -4.86 -41.77 -40.16
C ASN C 323 -6.17 -41.46 -39.44
N ALA C 324 -6.88 -40.42 -39.90
CA ALA C 324 -8.19 -40.08 -39.38
C ALA C 324 -9.22 -41.20 -39.55
N GLN C 325 -9.24 -41.81 -40.73
CA GLN C 325 -10.21 -42.86 -41.04
C GLN C 325 -9.98 -44.13 -40.23
N LYS C 326 -8.71 -44.46 -40.00
CA LYS C 326 -8.37 -45.58 -39.11
C LYS C 326 -8.51 -45.18 -37.64
N GLY C 327 -8.65 -43.88 -37.38
CA GLY C 327 -8.76 -43.36 -36.03
C GLY C 327 -10.10 -43.54 -35.35
N GLU C 328 -10.18 -43.02 -34.12
CA GLU C 328 -11.40 -42.99 -33.33
C GLU C 328 -11.92 -41.55 -33.34
N ILE C 329 -13.19 -41.37 -33.75
CA ILE C 329 -13.84 -40.08 -33.60
C ILE C 329 -13.82 -39.73 -32.12
N MET C 330 -13.49 -38.48 -31.81
CA MET C 330 -13.50 -38.00 -30.44
C MET C 330 -14.93 -37.99 -29.91
N PRO C 331 -15.21 -38.74 -28.84
CA PRO C 331 -16.57 -38.69 -28.32
C PRO C 331 -16.98 -37.29 -27.87
N ASN C 332 -18.26 -36.97 -28.05
CA ASN C 332 -18.78 -35.62 -27.79
C ASN C 332 -19.68 -35.61 -26.56
N ILE C 333 -19.29 -36.40 -25.57
CA ILE C 333 -20.08 -36.54 -24.35
C ILE C 333 -19.32 -35.92 -23.19
N PRO C 334 -20.04 -35.54 -22.11
CA PRO C 334 -19.36 -34.88 -20.99
C PRO C 334 -18.37 -35.81 -20.29
N GLN C 335 -18.63 -37.12 -20.32
CA GLN C 335 -17.82 -38.09 -19.56
C GLN C 335 -16.37 -38.16 -20.02
N MET C 336 -16.06 -37.58 -21.18
CA MET C 336 -14.69 -37.55 -21.69
C MET C 336 -13.72 -36.78 -20.81
N SER C 337 -14.21 -35.78 -20.07
CA SER C 337 -13.34 -34.98 -19.21
C SER C 337 -12.69 -35.85 -18.11
N ALA C 338 -13.42 -36.84 -17.62
CA ALA C 338 -12.86 -37.81 -16.67
C ALA C 338 -11.82 -38.69 -17.36
N PHE C 339 -12.13 -39.08 -18.60
CA PHE C 339 -11.23 -39.94 -19.38
C PHE C 339 -9.86 -39.31 -19.52
N TRP C 340 -9.84 -38.04 -19.95
CA TRP C 340 -8.58 -37.34 -20.20
C TRP C 340 -7.66 -37.31 -18.99
N TYR C 341 -8.19 -36.83 -17.87
CA TYR C 341 -7.39 -36.75 -16.66
C TYR C 341 -6.94 -38.13 -16.20
N ALA C 342 -7.87 -39.07 -16.10
CA ALA C 342 -7.56 -40.40 -15.57
C ALA C 342 -6.50 -41.11 -16.39
N VAL C 343 -6.55 -40.94 -17.71
CA VAL C 343 -5.61 -41.62 -18.60
C VAL C 343 -4.25 -40.93 -18.58
N ARG C 344 -4.25 -39.59 -18.69
CA ARG C 344 -3.03 -38.79 -18.54
C ARG C 344 -2.22 -39.22 -17.33
N THR C 345 -2.89 -39.36 -16.19
CA THR C 345 -2.26 -39.80 -14.94
C THR C 345 -1.72 -41.25 -15.04
N ALA C 346 -2.53 -42.13 -15.60
CA ALA C 346 -2.16 -43.55 -15.70
C ALA C 346 -0.91 -43.77 -16.57
N VAL C 347 -0.77 -42.97 -17.62
CA VAL C 347 0.41 -43.06 -18.49
C VAL C 347 1.63 -42.50 -17.74
N ILE C 348 1.46 -41.35 -17.11
CA ILE C 348 2.51 -40.76 -16.25
C ILE C 348 2.99 -41.79 -15.22
N ASN C 349 2.04 -42.41 -14.52
CA ASN C 349 2.35 -43.43 -13.51
C ASN C 349 3.19 -44.59 -14.06
N ALA C 350 2.86 -45.03 -15.27
CA ALA C 350 3.53 -46.18 -15.89
C ALA C 350 4.91 -45.78 -16.43
N ALA C 351 4.98 -44.64 -17.10
CA ALA C 351 6.23 -44.17 -17.69
C ALA C 351 7.29 -43.82 -16.65
N SER C 352 6.86 -43.38 -15.47
CA SER C 352 7.77 -42.96 -14.40
C SER C 352 8.06 -44.07 -13.38
N GLY C 353 7.43 -45.22 -13.55
CA GLY C 353 7.64 -46.36 -12.65
C GLY C 353 6.90 -46.23 -11.32
N ARG C 354 5.98 -45.27 -11.23
CA ARG C 354 5.18 -45.07 -10.01
C ARG C 354 4.18 -46.22 -9.84
N GLN C 355 3.77 -46.82 -10.96
CA GLN C 355 2.91 -47.98 -10.96
C GLN C 355 3.26 -48.92 -12.11
N THR C 356 2.76 -50.15 -12.03
CA THR C 356 2.76 -51.07 -13.15
C THR C 356 1.75 -50.58 -14.18
N VAL C 357 1.88 -51.08 -15.40
CA VAL C 357 0.93 -50.77 -16.47
C VAL C 357 -0.49 -51.25 -16.12
N ASP C 358 -0.57 -52.44 -15.51
CA ASP C 358 -1.84 -53.05 -15.12
C ASP C 358 -2.60 -52.20 -14.10
N GLU C 359 -1.93 -51.90 -12.98
CA GLU C 359 -2.56 -51.14 -11.92
C GLU C 359 -2.94 -49.75 -12.41
N ALA C 360 -2.02 -49.08 -13.10
CA ALA C 360 -2.26 -47.73 -13.58
C ALA C 360 -3.49 -47.66 -14.47
N LEU C 361 -3.68 -48.68 -15.33
CA LEU C 361 -4.83 -48.70 -16.24
C LEU C 361 -6.10 -49.19 -15.55
N LYS C 362 -5.94 -50.04 -14.55
CA LYS C 362 -7.06 -50.50 -13.75
C LYS C 362 -7.68 -49.29 -13.05
N ASP C 363 -6.86 -48.57 -12.30
CA ASP C 363 -7.33 -47.43 -11.51
C ASP C 363 -7.95 -46.34 -12.41
N ALA C 364 -7.35 -46.12 -13.58
CA ALA C 364 -7.92 -45.20 -14.58
C ALA C 364 -9.28 -45.67 -15.10
N GLN C 365 -9.47 -46.97 -15.24
CA GLN C 365 -10.76 -47.53 -15.62
C GLN C 365 -11.79 -47.23 -14.54
N THR C 366 -11.42 -47.53 -13.29
CA THR C 366 -12.29 -47.34 -12.14
C THR C 366 -12.73 -45.88 -11.96
N ARG C 367 -11.82 -44.93 -12.20
CA ARG C 367 -12.13 -43.51 -11.98
C ARG C 367 -13.12 -42.96 -13.00
N ILE C 368 -13.12 -43.51 -14.21
CA ILE C 368 -13.98 -43.05 -15.29
C ILE C 368 -15.41 -43.59 -15.15
N THR C 369 -15.53 -44.86 -14.79
CA THR C 369 -16.80 -45.58 -14.86
C THR C 369 -17.74 -45.32 -13.69
N LYS C 370 -17.20 -44.95 -12.54
CA LYS C 370 -18.01 -44.64 -11.36
C LYS C 370 -17.46 -43.42 -10.63
N SER D 12 -20.54 30.08 -5.74
CA SER D 12 -21.21 28.75 -5.64
C SER D 12 -21.70 28.47 -4.22
N ASP D 13 -22.96 28.86 -3.95
CA ASP D 13 -23.64 28.57 -2.69
C ASP D 13 -25.00 27.95 -2.95
N ALA D 14 -25.83 28.64 -3.73
CA ALA D 14 -27.11 28.11 -4.23
C ALA D 14 -26.89 27.13 -5.39
N LEU D 15 -25.68 27.11 -5.94
CA LEU D 15 -25.27 26.15 -6.97
C LEU D 15 -25.33 24.71 -6.46
N LYS D 16 -25.06 24.53 -5.16
CA LYS D 16 -25.03 23.19 -4.56
C LYS D 16 -26.37 22.48 -4.69
N TRP D 17 -27.45 23.13 -4.25
CA TRP D 17 -28.79 22.52 -4.26
C TRP D 17 -29.35 22.31 -5.67
N SER D 18 -28.91 23.13 -6.62
CA SER D 18 -29.32 22.95 -8.02
C SER D 18 -28.54 21.79 -8.66
N VAL D 19 -27.26 21.67 -8.33
CA VAL D 19 -26.46 20.51 -8.76
C VAL D 19 -26.98 19.24 -8.10
N LEU D 20 -27.35 19.33 -6.83
CA LEU D 20 -27.97 18.22 -6.10
C LEU D 20 -29.33 17.88 -6.74
N GLY D 21 -30.08 18.92 -7.11
CA GLY D 21 -31.37 18.75 -7.78
C GLY D 21 -31.27 18.20 -9.19
N LEU D 22 -30.29 18.69 -9.96
CA LEU D 22 -30.09 18.24 -11.33
C LEU D 22 -29.63 16.78 -11.44
N LEU D 23 -28.78 16.36 -10.50
CA LEU D 23 -28.36 14.96 -10.42
C LEU D 23 -29.48 14.06 -9.92
N GLY D 24 -30.27 14.57 -8.98
CA GLY D 24 -31.45 13.86 -8.50
C GLY D 24 -32.60 13.87 -9.49
N LEU D 25 -32.39 14.50 -10.64
CA LEU D 25 -33.34 14.50 -11.74
C LEU D 25 -32.97 13.40 -12.74
N LEU D 26 -31.68 13.27 -13.02
CA LEU D 26 -31.17 12.15 -13.82
C LEU D 26 -31.51 10.83 -13.12
N VAL D 27 -31.26 10.80 -11.81
CA VAL D 27 -31.79 9.75 -10.95
C VAL D 27 -33.30 9.97 -10.87
N GLY D 28 -34.06 8.88 -10.94
CA GLY D 28 -35.53 8.96 -11.00
C GLY D 28 -35.95 8.84 -12.44
N TYR D 29 -35.35 9.68 -13.29
CA TYR D 29 -35.47 9.55 -14.74
C TYR D 29 -34.92 8.19 -15.15
N LEU D 30 -33.68 7.90 -14.77
CA LEU D 30 -33.07 6.60 -15.06
C LEU D 30 -33.81 5.45 -14.36
N VAL D 31 -34.40 5.72 -13.19
CA VAL D 31 -35.11 4.69 -12.42
C VAL D 31 -36.45 4.30 -13.05
N VAL D 32 -37.25 5.30 -13.41
CA VAL D 32 -38.55 5.06 -14.06
C VAL D 32 -38.32 4.44 -15.43
N LEU D 33 -37.30 4.94 -16.13
CA LEU D 33 -36.90 4.40 -17.43
C LEU D 33 -36.46 2.93 -17.33
N MET D 34 -35.93 2.54 -16.17
CA MET D 34 -35.65 1.12 -15.88
C MET D 34 -36.90 0.35 -15.48
N TYR D 35 -37.88 1.04 -14.90
CA TYR D 35 -39.15 0.42 -14.52
C TYR D 35 -39.91 -0.04 -15.76
N ALA D 36 -39.78 0.70 -16.85
CA ALA D 36 -40.20 0.23 -18.18
C ALA D 36 -39.46 -1.07 -18.50
N GLN D 37 -39.67 -1.63 -19.69
CA GLN D 37 -39.28 -3.03 -19.99
C GLN D 37 -39.55 -3.96 -18.80
N GLY D 38 -38.68 -3.93 -17.78
CA GLY D 38 -38.93 -4.63 -16.52
C GLY D 38 -37.70 -4.96 -15.69
N GLU D 39 -36.74 -4.03 -15.64
CA GLU D 39 -35.51 -4.22 -14.87
C GLU D 39 -35.73 -3.73 -13.44
N TYR D 40 -36.45 -4.53 -12.65
CA TYR D 40 -36.89 -4.12 -11.32
C TYR D 40 -35.77 -4.22 -10.28
N LEU D 41 -35.07 -5.36 -10.28
CA LEU D 41 -33.87 -5.52 -9.44
C LEU D 41 -32.94 -4.34 -9.70
N PHE D 42 -32.81 -3.97 -10.99
CA PHE D 42 -31.91 -2.90 -11.39
C PHE D 42 -32.43 -1.50 -11.05
N ALA D 43 -33.74 -1.30 -11.11
CA ALA D 43 -34.33 0.00 -10.81
C ALA D 43 -34.37 0.27 -9.30
N ILE D 44 -34.61 -0.77 -8.51
CA ILE D 44 -34.66 -0.66 -7.05
C ILE D 44 -33.25 -0.46 -6.52
N THR D 45 -32.32 -1.27 -7.00
CA THR D 45 -30.93 -1.20 -6.53
C THR D 45 -30.30 0.15 -6.91
N THR D 46 -30.63 0.67 -8.09
CA THR D 46 -30.09 1.95 -8.56
C THR D 46 -30.68 3.11 -7.75
N LEU D 47 -31.88 2.91 -7.21
CA LEU D 47 -32.57 3.95 -6.46
C LEU D 47 -31.99 4.13 -5.05
N ILE D 48 -31.78 3.03 -4.34
CA ILE D 48 -31.30 3.09 -2.96
C ILE D 48 -29.87 3.63 -2.92
N LEU D 49 -29.08 3.26 -3.93
CA LEU D 49 -27.69 3.64 -4.02
C LEU D 49 -27.57 5.14 -4.23
N SER D 50 -28.32 5.65 -5.21
CA SER D 50 -28.36 7.09 -5.49
C SER D 50 -28.89 7.89 -4.31
N SER D 51 -29.95 7.40 -3.70
CA SER D 51 -30.58 8.09 -2.56
C SER D 51 -29.60 8.20 -1.40
N ALA D 52 -28.86 7.13 -1.14
CA ALA D 52 -27.84 7.12 -0.10
C ALA D 52 -26.80 8.20 -0.38
N GLY D 53 -26.37 8.32 -1.63
CA GLY D 53 -25.39 9.32 -2.04
C GLY D 53 -25.92 10.74 -1.98
N LEU D 54 -27.13 10.95 -2.47
CA LEU D 54 -27.74 12.27 -2.46
C LEU D 54 -27.98 12.74 -1.03
N TYR D 55 -28.44 11.83 -0.18
CA TYR D 55 -28.61 12.11 1.25
C TYR D 55 -27.28 12.54 1.88
N ILE D 56 -26.23 11.79 1.60
CA ILE D 56 -24.92 12.02 2.21
C ILE D 56 -24.35 13.40 1.87
N PHE D 57 -24.45 13.82 0.62
CA PHE D 57 -23.91 15.12 0.20
C PHE D 57 -24.88 16.27 0.47
N ALA D 58 -26.10 15.95 0.89
CA ALA D 58 -27.12 16.96 1.19
C ALA D 58 -26.93 17.52 2.60
N ASN D 59 -26.91 16.64 3.60
CA ASN D 59 -26.77 17.08 4.99
C ASN D 59 -25.35 16.91 5.52
N ARG D 60 -24.89 17.91 6.26
CA ARG D 60 -23.49 18.04 6.65
C ARG D 60 -23.09 17.19 7.86
N LYS D 61 -24.06 16.50 8.46
CA LYS D 61 -23.77 15.57 9.57
C LYS D 61 -23.39 14.18 9.06
N ALA D 62 -23.48 13.97 7.74
CA ALA D 62 -23.00 12.75 7.11
C ALA D 62 -21.65 12.98 6.42
N TYR D 63 -20.99 14.10 6.74
CA TYR D 63 -19.71 14.49 6.14
C TYR D 63 -18.77 13.32 5.91
N ALA D 64 -18.52 12.55 6.97
CA ALA D 64 -17.57 11.44 6.91
C ALA D 64 -17.88 10.46 5.79
N TRP D 65 -19.17 10.16 5.61
CA TRP D 65 -19.60 9.16 4.63
C TRP D 65 -19.38 9.62 3.18
N ARG D 66 -19.17 10.92 2.97
CA ARG D 66 -18.87 11.46 1.65
C ARG D 66 -17.55 10.91 1.12
N TYR D 67 -16.61 10.67 2.03
CA TYR D 67 -15.30 10.11 1.69
C TYR D 67 -15.35 8.62 1.43
N VAL D 68 -16.32 7.95 2.05
CA VAL D 68 -16.39 6.48 2.05
C VAL D 68 -17.32 5.95 0.95
N TYR D 69 -18.37 6.71 0.64
CA TYR D 69 -19.45 6.24 -0.23
C TYR D 69 -19.02 5.89 -1.65
N PRO D 70 -18.22 6.76 -2.31
CA PRO D 70 -17.79 6.44 -3.68
C PRO D 70 -17.02 5.15 -3.78
N GLY D 71 -16.10 4.93 -2.86
CA GLY D 71 -15.36 3.68 -2.80
C GLY D 71 -16.25 2.51 -2.42
N MET D 72 -17.14 2.71 -1.46
CA MET D 72 -18.06 1.64 -1.04
C MET D 72 -18.99 1.22 -2.17
N ALA D 73 -19.53 2.21 -2.88
CA ALA D 73 -20.44 1.95 -4.00
C ALA D 73 -19.78 1.04 -5.04
N GLY D 74 -18.56 1.38 -5.44
CA GLY D 74 -17.82 0.57 -6.40
C GLY D 74 -17.63 -0.85 -5.91
N MET D 75 -17.26 -0.99 -4.64
CA MET D 75 -17.09 -2.30 -4.02
C MET D 75 -18.39 -3.10 -4.01
N GLY D 76 -19.52 -2.43 -3.79
CA GLY D 76 -20.81 -3.11 -3.80
C GLY D 76 -21.10 -3.70 -5.16
N LEU D 77 -20.98 -2.89 -6.20
CA LEU D 77 -21.27 -3.31 -7.56
C LEU D 77 -20.43 -4.48 -8.05
N PHE D 78 -19.11 -4.41 -7.79
CA PHE D 78 -18.16 -5.27 -8.50
C PHE D 78 -17.43 -6.26 -7.60
N VAL D 79 -17.73 -6.25 -6.32
CA VAL D 79 -17.26 -7.31 -5.42
C VAL D 79 -18.46 -8.02 -4.77
N LEU D 80 -19.34 -7.25 -4.14
CA LEU D 80 -20.42 -7.82 -3.36
C LEU D 80 -21.51 -8.45 -4.25
N PHE D 81 -21.91 -7.74 -5.30
CA PHE D 81 -22.94 -8.24 -6.19
C PHE D 81 -22.55 -9.60 -6.80
N PRO D 82 -21.34 -9.72 -7.37
CA PRO D 82 -20.90 -11.03 -7.84
C PRO D 82 -20.85 -12.09 -6.75
N LEU D 83 -20.42 -11.68 -5.56
CA LEU D 83 -20.40 -12.54 -4.38
C LEU D 83 -21.79 -13.11 -4.06
N VAL D 84 -22.81 -12.26 -4.12
CA VAL D 84 -24.17 -12.67 -3.76
C VAL D 84 -24.75 -13.59 -4.82
N CYS D 85 -24.49 -13.28 -6.09
CA CYS D 85 -24.99 -14.09 -7.21
C CYS D 85 -24.45 -15.50 -7.11
N THR D 86 -23.14 -15.60 -6.85
CA THR D 86 -22.49 -16.89 -6.68
C THR D 86 -23.15 -17.67 -5.55
N ILE D 87 -23.38 -17.00 -4.43
CA ILE D 87 -24.05 -17.61 -3.29
C ILE D 87 -25.46 -18.02 -3.71
N ALA D 88 -26.16 -17.14 -4.42
CA ALA D 88 -27.54 -17.39 -4.83
C ALA D 88 -27.63 -18.62 -5.73
N ILE D 89 -26.68 -18.73 -6.66
CA ILE D 89 -26.65 -19.83 -7.62
C ILE D 89 -26.33 -21.16 -6.94
N ALA D 90 -25.67 -21.12 -5.79
CA ALA D 90 -25.41 -22.33 -4.99
C ALA D 90 -26.69 -23.11 -4.63
N PHE D 91 -27.82 -22.42 -4.50
CA PHE D 91 -29.10 -23.04 -4.17
C PHE D 91 -29.90 -23.52 -5.39
N THR D 92 -29.23 -23.72 -6.52
CA THR D 92 -29.87 -24.16 -7.77
C THR D 92 -29.00 -25.20 -8.49
N ASN D 93 -29.58 -25.86 -9.50
CA ASN D 93 -28.86 -26.87 -10.29
C ASN D 93 -28.19 -26.29 -11.52
N TYR D 94 -27.99 -24.97 -11.55
CA TYR D 94 -27.41 -24.29 -12.69
C TYR D 94 -26.13 -25.01 -13.12
N SER D 95 -26.18 -25.56 -14.33
CA SER D 95 -25.09 -26.33 -14.90
C SER D 95 -25.24 -26.35 -16.41
N SER D 96 -24.30 -26.96 -17.09
CA SER D 96 -24.39 -27.13 -18.53
C SER D 96 -25.55 -28.06 -18.94
N THR D 97 -25.98 -28.91 -18.02
CA THR D 97 -27.16 -29.77 -18.24
C THR D 97 -28.47 -29.00 -18.05
N ASN D 98 -28.51 -28.10 -17.07
CA ASN D 98 -29.68 -27.29 -16.76
C ASN D 98 -29.31 -25.82 -16.83
N GLN D 99 -29.05 -25.32 -18.03
CA GLN D 99 -28.48 -23.98 -18.19
C GLN D 99 -29.52 -22.91 -18.56
N LEU D 100 -30.59 -23.31 -19.22
CA LEU D 100 -31.61 -22.38 -19.68
C LEU D 100 -32.64 -22.10 -18.59
N THR D 101 -33.33 -20.96 -18.72
CA THR D 101 -34.50 -20.66 -17.93
C THR D 101 -35.61 -21.61 -18.41
N PHE D 102 -36.66 -21.79 -17.62
CA PHE D 102 -37.78 -22.62 -18.06
C PHE D 102 -38.33 -22.09 -19.38
N GLU D 103 -38.50 -20.78 -19.48
CA GLU D 103 -39.03 -20.14 -20.68
C GLU D 103 -38.21 -20.46 -21.94
N ARG D 104 -36.91 -20.24 -21.86
CA ARG D 104 -36.02 -20.52 -22.99
C ARG D 104 -36.00 -22.00 -23.36
N ALA D 105 -36.08 -22.89 -22.36
CA ALA D 105 -36.08 -24.32 -22.63
C ALA D 105 -37.35 -24.72 -23.38
N GLN D 106 -38.49 -24.25 -22.89
CA GLN D 106 -39.77 -24.50 -23.55
C GLN D 106 -39.75 -23.95 -24.97
N GLU D 107 -39.26 -22.72 -25.10
CA GLU D 107 -39.10 -22.04 -26.39
C GLU D 107 -38.23 -22.85 -27.36
N VAL D 108 -37.12 -23.37 -26.85
CA VAL D 108 -36.24 -24.24 -27.63
C VAL D 108 -36.99 -25.48 -28.11
N LEU D 109 -37.74 -26.11 -27.20
CA LEU D 109 -38.52 -27.29 -27.54
C LEU D 109 -39.61 -27.00 -28.59
N LEU D 110 -40.24 -25.83 -28.49
CA LEU D 110 -41.30 -25.45 -29.43
C LEU D 110 -40.79 -25.06 -30.84
N ASP D 111 -39.49 -24.84 -30.99
CA ASP D 111 -38.89 -24.62 -32.32
C ASP D 111 -38.47 -25.92 -33.00
N ARG D 112 -38.42 -27.02 -32.24
CA ARG D 112 -38.07 -28.33 -32.81
C ARG D 112 -39.11 -28.75 -33.85
N SER D 113 -38.64 -29.32 -34.96
CA SER D 113 -39.53 -29.77 -36.02
C SER D 113 -39.27 -31.22 -36.43
N TRP D 114 -40.20 -31.77 -37.19
CA TRP D 114 -39.99 -33.05 -37.86
C TRP D 114 -40.61 -33.05 -39.26
N GLN D 115 -40.01 -33.79 -40.17
CA GLN D 115 -40.51 -33.84 -41.54
C GLN D 115 -41.71 -34.77 -41.63
N ALA D 116 -42.88 -34.21 -41.87
CA ALA D 116 -44.13 -34.97 -41.85
C ALA D 116 -44.62 -35.36 -43.24
N GLY D 117 -43.76 -35.28 -44.26
CA GLY D 117 -44.20 -35.61 -45.61
C GLY D 117 -43.18 -35.38 -46.70
N LYS D 118 -43.65 -34.88 -47.83
CA LYS D 118 -42.85 -34.79 -49.05
C LYS D 118 -41.95 -33.56 -49.04
N THR D 119 -40.99 -33.52 -49.94
CA THR D 119 -40.06 -32.38 -50.05
C THR D 119 -39.88 -31.98 -51.51
N TYR D 120 -40.23 -30.74 -51.82
CA TYR D 120 -40.22 -30.22 -53.18
C TYR D 120 -39.24 -29.07 -53.31
N ASN D 121 -38.36 -29.13 -54.30
CA ASN D 121 -37.62 -27.95 -54.72
C ASN D 121 -38.60 -26.95 -55.30
N PHE D 122 -38.44 -25.67 -54.96
CA PHE D 122 -39.39 -24.68 -55.43
C PHE D 122 -38.71 -23.60 -56.26
N GLY D 123 -39.54 -22.92 -57.05
CA GLY D 123 -39.09 -21.80 -57.85
C GLY D 123 -40.11 -20.67 -57.80
N LEU D 124 -39.62 -19.45 -57.88
CA LEU D 124 -40.46 -18.28 -57.86
C LEU D 124 -40.40 -17.63 -59.23
N TYR D 125 -41.56 -17.40 -59.84
CA TYR D 125 -41.63 -16.90 -61.23
C TYR D 125 -42.58 -15.70 -61.35
N PRO D 126 -42.09 -14.59 -61.95
CA PRO D 126 -42.97 -13.44 -62.16
C PRO D 126 -44.02 -13.68 -63.21
N ALA D 127 -45.24 -13.24 -62.91
CA ALA D 127 -46.31 -13.13 -63.90
C ALA D 127 -46.74 -11.68 -63.91
N GLY D 128 -46.09 -10.88 -64.74
CA GLY D 128 -46.29 -9.43 -64.74
C GLY D 128 -45.78 -8.86 -63.44
N ASP D 129 -46.64 -8.16 -62.71
CA ASP D 129 -46.33 -7.62 -61.40
C ASP D 129 -46.75 -8.56 -60.26
N GLU D 130 -47.19 -9.76 -60.60
CA GLU D 130 -47.55 -10.78 -59.61
C GLU D 130 -46.53 -11.93 -59.67
N TRP D 131 -46.83 -13.04 -59.00
CA TRP D 131 -45.89 -14.16 -58.92
C TRP D 131 -46.57 -15.52 -59.08
N GLN D 132 -45.77 -16.51 -59.48
CA GLN D 132 -46.19 -17.90 -59.51
C GLN D 132 -45.18 -18.76 -58.78
N LEU D 133 -45.68 -19.74 -58.03
CA LEU D 133 -44.83 -20.67 -57.31
C LEU D 133 -44.87 -22.01 -58.04
N ALA D 134 -43.69 -22.59 -58.26
CA ALA D 134 -43.57 -23.92 -58.86
C ALA D 134 -42.95 -24.87 -57.85
N LEU D 135 -43.46 -26.09 -57.81
CA LEU D 135 -42.90 -27.15 -57.00
C LEU D 135 -42.59 -28.34 -57.89
N SER D 136 -41.46 -28.99 -57.62
CA SER D 136 -41.02 -30.15 -58.37
C SER D 136 -40.92 -31.35 -57.44
N ASP D 137 -41.60 -32.44 -57.79
CA ASP D 137 -41.46 -33.69 -57.05
C ASP D 137 -40.45 -34.62 -57.72
N GLY D 138 -39.23 -34.61 -57.21
CA GLY D 138 -38.16 -35.43 -57.75
C GLY D 138 -38.44 -36.92 -57.81
N GLU D 139 -39.28 -37.44 -56.91
CA GLU D 139 -39.46 -38.88 -56.81
C GLU D 139 -40.59 -39.44 -57.67
N THR D 140 -41.34 -38.57 -58.33
CA THR D 140 -42.32 -39.01 -59.34
C THR D 140 -42.19 -38.28 -60.68
N GLY D 141 -41.30 -37.30 -60.76
CA GLY D 141 -41.08 -36.56 -62.00
C GLY D 141 -42.23 -35.64 -62.36
N LYS D 142 -43.10 -35.35 -61.40
CA LYS D 142 -44.24 -34.45 -61.62
C LYS D 142 -43.88 -33.03 -61.19
N ASN D 143 -44.46 -32.05 -61.85
CA ASN D 143 -44.28 -30.65 -61.47
C ASN D 143 -45.62 -29.95 -61.29
N TYR D 144 -45.63 -28.93 -60.43
CA TYR D 144 -46.85 -28.23 -60.05
C TYR D 144 -46.63 -26.73 -60.11
N LEU D 145 -47.66 -25.98 -60.50
CA LEU D 145 -47.53 -24.54 -60.71
C LEU D 145 -48.79 -23.85 -60.25
N SER D 146 -48.64 -22.75 -59.50
CA SER D 146 -49.79 -22.01 -58.97
C SER D 146 -50.22 -20.90 -59.93
N ASP D 147 -51.40 -20.37 -59.69
CA ASP D 147 -51.89 -19.20 -60.43
C ASP D 147 -51.18 -17.96 -59.89
N ALA D 148 -51.42 -16.82 -60.53
CA ALA D 148 -50.77 -15.57 -60.14
C ALA D 148 -51.24 -15.13 -58.76
N PHE D 149 -50.30 -14.74 -57.91
CA PHE D 149 -50.62 -14.26 -56.56
C PHE D 149 -49.72 -13.09 -56.17
N LYS D 150 -50.16 -12.33 -55.17
CA LYS D 150 -49.37 -11.23 -54.62
C LYS D 150 -48.84 -11.65 -53.27
N PHE D 151 -47.69 -11.11 -52.89
CA PHE D 151 -47.13 -11.36 -51.56
C PHE D 151 -47.91 -10.56 -50.52
N GLY D 152 -47.98 -11.07 -49.30
CA GLY D 152 -48.64 -10.36 -48.20
C GLY D 152 -49.49 -11.25 -47.30
N GLY D 153 -48.92 -11.68 -46.18
CA GLY D 153 -49.68 -12.38 -45.14
C GLY D 153 -49.96 -13.84 -45.43
N GLU D 154 -50.72 -14.46 -44.53
CA GLU D 154 -51.06 -15.89 -44.64
C GLU D 154 -52.08 -16.13 -45.74
N GLN D 155 -51.65 -16.76 -46.82
CA GLN D 155 -52.53 -17.15 -47.91
C GLN D 155 -52.27 -18.60 -48.30
N LYS D 156 -53.31 -19.25 -48.84
CA LYS D 156 -53.21 -20.63 -49.28
C LYS D 156 -53.26 -20.68 -50.81
N LEU D 157 -52.37 -21.47 -51.40
CA LEU D 157 -52.30 -21.61 -52.85
C LEU D 157 -52.61 -23.04 -53.25
N GLN D 158 -53.66 -23.22 -54.04
CA GLN D 158 -53.93 -24.50 -54.67
C GLN D 158 -52.97 -24.62 -55.86
N LEU D 159 -52.23 -25.72 -55.91
CA LEU D 159 -51.32 -26.00 -57.01
C LEU D 159 -52.00 -26.94 -58.00
N LYS D 160 -51.57 -26.85 -59.26
CA LYS D 160 -52.11 -27.67 -60.33
C LYS D 160 -50.96 -28.41 -61.00
N GLU D 161 -51.15 -29.71 -61.24
CA GLU D 161 -50.15 -30.49 -61.96
C GLU D 161 -50.03 -29.92 -63.36
N THR D 162 -48.80 -29.85 -63.87
CA THR D 162 -48.57 -29.29 -65.18
C THR D 162 -47.41 -29.96 -65.90
N THR D 163 -47.48 -29.86 -67.22
CA THR D 163 -46.48 -30.39 -68.13
C THR D 163 -45.71 -29.23 -68.77
N ALA D 164 -46.20 -28.01 -68.58
CA ALA D 164 -45.66 -26.82 -69.24
C ALA D 164 -44.70 -26.07 -68.33
N GLN D 165 -44.15 -25.00 -68.87
CA GLN D 165 -43.24 -24.13 -68.13
C GLN D 165 -43.95 -22.83 -67.76
N PRO D 166 -43.43 -22.10 -66.74
CA PRO D 166 -43.93 -20.76 -66.48
C PRO D 166 -43.42 -19.79 -67.53
N GLU D 167 -44.18 -18.74 -67.80
CA GLU D 167 -43.78 -17.74 -68.79
C GLU D 167 -42.66 -16.83 -68.28
N GLY D 168 -42.57 -16.69 -66.96
CA GLY D 168 -41.58 -15.81 -66.35
C GLY D 168 -40.22 -16.47 -66.21
N GLU D 169 -39.20 -15.62 -66.09
CA GLU D 169 -37.83 -16.05 -65.88
C GLU D 169 -37.64 -16.35 -64.40
N ARG D 170 -37.08 -17.52 -64.08
CA ARG D 170 -36.88 -17.94 -62.69
C ARG D 170 -36.21 -16.84 -61.87
N ALA D 171 -36.80 -16.52 -60.72
CA ALA D 171 -36.26 -15.51 -59.83
C ALA D 171 -34.98 -16.03 -59.21
N ASN D 172 -34.01 -15.13 -59.07
CA ASN D 172 -32.74 -15.49 -58.44
C ASN D 172 -32.83 -15.52 -56.90
N LEU D 173 -31.71 -15.82 -56.25
CA LEU D 173 -31.65 -15.95 -54.81
C LEU D 173 -31.85 -14.62 -54.10
N ARG D 174 -31.35 -13.55 -54.70
CA ARG D 174 -31.54 -12.21 -54.15
C ARG D 174 -33.02 -11.89 -53.97
N VAL D 175 -33.83 -12.23 -54.99
CA VAL D 175 -35.27 -11.94 -54.96
C VAL D 175 -36.00 -12.89 -54.00
N ILE D 176 -35.61 -14.15 -53.98
CA ILE D 176 -36.20 -15.11 -53.05
C ILE D 176 -35.99 -14.61 -51.62
N THR D 177 -34.78 -14.13 -51.35
CA THR D 177 -34.41 -13.66 -50.02
C THR D 177 -35.19 -12.43 -49.57
N GLN D 178 -35.18 -11.38 -50.38
CA GLN D 178 -35.95 -10.17 -50.08
C GLN D 178 -37.39 -10.51 -49.67
N ASN D 179 -37.96 -11.51 -50.34
CA ASN D 179 -39.35 -11.87 -50.14
C ASN D 179 -39.56 -13.12 -49.29
N ARG D 180 -38.56 -13.49 -48.49
CA ARG D 180 -38.62 -14.73 -47.72
C ARG D 180 -39.72 -14.74 -46.64
N GLN D 181 -40.00 -13.59 -46.03
CA GLN D 181 -41.01 -13.53 -44.97
C GLN D 181 -42.39 -13.86 -45.53
N ALA D 182 -42.82 -13.09 -46.54
CA ALA D 182 -44.07 -13.34 -47.23
C ALA D 182 -44.13 -14.76 -47.79
N LEU D 183 -43.01 -15.22 -48.33
CA LEU D 183 -42.91 -16.56 -48.88
C LEU D 183 -43.15 -17.60 -47.77
N SER D 184 -42.61 -17.35 -46.58
CA SER D 184 -42.74 -18.28 -45.46
C SER D 184 -44.16 -18.33 -44.87
N ASP D 185 -45.01 -17.39 -45.26
CA ASP D 185 -46.41 -17.39 -44.82
C ASP D 185 -47.35 -18.08 -45.83
N ILE D 186 -46.81 -18.53 -46.97
CA ILE D 186 -47.63 -19.24 -47.97
C ILE D 186 -47.79 -20.71 -47.59
N THR D 187 -49.02 -21.20 -47.64
CA THR D 187 -49.30 -22.62 -47.45
C THR D 187 -49.73 -23.19 -48.80
N ALA D 188 -48.91 -24.08 -49.36
CA ALA D 188 -49.17 -24.66 -50.67
C ALA D 188 -49.93 -25.98 -50.54
N ILE D 189 -50.93 -26.15 -51.40
CA ILE D 189 -51.77 -27.35 -51.38
C ILE D 189 -51.62 -28.10 -52.70
N LEU D 190 -51.18 -29.35 -52.61
CA LEU D 190 -51.04 -30.21 -53.79
C LEU D 190 -52.43 -30.68 -54.24
N PRO D 191 -52.54 -31.18 -55.48
CA PRO D 191 -53.84 -31.66 -55.95
C PRO D 191 -54.46 -32.75 -55.06
N ASP D 192 -53.62 -33.60 -54.47
CA ASP D 192 -54.09 -34.69 -53.60
C ASP D 192 -54.34 -34.26 -52.15
N GLY D 193 -54.39 -32.94 -51.91
CA GLY D 193 -54.73 -32.42 -50.59
C GLY D 193 -53.66 -32.64 -49.55
N ASN D 194 -52.43 -32.20 -49.86
CA ASN D 194 -51.32 -32.22 -48.92
C ASN D 194 -50.78 -30.82 -48.70
N LYS D 195 -50.68 -30.42 -47.44
CA LYS D 195 -50.14 -29.12 -47.09
C LYS D 195 -48.63 -29.16 -47.15
N VAL D 196 -48.06 -28.06 -47.63
CA VAL D 196 -46.62 -27.94 -47.77
C VAL D 196 -46.23 -26.47 -47.57
N MET D 197 -45.10 -26.22 -46.90
CA MET D 197 -44.67 -24.85 -46.57
C MET D 197 -43.17 -24.72 -46.70
N MET D 198 -42.70 -23.48 -46.80
CA MET D 198 -41.28 -23.21 -46.96
C MET D 198 -40.46 -23.70 -45.76
N SER D 199 -39.44 -24.49 -46.04
CA SER D 199 -38.53 -25.01 -45.03
C SER D 199 -37.09 -24.52 -45.21
N SER D 200 -36.73 -24.17 -46.44
CA SER D 200 -35.45 -23.56 -46.77
C SER D 200 -35.66 -22.55 -47.90
N LEU D 201 -34.59 -21.89 -48.30
CA LEU D 201 -34.64 -20.95 -49.42
C LEU D 201 -34.82 -21.66 -50.77
N ARG D 202 -34.62 -22.98 -50.78
CA ARG D 202 -34.75 -23.78 -52.00
C ARG D 202 -35.95 -24.73 -52.00
N GLN D 203 -36.58 -24.95 -50.85
CA GLN D 203 -37.55 -26.04 -50.73
C GLN D 203 -38.83 -25.73 -49.95
N PHE D 204 -39.92 -26.37 -50.37
CA PHE D 204 -41.15 -26.42 -49.63
C PHE D 204 -41.34 -27.86 -49.18
N SER D 205 -41.81 -28.05 -47.95
CA SER D 205 -41.90 -29.40 -47.40
C SER D 205 -42.95 -29.50 -46.29
N GLY D 206 -43.26 -30.72 -45.89
CA GLY D 206 -44.26 -30.98 -44.86
C GLY D 206 -43.75 -30.82 -43.44
N THR D 207 -42.71 -30.02 -43.26
CA THR D 207 -42.12 -29.78 -41.94
C THR D 207 -43.17 -29.23 -40.99
N GLN D 208 -43.22 -29.80 -39.78
CA GLN D 208 -44.16 -29.37 -38.75
C GLN D 208 -43.50 -29.35 -37.38
N PRO D 209 -44.13 -28.67 -36.40
CA PRO D 209 -43.61 -28.68 -35.03
C PRO D 209 -43.60 -30.08 -34.43
N LEU D 210 -42.56 -30.38 -33.65
CA LEU D 210 -42.44 -31.68 -32.98
C LEU D 210 -43.37 -31.76 -31.79
N TYR D 211 -43.47 -30.66 -31.05
CA TYR D 211 -44.35 -30.57 -29.89
C TYR D 211 -45.38 -29.44 -30.08
N THR D 212 -46.52 -29.57 -29.39
CA THR D 212 -47.52 -28.50 -29.33
C THR D 212 -47.85 -28.22 -27.86
N LEU D 213 -47.81 -26.94 -27.48
CA LEU D 213 -48.07 -26.54 -26.09
C LEU D 213 -49.57 -26.54 -25.82
N ASP D 214 -49.96 -27.16 -24.70
CA ASP D 214 -51.37 -27.34 -24.37
C ASP D 214 -52.07 -26.04 -23.93
N GLY D 215 -51.73 -25.56 -22.74
CA GLY D 215 -52.49 -24.48 -22.10
C GLY D 215 -52.34 -24.53 -20.60
N ASP D 216 -52.47 -25.74 -20.05
CA ASP D 216 -52.08 -26.01 -18.65
C ASP D 216 -50.55 -26.13 -18.55
N GLY D 217 -49.91 -26.47 -19.65
CA GLY D 217 -48.44 -26.60 -19.70
C GLY D 217 -47.92 -27.92 -20.24
N THR D 218 -48.82 -28.82 -20.63
CA THR D 218 -48.44 -30.14 -21.14
C THR D 218 -47.92 -30.07 -22.57
N LEU D 219 -46.66 -30.46 -22.77
CA LEU D 219 -46.09 -30.63 -24.11
C LEU D 219 -46.42 -32.04 -24.57
N THR D 220 -46.97 -32.14 -25.77
CA THR D 220 -47.27 -33.44 -26.36
C THR D 220 -46.57 -33.54 -27.72
N ASN D 221 -45.87 -34.67 -27.92
CA ASN D 221 -45.12 -34.92 -29.15
C ASN D 221 -46.04 -35.31 -30.28
N ASN D 222 -46.04 -34.52 -31.35
CA ASN D 222 -46.91 -34.75 -32.51
C ASN D 222 -46.58 -36.03 -33.27
N GLN D 223 -45.31 -36.45 -33.22
CA GLN D 223 -44.84 -37.64 -33.94
C GLN D 223 -45.14 -38.97 -33.22
N SER D 224 -45.01 -38.99 -31.90
CA SER D 224 -45.18 -40.22 -31.11
C SER D 224 -46.45 -40.22 -30.26
N GLY D 225 -46.99 -39.03 -29.99
CA GLY D 225 -48.18 -38.90 -29.14
C GLY D 225 -47.88 -39.00 -27.65
N VAL D 226 -46.60 -38.99 -27.29
CA VAL D 226 -46.18 -39.04 -25.89
C VAL D 226 -46.38 -37.66 -25.26
N LYS D 227 -46.77 -37.63 -24.00
CA LYS D 227 -47.06 -36.37 -23.31
C LYS D 227 -46.04 -36.12 -22.20
N TYR D 228 -45.58 -34.88 -22.11
CA TYR D 228 -44.57 -34.48 -21.13
C TYR D 228 -45.07 -33.30 -20.33
N ARG D 229 -44.72 -33.26 -19.05
CA ARG D 229 -45.01 -32.11 -18.21
C ARG D 229 -43.73 -31.61 -17.51
N PRO D 230 -43.68 -30.32 -17.15
CA PRO D 230 -42.50 -29.79 -16.48
C PRO D 230 -42.38 -30.34 -15.06
N ASN D 231 -41.30 -31.07 -14.81
CA ASN D 231 -40.96 -31.54 -13.47
C ASN D 231 -39.98 -30.56 -12.84
N ASN D 232 -40.45 -29.75 -11.89
CA ASN D 232 -39.66 -28.66 -11.33
C ASN D 232 -38.77 -29.08 -10.14
N GLN D 233 -38.65 -30.38 -9.89
CA GLN D 233 -37.72 -30.88 -8.89
C GLN D 233 -36.34 -31.09 -9.49
N ILE D 234 -36.29 -31.75 -10.64
CA ILE D 234 -35.01 -32.04 -11.33
C ILE D 234 -34.71 -31.06 -12.47
N GLY D 235 -35.73 -30.38 -13.00
CA GLY D 235 -35.54 -29.34 -14.02
C GLY D 235 -35.56 -29.88 -15.43
N PHE D 236 -36.54 -30.73 -15.72
CA PHE D 236 -36.71 -31.33 -17.05
C PHE D 236 -38.19 -31.52 -17.36
N TYR D 237 -38.53 -31.41 -18.64
CA TYR D 237 -39.79 -31.95 -19.14
C TYR D 237 -39.68 -33.46 -19.12
N GLN D 238 -40.56 -34.12 -18.38
CA GLN D 238 -40.55 -35.57 -18.29
C GLN D 238 -41.87 -36.15 -18.77
N SER D 239 -41.80 -37.37 -19.33
CA SER D 239 -42.98 -38.01 -19.93
C SER D 239 -44.01 -38.39 -18.88
N ILE D 240 -45.25 -38.58 -19.32
CA ILE D 240 -46.30 -39.15 -18.47
C ILE D 240 -47.03 -40.28 -19.21
N ASN D 245 -47.40 -41.13 -11.83
CA ASN D 245 -47.80 -40.71 -13.17
C ASN D 245 -46.61 -40.28 -14.05
N TRP D 246 -45.47 -39.96 -13.42
CA TRP D 246 -44.23 -39.63 -14.15
C TRP D 246 -43.68 -40.85 -14.91
N GLY D 247 -43.54 -40.72 -16.22
CA GLY D 247 -42.85 -41.72 -17.02
C GLY D 247 -41.35 -41.61 -16.83
N ASP D 248 -40.60 -42.50 -17.47
CA ASP D 248 -39.13 -42.50 -17.35
C ASP D 248 -38.47 -42.12 -18.67
N GLU D 249 -38.84 -40.95 -19.18
CA GLU D 249 -38.13 -40.32 -20.30
C GLU D 249 -38.06 -38.82 -20.05
N LYS D 250 -36.88 -38.24 -20.24
CA LYS D 250 -36.64 -36.82 -19.97
C LYS D 250 -36.18 -36.13 -21.25
N LEU D 251 -36.86 -35.05 -21.62
CA LEU D 251 -36.49 -34.29 -22.80
C LEU D 251 -35.27 -33.41 -22.55
N SER D 252 -34.51 -33.16 -23.62
CA SER D 252 -33.42 -32.21 -23.60
CA SER D 252 -33.42 -32.20 -23.60
C SER D 252 -33.87 -30.98 -24.40
N PRO D 253 -33.50 -29.77 -23.96
CA PRO D 253 -32.66 -29.37 -22.83
C PRO D 253 -33.42 -29.22 -21.51
N GLY D 254 -32.70 -29.45 -20.40
CA GLY D 254 -33.22 -29.19 -19.06
C GLY D 254 -33.14 -27.71 -18.76
N TYR D 255 -33.68 -27.32 -17.61
CA TYR D 255 -33.72 -25.91 -17.23
C TYR D 255 -33.34 -25.75 -15.77
N THR D 256 -32.85 -24.56 -15.41
CA THR D 256 -32.43 -24.27 -14.05
C THR D 256 -33.60 -24.27 -13.09
N VAL D 257 -33.34 -24.69 -11.86
CA VAL D 257 -34.37 -24.81 -10.85
C VAL D 257 -33.72 -24.76 -9.46
N THR D 258 -34.46 -24.30 -8.46
CA THR D 258 -33.96 -24.29 -7.08
C THR D 258 -33.76 -25.72 -6.58
N THR D 259 -32.76 -25.93 -5.73
CA THR D 259 -32.43 -27.26 -5.25
C THR D 259 -32.10 -27.24 -3.77
N GLY D 260 -32.70 -26.30 -3.04
CA GLY D 260 -32.44 -26.13 -1.61
C GLY D 260 -30.97 -26.31 -1.25
N TRP D 261 -30.69 -27.24 -0.34
CA TRP D 261 -29.34 -27.48 0.17
C TRP D 261 -28.54 -28.56 -0.60
N LYS D 262 -29.10 -29.13 -1.66
CA LYS D 262 -28.50 -30.28 -2.36
C LYS D 262 -27.00 -30.17 -2.64
N ASN D 263 -26.58 -29.07 -3.25
CA ASN D 263 -25.16 -28.87 -3.59
C ASN D 263 -24.28 -28.77 -2.34
N PHE D 264 -24.83 -28.20 -1.27
CA PHE D 264 -24.12 -28.09 0.01
C PHE D 264 -23.97 -29.42 0.73
N THR D 265 -24.99 -30.28 0.62
CA THR D 265 -24.93 -31.59 1.26
C THR D 265 -23.95 -32.50 0.54
N ARG D 266 -24.05 -32.58 -0.79
CA ARG D 266 -23.22 -33.49 -1.58
C ARG D 266 -21.75 -33.49 -1.15
N VAL D 267 -21.25 -32.32 -0.76
CA VAL D 267 -19.90 -32.18 -0.24
C VAL D 267 -19.73 -32.99 1.06
N PHE D 268 -20.76 -33.00 1.90
CA PHE D 268 -20.78 -33.77 3.17
C PHE D 268 -21.29 -35.21 2.98
N THR D 269 -22.16 -35.42 1.99
CA THR D 269 -22.73 -36.74 1.71
C THR D 269 -21.69 -37.74 1.22
N ASP D 270 -20.87 -37.32 0.26
CA ASP D 270 -20.03 -38.21 -0.52
C ASP D 270 -18.69 -38.50 0.16
N GLU D 271 -18.51 -39.75 0.56
CA GLU D 271 -17.30 -40.20 1.26
C GLU D 271 -16.09 -40.33 0.33
N GLY D 272 -16.35 -40.52 -0.97
CA GLY D 272 -15.28 -40.62 -1.96
C GLY D 272 -14.49 -39.34 -2.13
N ILE D 273 -15.19 -38.20 -2.17
CA ILE D 273 -14.53 -36.92 -2.36
C ILE D 273 -13.83 -36.44 -1.07
N GLN D 274 -14.21 -37.02 0.07
CA GLN D 274 -13.67 -36.60 1.38
C GLN D 274 -12.33 -37.22 1.75
N LYS D 275 -11.94 -38.31 1.10
CA LYS D 275 -10.74 -39.05 1.51
C LYS D 275 -9.47 -38.20 1.51
N PRO D 276 -9.14 -37.57 0.37
CA PRO D 276 -7.91 -36.78 0.36
C PRO D 276 -8.07 -35.38 0.97
N PHE D 277 -9.29 -34.97 1.32
CA PHE D 277 -9.54 -33.60 1.79
C PHE D 277 -8.52 -33.09 2.79
N LEU D 278 -8.38 -33.77 3.93
CA LEU D 278 -7.53 -33.27 5.00
C LEU D 278 -6.09 -33.05 4.53
N ALA D 279 -5.56 -34.03 3.79
CA ALA D 279 -4.18 -33.97 3.32
C ALA D 279 -3.99 -32.86 2.28
N ILE D 280 -5.04 -32.60 1.49
CA ILE D 280 -5.02 -31.50 0.52
C ILE D 280 -5.12 -30.17 1.26
N PHE D 281 -5.96 -30.14 2.29
CA PHE D 281 -6.14 -28.95 3.13
C PHE D 281 -4.85 -28.50 3.82
N VAL D 282 -4.13 -29.46 4.41
CA VAL D 282 -2.88 -29.16 5.12
C VAL D 282 -1.81 -28.63 4.16
N TRP D 283 -1.71 -29.23 2.98
CA TRP D 283 -0.76 -28.79 1.97
C TRP D 283 -1.06 -27.36 1.52
N THR D 284 -2.34 -27.03 1.34
CA THR D 284 -2.72 -25.70 0.86
C THR D 284 -2.35 -24.63 1.87
N VAL D 285 -2.60 -24.93 3.14
CA VAL D 285 -2.24 -24.05 4.25
C VAL D 285 -0.74 -23.84 4.27
N VAL D 286 0.00 -24.94 4.27
CA VAL D 286 1.47 -24.90 4.29
C VAL D 286 2.03 -24.19 3.07
N PHE D 287 1.46 -24.47 1.90
CA PHE D 287 1.83 -23.77 0.67
C PHE D 287 1.66 -22.25 0.80
N SER D 288 0.51 -21.84 1.34
CA SER D 288 0.19 -20.42 1.52
C SER D 288 1.07 -19.76 2.59
N LEU D 289 1.22 -20.42 3.73
CA LEU D 289 2.03 -19.88 4.82
C LEU D 289 3.45 -19.62 4.34
N ILE D 290 4.05 -20.63 3.72
CA ILE D 290 5.44 -20.51 3.30
C ILE D 290 5.59 -19.47 2.21
N THR D 291 4.67 -19.45 1.26
CA THR D 291 4.68 -18.44 0.20
C THR D 291 4.68 -17.04 0.81
N VAL D 292 3.76 -16.81 1.75
CA VAL D 292 3.63 -15.48 2.38
C VAL D 292 4.90 -15.12 3.15
N PHE D 293 5.42 -16.07 3.93
CA PHE D 293 6.63 -15.82 4.68
C PHE D 293 7.82 -15.47 3.77
N LEU D 294 8.06 -16.29 2.76
CA LEU D 294 9.21 -16.08 1.87
C LEU D 294 9.09 -14.80 1.01
N THR D 295 7.89 -14.53 0.47
CA THR D 295 7.69 -13.30 -0.32
C THR D 295 7.87 -12.05 0.52
N VAL D 296 7.37 -12.09 1.77
CA VAL D 296 7.51 -10.95 2.68
C VAL D 296 8.97 -10.75 3.07
N ALA D 297 9.64 -11.84 3.41
CA ALA D 297 11.04 -11.81 3.83
C ALA D 297 11.95 -11.34 2.70
N VAL D 298 11.84 -11.99 1.55
CA VAL D 298 12.64 -11.62 0.37
C VAL D 298 12.34 -10.19 -0.06
N GLY D 299 11.06 -9.85 -0.15
CA GLY D 299 10.67 -8.52 -0.60
C GLY D 299 11.09 -7.42 0.35
N MET D 300 11.00 -7.67 1.65
CA MET D 300 11.30 -6.64 2.64
C MET D 300 12.81 -6.37 2.63
N VAL D 301 13.59 -7.44 2.74
CA VAL D 301 15.04 -7.35 2.71
C VAL D 301 15.54 -6.61 1.47
N LEU D 302 14.99 -6.93 0.30
CA LEU D 302 15.38 -6.27 -0.95
C LEU D 302 15.00 -4.78 -0.93
N ALA D 303 13.81 -4.48 -0.44
CA ALA D 303 13.37 -3.09 -0.31
C ALA D 303 14.33 -2.29 0.59
N CYS D 304 14.78 -2.90 1.69
CA CYS D 304 15.71 -2.25 2.60
C CYS D 304 17.06 -1.99 1.92
N LEU D 305 17.57 -2.98 1.22
CA LEU D 305 18.85 -2.85 0.52
C LEU D 305 18.81 -1.76 -0.55
N VAL D 306 17.76 -1.74 -1.35
CA VAL D 306 17.68 -0.86 -2.51
C VAL D 306 17.35 0.61 -2.15
N GLN D 307 17.13 0.91 -0.87
CA GLN D 307 17.09 2.29 -0.41
C GLN D 307 18.33 2.68 0.39
N TRP D 308 19.23 1.73 0.61
CA TRP D 308 20.50 1.97 1.30
C TRP D 308 21.29 3.04 0.56
N GLU D 309 21.54 4.16 1.24
CA GLU D 309 22.19 5.32 0.64
C GLU D 309 23.56 4.98 0.01
N ALA D 310 24.28 4.05 0.65
CA ALA D 310 25.64 3.66 0.20
C ALA D 310 25.68 2.75 -1.04
N LEU D 311 24.62 1.98 -1.29
CA LEU D 311 24.53 1.14 -2.50
C LEU D 311 24.47 1.99 -3.76
N ARG D 312 25.47 1.90 -4.62
CA ARG D 312 25.60 2.86 -5.70
C ARG D 312 24.80 2.56 -6.97
N GLY D 313 24.42 1.30 -7.19
CA GLY D 313 23.58 0.95 -8.36
C GLY D 313 22.10 0.71 -8.06
N LYS D 314 21.64 1.13 -6.89
CA LYS D 314 20.31 0.77 -6.41
C LYS D 314 19.19 1.09 -7.41
N ALA D 315 19.32 2.22 -8.11
CA ALA D 315 18.31 2.62 -9.11
C ALA D 315 18.11 1.55 -10.17
N VAL D 316 19.19 0.91 -10.58
CA VAL D 316 19.12 -0.14 -11.60
C VAL D 316 18.63 -1.45 -10.98
N TYR D 317 19.21 -1.84 -9.86
CA TYR D 317 18.80 -3.07 -9.16
C TYR D 317 17.28 -3.05 -8.92
N ARG D 318 16.80 -1.94 -8.38
CA ARG D 318 15.38 -1.71 -8.11
C ARG D 318 14.47 -2.18 -9.24
N VAL D 319 14.78 -1.74 -10.45
CA VAL D 319 13.93 -1.99 -11.61
C VAL D 319 14.01 -3.45 -12.00
N LEU D 320 15.23 -3.97 -12.10
CA LEU D 320 15.43 -5.36 -12.48
C LEU D 320 14.66 -6.29 -11.53
N LEU D 321 14.75 -6.01 -10.24
CA LEU D 321 14.13 -6.86 -9.22
C LEU D 321 12.60 -7.02 -9.34
N ILE D 322 11.91 -6.04 -9.93
CA ILE D 322 10.45 -6.13 -10.09
C ILE D 322 9.99 -6.72 -11.43
N LEU D 323 10.94 -6.94 -12.34
CA LEU D 323 10.62 -7.44 -13.70
C LEU D 323 9.84 -8.77 -13.74
N PRO D 324 10.09 -9.68 -12.79
CA PRO D 324 9.25 -10.88 -12.72
C PRO D 324 7.76 -10.56 -12.61
N TYR D 325 7.43 -9.35 -12.17
CA TYR D 325 6.06 -8.92 -12.00
C TYR D 325 5.58 -8.10 -13.18
N ALA D 326 6.52 -7.61 -13.98
CA ALA D 326 6.24 -6.82 -15.18
C ALA D 326 5.79 -7.68 -16.37
N VAL D 327 6.13 -8.96 -16.34
CA VAL D 327 5.78 -9.87 -17.41
C VAL D 327 4.59 -10.69 -16.93
N PRO D 328 3.59 -10.92 -17.81
CA PRO D 328 2.46 -11.73 -17.36
C PRO D 328 2.89 -13.13 -16.93
N SER D 329 2.34 -13.60 -15.83
CA SER D 329 2.83 -14.80 -15.17
C SER D 329 2.60 -16.06 -16.00
N PHE D 330 1.62 -16.02 -16.88
CA PHE D 330 1.26 -17.20 -17.69
C PHE D 330 2.47 -17.78 -18.42
N ILE D 331 3.13 -16.97 -19.24
CA ILE D 331 4.27 -17.44 -20.01
C ILE D 331 5.45 -17.82 -19.09
N SER D 332 5.59 -17.11 -17.96
CA SER D 332 6.67 -17.36 -17.00
C SER D 332 6.56 -18.72 -16.31
N ILE D 333 5.35 -19.06 -15.91
CA ILE D 333 5.08 -20.35 -15.30
C ILE D 333 5.39 -21.49 -16.27
N LEU D 334 4.92 -21.37 -17.51
CA LEU D 334 5.16 -22.41 -18.51
C LEU D 334 6.65 -22.55 -18.80
N ILE D 335 7.36 -21.43 -18.80
CA ILE D 335 8.81 -21.47 -18.96
C ILE D 335 9.48 -22.19 -17.79
N PHE D 336 9.02 -21.93 -16.57
CA PHE D 336 9.56 -22.65 -15.41
C PHE D 336 9.36 -24.15 -15.58
N LYS D 337 8.17 -24.52 -16.06
CA LYS D 337 7.85 -25.90 -16.34
C LYS D 337 8.92 -26.54 -17.22
N GLY D 338 9.37 -25.82 -18.24
CA GLY D 338 10.48 -26.25 -19.09
C GLY D 338 11.82 -26.27 -18.37
N LEU D 339 12.12 -25.21 -17.62
CA LEU D 339 13.38 -25.11 -16.90
C LEU D 339 13.54 -26.23 -15.87
N PHE D 340 12.43 -26.70 -15.32
CA PHE D 340 12.44 -27.67 -14.23
C PHE D 340 12.35 -29.12 -14.72
N ASN D 341 12.26 -29.32 -16.04
CA ASN D 341 12.13 -30.68 -16.59
C ASN D 341 13.18 -31.60 -15.99
N GLN D 342 12.77 -32.79 -15.59
CA GLN D 342 13.65 -33.70 -14.82
C GLN D 342 14.87 -34.17 -15.61
N SER D 343 14.64 -34.62 -16.85
CA SER D 343 15.71 -35.15 -17.70
C SER D 343 16.34 -34.06 -18.57
N PHE D 344 15.48 -33.26 -19.20
CA PHE D 344 15.92 -32.14 -20.01
C PHE D 344 15.77 -30.90 -19.13
N GLY D 345 15.89 -29.71 -19.68
CA GLY D 345 15.63 -28.52 -18.87
C GLY D 345 16.85 -28.08 -18.09
N GLU D 346 17.11 -26.78 -18.12
CA GLU D 346 18.44 -26.27 -17.84
C GLU D 346 18.84 -26.24 -16.36
N ILE D 347 17.88 -26.28 -15.44
CA ILE D 347 18.20 -26.33 -14.01
C ILE D 347 18.89 -27.66 -13.66
N ASN D 348 18.27 -28.79 -14.00
CA ASN D 348 18.88 -30.10 -13.70
C ASN D 348 20.17 -30.35 -14.47
N MET D 349 20.31 -29.75 -15.65
CA MET D 349 21.57 -29.82 -16.40
C MET D 349 22.68 -29.07 -15.64
N MET D 350 22.32 -27.96 -15.01
CA MET D 350 23.24 -27.21 -14.15
C MET D 350 23.56 -28.00 -12.89
N LEU D 351 22.53 -28.56 -12.25
CA LEU D 351 22.70 -29.32 -11.00
C LEU D 351 23.49 -30.61 -11.18
N SER D 352 23.34 -31.26 -12.34
CA SER D 352 24.05 -32.51 -12.61
C SER D 352 25.53 -32.27 -12.89
N ALA D 353 25.85 -31.18 -13.58
CA ALA D 353 27.24 -30.84 -13.88
C ALA D 353 27.99 -30.29 -12.67
N LEU D 354 27.29 -29.59 -11.78
CA LEU D 354 27.89 -29.03 -10.56
C LEU D 354 27.87 -30.02 -9.39
N PHE D 355 26.68 -30.32 -8.88
CA PHE D 355 26.52 -31.13 -7.66
C PHE D 355 26.24 -32.62 -7.91
N GLY D 356 26.17 -33.03 -9.17
CA GLY D 356 25.97 -34.44 -9.51
C GLY D 356 24.62 -35.02 -9.14
N VAL D 357 23.57 -34.19 -9.15
CA VAL D 357 22.23 -34.63 -8.76
C VAL D 357 21.16 -34.08 -9.72
N LYS D 358 20.07 -34.82 -9.88
CA LYS D 358 18.91 -34.39 -10.68
C LYS D 358 17.62 -34.58 -9.89
N PRO D 359 17.22 -33.57 -9.10
CA PRO D 359 15.98 -33.65 -8.33
C PRO D 359 14.76 -34.01 -9.18
N ALA D 360 13.92 -34.89 -8.64
CA ALA D 360 12.71 -35.31 -9.32
C ALA D 360 11.58 -34.30 -9.03
N TRP D 361 11.60 -33.17 -9.74
CA TRP D 361 10.71 -32.03 -9.45
C TRP D 361 9.23 -32.24 -9.78
N PHE D 362 8.91 -33.30 -10.51
CA PHE D 362 7.52 -33.62 -10.83
C PHE D 362 7.09 -34.98 -10.25
N SER D 363 8.03 -35.92 -10.16
CA SER D 363 7.70 -37.27 -9.72
C SER D 363 7.63 -37.39 -8.21
N ASP D 364 8.55 -36.75 -7.51
CA ASP D 364 8.59 -36.83 -6.05
C ASP D 364 7.78 -35.69 -5.42
N PRO D 365 6.81 -36.02 -4.54
CA PRO D 365 5.93 -35.04 -3.88
C PRO D 365 6.65 -33.85 -3.25
N THR D 366 7.59 -34.11 -2.35
CA THR D 366 8.26 -33.05 -1.62
C THR D 366 9.06 -32.12 -2.53
N THR D 367 9.69 -32.70 -3.55
CA THR D 367 10.48 -31.93 -4.51
C THR D 367 9.57 -31.08 -5.41
N ALA D 368 8.44 -31.64 -5.81
CA ALA D 368 7.43 -30.90 -6.57
C ALA D 368 6.92 -29.69 -5.80
N ARG D 369 6.70 -29.89 -4.52
CA ARG D 369 6.22 -28.84 -3.63
C ARG D 369 7.27 -27.75 -3.41
N THR D 370 8.52 -28.17 -3.32
CA THR D 370 9.65 -27.25 -3.26
C THR D 370 9.71 -26.39 -4.53
N MET D 371 9.54 -27.03 -5.69
CA MET D 371 9.53 -26.33 -6.96
C MET D 371 8.42 -25.29 -7.00
N LEU D 372 7.25 -25.71 -6.53
CA LEU D 372 6.05 -24.88 -6.56
C LEU D 372 6.25 -23.62 -5.72
N ILE D 373 6.81 -23.82 -4.53
CA ILE D 373 7.11 -22.71 -3.62
C ILE D 373 8.22 -21.81 -4.16
N ILE D 374 9.21 -22.40 -4.81
CA ILE D 374 10.28 -21.63 -5.45
C ILE D 374 9.69 -20.70 -6.51
N VAL D 375 8.83 -21.24 -7.36
CA VAL D 375 8.27 -20.46 -8.46
C VAL D 375 7.33 -19.36 -7.94
N ASN D 376 6.53 -19.71 -6.94
CA ASN D 376 5.60 -18.75 -6.35
C ASN D 376 6.32 -17.59 -5.68
N THR D 377 7.45 -17.89 -5.05
CA THR D 377 8.27 -16.86 -4.43
C THR D 377 8.81 -15.90 -5.49
N TRP D 378 9.27 -16.44 -6.62
CA TRP D 378 9.69 -15.65 -7.79
C TRP D 378 8.53 -14.77 -8.28
N LEU D 379 7.34 -15.37 -8.35
CA LEU D 379 6.13 -14.64 -8.73
C LEU D 379 5.74 -13.54 -7.74
N GLY D 380 5.88 -13.81 -6.45
CA GLY D 380 5.25 -13.01 -5.39
C GLY D 380 6.10 -11.98 -4.67
N TYR D 381 7.42 -12.12 -4.72
CA TYR D 381 8.27 -11.20 -3.96
C TYR D 381 8.15 -9.75 -4.43
N PRO D 382 8.02 -9.51 -5.74
CA PRO D 382 7.94 -8.11 -6.19
C PRO D 382 6.80 -7.31 -5.58
N TYR D 383 5.66 -7.97 -5.40
CA TYR D 383 4.50 -7.38 -4.75
C TYR D 383 4.86 -6.89 -3.36
N MET D 384 5.49 -7.79 -2.59
CA MET D 384 5.82 -7.48 -1.21
C MET D 384 6.91 -6.44 -1.12
N MET D 385 7.84 -6.50 -2.06
CA MET D 385 8.92 -5.53 -2.19
C MET D 385 8.36 -4.13 -2.43
N ILE D 386 7.45 -4.00 -3.39
CA ILE D 386 6.92 -2.69 -3.74
C ILE D 386 6.14 -2.09 -2.57
N LEU D 387 5.32 -2.90 -1.92
CA LEU D 387 4.67 -2.47 -0.67
C LEU D 387 5.72 -1.96 0.32
N CYS D 388 6.72 -2.79 0.63
CA CYS D 388 7.76 -2.37 1.59
C CYS D 388 8.52 -1.13 1.12
N MET D 389 8.72 -0.97 -0.18
CA MET D 389 9.38 0.23 -0.70
C MET D 389 8.67 1.51 -0.22
N GLY D 390 7.35 1.53 -0.34
CA GLY D 390 6.54 2.63 0.20
C GLY D 390 6.52 2.68 1.72
N LEU D 391 6.28 1.54 2.36
CA LEU D 391 6.10 1.51 3.82
C LEU D 391 7.36 1.94 4.58
N LEU D 392 8.53 1.59 4.05
CA LEU D 392 9.79 1.99 4.64
C LEU D 392 9.93 3.49 4.78
N LYS D 393 9.26 4.26 3.91
CA LYS D 393 9.35 5.71 3.98
C LYS D 393 8.64 6.31 5.18
N ALA D 394 7.83 5.51 5.87
CA ALA D 394 7.09 5.97 7.04
C ALA D 394 7.93 5.97 8.31
N ILE D 395 9.08 5.30 8.27
CA ILE D 395 9.97 5.22 9.43
C ILE D 395 10.91 6.41 9.40
N PRO D 396 10.85 7.28 10.44
CA PRO D 396 11.74 8.46 10.48
C PRO D 396 13.23 8.13 10.59
N ASP D 397 14.05 8.87 9.86
CA ASP D 397 15.49 8.60 9.83
C ASP D 397 16.17 8.74 11.19
N ASP D 398 15.64 9.61 12.05
CA ASP D 398 16.31 9.87 13.33
C ASP D 398 16.18 8.71 14.32
N LEU D 399 15.28 7.76 14.07
CA LEU D 399 15.22 6.55 14.88
C LEU D 399 16.50 5.74 14.73
N TYR D 400 17.08 5.79 13.53
CA TYR D 400 18.36 5.15 13.26
C TYR D 400 19.55 5.98 13.77
N GLU D 401 19.38 7.29 13.90
CA GLU D 401 20.38 8.13 14.59
C GLU D 401 20.45 7.77 16.06
N ALA D 402 19.27 7.61 16.69
CA ALA D 402 19.20 7.16 18.06
C ALA D 402 19.75 5.74 18.24
N SER D 403 19.43 4.85 17.30
CA SER D 403 19.88 3.46 17.38
C SER D 403 21.38 3.33 17.26
N ALA D 404 22.01 4.24 16.50
CA ALA D 404 23.46 4.24 16.39
C ALA D 404 24.07 4.71 17.71
N MET D 405 23.48 5.74 18.31
CA MET D 405 23.90 6.22 19.64
C MET D 405 23.66 5.18 20.73
N ASP D 406 22.80 4.19 20.47
CA ASP D 406 22.60 3.08 21.38
C ASP D 406 23.52 1.88 21.08
N GLY D 407 24.26 1.95 19.97
CA GLY D 407 25.22 0.90 19.58
C GLY D 407 24.71 -0.11 18.57
N ALA D 408 23.72 0.26 17.76
CA ALA D 408 23.12 -0.69 16.83
C ALA D 408 23.93 -0.88 15.55
N GLY D 409 23.98 -2.13 15.08
CA GLY D 409 24.45 -2.45 13.74
C GLY D 409 23.26 -2.60 12.79
N PRO D 410 23.53 -2.97 11.53
CA PRO D 410 22.47 -3.09 10.53
C PRO D 410 21.51 -4.25 10.79
N PHE D 411 22.01 -5.36 11.31
CA PHE D 411 21.15 -6.50 11.61
C PHE D 411 20.28 -6.19 12.84
N GLN D 412 20.85 -5.50 13.81
CA GLN D 412 20.11 -5.09 15.00
C GLN D 412 19.04 -4.04 14.66
N ASN D 413 19.38 -3.07 13.83
CA ASN D 413 18.38 -2.13 13.32
C ASN D 413 17.21 -2.86 12.66
N PHE D 414 17.50 -3.85 11.82
CA PHE D 414 16.45 -4.56 11.08
C PHE D 414 15.44 -5.24 12.00
N PHE D 415 15.94 -5.97 12.99
CA PHE D 415 15.09 -6.75 13.89
C PHE D 415 14.46 -5.97 15.03
N LYS D 416 15.11 -4.90 15.47
CA LYS D 416 14.61 -4.12 16.61
C LYS D 416 13.76 -2.90 16.21
N ILE D 417 13.94 -2.42 14.97
CA ILE D 417 13.26 -1.20 14.53
C ILE D 417 12.49 -1.40 13.24
N THR D 418 13.19 -1.82 12.18
CA THR D 418 12.59 -1.87 10.86
C THR D 418 11.44 -2.89 10.75
N LEU D 419 11.74 -4.14 11.09
CA LEU D 419 10.76 -5.22 11.04
C LEU D 419 9.52 -4.91 11.88
N PRO D 420 9.69 -4.59 13.18
CA PRO D 420 8.49 -4.33 14.00
C PRO D 420 7.62 -3.16 13.52
N LEU D 421 8.24 -2.13 12.95
CA LEU D 421 7.48 -0.99 12.43
C LEU D 421 6.79 -1.28 11.11
N LEU D 422 7.20 -2.36 10.44
CA LEU D 422 6.57 -2.80 9.20
C LEU D 422 5.52 -3.90 9.40
N ILE D 423 5.70 -4.81 10.36
CA ILE D 423 4.74 -5.92 10.54
C ILE D 423 3.29 -5.48 10.72
N LYS D 424 3.08 -4.35 11.38
CA LYS D 424 1.71 -3.90 11.65
C LYS D 424 0.95 -3.53 10.36
N PRO D 425 1.49 -2.59 9.55
CA PRO D 425 0.85 -2.34 8.26
C PRO D 425 0.83 -3.55 7.30
N LEU D 426 1.80 -4.45 7.44
CA LEU D 426 1.86 -5.67 6.61
C LEU D 426 0.83 -6.73 6.96
N THR D 427 0.38 -6.73 8.20
CA THR D 427 -0.49 -7.81 8.68
C THR D 427 -1.72 -8.04 7.79
N PRO D 428 -2.54 -6.99 7.54
CA PRO D 428 -3.70 -7.21 6.67
C PRO D 428 -3.32 -7.64 5.25
N LEU D 429 -2.20 -7.13 4.74
CA LEU D 429 -1.71 -7.54 3.42
C LEU D 429 -1.25 -8.99 3.39
N MET D 430 -0.64 -9.46 4.47
CA MET D 430 -0.19 -10.85 4.56
C MET D 430 -1.38 -11.80 4.69
N ILE D 431 -2.39 -11.38 5.42
CA ILE D 431 -3.59 -12.19 5.60
C ILE D 431 -4.29 -12.33 4.26
N ALA D 432 -4.36 -11.22 3.53
CA ALA D 432 -4.93 -11.23 2.19
C ALA D 432 -4.14 -12.17 1.28
N SER D 433 -2.81 -12.04 1.33
CA SER D 433 -1.94 -12.89 0.51
C SER D 433 -2.15 -14.37 0.84
N PHE D 434 -2.41 -14.69 2.11
CA PHE D 434 -2.67 -16.05 2.53
C PHE D 434 -3.95 -16.60 1.88
N ALA D 435 -5.02 -15.80 1.92
CA ALA D 435 -6.27 -16.18 1.27
C ALA D 435 -6.09 -16.37 -0.25
N PHE D 436 -5.49 -15.40 -0.92
CA PHE D 436 -5.21 -15.51 -2.36
C PHE D 436 -4.46 -16.81 -2.64
N ASN D 437 -3.36 -17.01 -1.94
CA ASN D 437 -2.53 -18.20 -2.21
C ASN D 437 -3.20 -19.50 -1.83
N PHE D 438 -4.11 -19.44 -0.85
CA PHE D 438 -4.95 -20.57 -0.51
C PHE D 438 -5.70 -21.08 -1.74
N ASN D 439 -6.15 -20.17 -2.59
CA ASN D 439 -6.89 -20.52 -3.80
C ASN D 439 -6.12 -20.25 -5.09
N ASN D 440 -4.82 -20.44 -5.07
CA ASN D 440 -3.99 -20.13 -6.24
C ASN D 440 -4.09 -21.23 -7.30
N PHE D 441 -5.29 -21.41 -7.82
CA PHE D 441 -5.63 -22.49 -8.77
C PHE D 441 -4.68 -22.56 -9.95
N VAL D 442 -4.45 -21.41 -10.57
CA VAL D 442 -3.75 -21.35 -11.85
C VAL D 442 -2.29 -21.82 -11.77
N LEU D 443 -1.59 -21.48 -10.69
CA LEU D 443 -0.18 -21.86 -10.58
C LEU D 443 -0.04 -23.37 -10.64
N ILE D 444 -0.86 -24.09 -9.86
CA ILE D 444 -0.77 -25.55 -9.78
C ILE D 444 -1.16 -26.20 -11.11
N GLN D 445 -2.24 -25.71 -11.72
CA GLN D 445 -2.72 -26.27 -12.98
C GLN D 445 -1.66 -26.26 -14.05
N LEU D 446 -1.05 -25.10 -14.25
CA LEU D 446 -0.04 -24.93 -15.27
C LEU D 446 1.23 -25.70 -14.95
N LEU D 447 1.74 -25.55 -13.74
CA LEU D 447 3.04 -26.14 -13.42
C LEU D 447 2.98 -27.67 -13.29
N THR D 448 2.27 -28.18 -12.29
CA THR D 448 2.29 -29.61 -11.97
C THR D 448 1.01 -30.34 -12.34
N ASN D 449 -0.04 -29.58 -12.67
CA ASN D 449 -1.39 -30.12 -12.82
C ASN D 449 -1.87 -30.86 -11.56
N GLY D 450 -1.29 -30.54 -10.40
CA GLY D 450 -1.67 -31.15 -9.13
C GLY D 450 -0.92 -32.42 -8.79
N GLY D 451 -0.10 -32.93 -9.72
CA GLY D 451 0.61 -34.19 -9.52
C GLY D 451 1.81 -34.10 -8.60
N PRO D 452 2.42 -35.25 -8.28
CA PRO D 452 2.07 -36.58 -8.78
C PRO D 452 0.82 -37.17 -8.12
N ASP D 453 0.35 -38.28 -8.66
CA ASP D 453 -0.90 -38.93 -8.28
C ASP D 453 -0.89 -39.43 -6.83
N ARG D 454 -1.95 -39.13 -6.08
CA ARG D 454 -2.21 -39.80 -4.81
C ARG D 454 -2.93 -41.09 -5.13
N LEU D 455 -2.27 -42.22 -4.93
CA LEU D 455 -2.82 -43.51 -5.29
C LEU D 455 -3.95 -43.88 -4.33
N GLY D 456 -5.04 -44.40 -4.88
CA GLY D 456 -6.19 -44.82 -4.09
C GLY D 456 -7.35 -43.84 -4.05
N THR D 457 -7.14 -42.62 -4.56
CA THR D 457 -8.18 -41.58 -4.53
C THR D 457 -9.28 -41.85 -5.56
N THR D 458 -10.44 -42.32 -5.07
CA THR D 458 -11.61 -42.63 -5.91
C THR D 458 -11.87 -41.50 -6.89
N THR D 459 -12.13 -40.30 -6.37
CA THR D 459 -12.10 -39.11 -7.23
C THR D 459 -10.66 -38.61 -7.14
N PRO D 460 -10.01 -38.43 -8.30
CA PRO D 460 -8.56 -38.31 -8.30
C PRO D 460 -7.98 -37.02 -7.71
N ALA D 461 -6.91 -37.20 -6.93
CA ALA D 461 -6.16 -36.10 -6.34
C ALA D 461 -4.66 -36.38 -6.42
N GLY D 462 -3.88 -35.31 -6.44
CA GLY D 462 -2.42 -35.42 -6.44
C GLY D 462 -1.80 -34.66 -5.27
N TYR D 463 -0.49 -34.79 -5.11
CA TYR D 463 0.19 -34.25 -3.94
C TYR D 463 0.37 -32.73 -3.92
N THR D 464 0.22 -32.09 -5.08
CA THR D 464 0.37 -30.62 -5.16
C THR D 464 -0.95 -29.88 -5.35
N ASP D 465 -2.03 -30.62 -5.58
CA ASP D 465 -3.37 -30.05 -5.62
C ASP D 465 -3.67 -29.17 -4.44
N LEU D 466 -4.08 -27.94 -4.70
CA LEU D 466 -4.78 -27.16 -3.69
C LEU D 466 -6.23 -27.66 -3.63
N LEU D 467 -6.95 -27.23 -2.60
CA LEU D 467 -8.34 -27.58 -2.44
C LEU D 467 -9.12 -27.17 -3.69
N VAL D 468 -8.89 -25.94 -4.14
CA VAL D 468 -9.57 -25.42 -5.33
C VAL D 468 -9.36 -26.28 -6.60
N ASN D 469 -8.17 -26.84 -6.76
CA ASN D 469 -7.85 -27.66 -7.94
C ASN D 469 -8.66 -28.94 -7.94
N TYR D 470 -8.61 -29.64 -6.82
CA TYR D 470 -9.38 -30.86 -6.58
C TYR D 470 -10.87 -30.61 -6.79
N THR D 471 -11.35 -29.55 -6.14
CA THR D 471 -12.73 -29.11 -6.21
C THR D 471 -13.17 -28.74 -7.63
N TYR D 472 -12.33 -28.00 -8.34
CA TYR D 472 -12.60 -27.62 -9.72
C TYR D 472 -12.75 -28.86 -10.59
N ARG D 473 -11.95 -29.88 -10.30
CA ARG D 473 -11.98 -31.10 -11.08
C ARG D 473 -13.29 -31.83 -10.88
N ILE D 474 -13.76 -31.89 -9.64
CA ILE D 474 -15.03 -32.55 -9.30
C ILE D 474 -16.19 -31.82 -9.98
N ALA D 475 -16.19 -30.49 -9.89
CA ALA D 475 -17.29 -29.66 -10.42
C ALA D 475 -17.33 -29.60 -11.95
N PHE D 476 -16.19 -29.38 -12.57
CA PHE D 476 -16.13 -29.04 -14.00
C PHE D 476 -15.63 -30.15 -14.91
N GLU D 477 -14.73 -30.99 -14.40
CA GLU D 477 -14.37 -32.22 -15.07
C GLU D 477 -15.19 -33.33 -14.38
N GLY D 478 -14.66 -34.54 -14.27
CA GLY D 478 -15.38 -35.60 -13.56
C GLY D 478 -16.56 -36.20 -14.31
N GLY D 479 -16.88 -35.66 -15.48
CA GLY D 479 -17.79 -36.31 -16.42
C GLY D 479 -19.26 -35.94 -16.41
N GLY D 480 -19.67 -35.11 -15.46
CA GLY D 480 -21.07 -34.66 -15.38
C GLY D 480 -21.34 -33.30 -16.00
N GLY D 481 -20.48 -32.86 -16.91
CA GLY D 481 -20.56 -31.51 -17.44
C GLY D 481 -20.10 -30.50 -16.40
N GLN D 482 -20.35 -29.23 -16.67
CA GLN D 482 -19.95 -28.15 -15.77
C GLN D 482 -21.04 -27.87 -14.74
N ASP D 483 -20.82 -28.28 -13.49
CA ASP D 483 -21.81 -28.07 -12.42
C ASP D 483 -21.53 -26.75 -11.71
N PHE D 484 -22.13 -25.67 -12.20
CA PHE D 484 -21.90 -24.33 -11.64
C PHE D 484 -22.47 -24.22 -10.23
N GLY D 485 -23.65 -24.79 -10.03
CA GLY D 485 -24.26 -24.84 -8.71
C GLY D 485 -23.33 -25.45 -7.70
N LEU D 486 -22.75 -26.60 -8.03
CA LEU D 486 -21.84 -27.30 -7.12
C LEU D 486 -20.58 -26.47 -6.86
N ALA D 487 -20.02 -25.89 -7.92
CA ALA D 487 -18.85 -25.01 -7.77
C ALA D 487 -19.14 -23.84 -6.83
N ALA D 488 -20.27 -23.16 -7.06
CA ALA D 488 -20.67 -22.03 -6.24
C ALA D 488 -20.79 -22.45 -4.77
N ALA D 489 -21.46 -23.57 -4.53
CA ALA D 489 -21.64 -24.11 -3.19
C ALA D 489 -20.29 -24.37 -2.52
N ILE D 490 -19.37 -25.01 -3.23
CA ILE D 490 -18.06 -25.31 -2.68
C ILE D 490 -17.33 -24.01 -2.38
N ALA D 491 -17.23 -23.14 -3.39
CA ALA D 491 -16.65 -21.81 -3.22
C ALA D 491 -17.15 -21.08 -1.96
N THR D 492 -18.45 -21.20 -1.68
CA THR D 492 -19.01 -20.60 -0.47
C THR D 492 -18.55 -21.33 0.80
N LEU D 493 -18.43 -22.66 0.72
CA LEU D 493 -17.92 -23.43 1.85
C LEU D 493 -16.47 -23.11 2.15
N ILE D 494 -15.63 -23.09 1.11
CA ILE D 494 -14.20 -22.80 1.32
C ILE D 494 -14.02 -21.32 1.72
N PHE D 495 -14.98 -20.47 1.38
CA PHE D 495 -15.01 -19.10 1.88
C PHE D 495 -15.27 -19.05 3.39
N LEU D 496 -16.31 -19.74 3.83
CA LEU D 496 -16.62 -19.88 5.25
C LEU D 496 -15.45 -20.46 6.04
N LEU D 497 -14.63 -21.30 5.39
CA LEU D 497 -13.43 -21.86 6.02
C LEU D 497 -12.30 -20.82 6.13
N VAL D 498 -11.90 -20.24 4.99
CA VAL D 498 -10.81 -19.24 4.97
C VAL D 498 -11.24 -17.90 5.59
N GLY D 499 -12.55 -17.63 5.60
CA GLY D 499 -13.09 -16.49 6.33
C GLY D 499 -12.99 -16.71 7.83
N ALA D 500 -13.15 -17.96 8.26
CA ALA D 500 -12.99 -18.35 9.67
C ALA D 500 -11.51 -18.47 10.07
N LEU D 501 -10.65 -18.89 9.15
CA LEU D 501 -9.21 -18.96 9.41
C LEU D 501 -8.54 -17.58 9.43
N ALA D 502 -9.13 -16.62 8.70
CA ALA D 502 -8.63 -15.25 8.65
C ALA D 502 -9.09 -14.42 9.84
N ILE D 503 -10.31 -14.67 10.31
CA ILE D 503 -10.88 -13.95 11.45
C ILE D 503 -10.21 -14.37 12.77
N VAL D 504 -9.82 -15.64 12.88
CA VAL D 504 -9.10 -16.14 14.06
C VAL D 504 -7.63 -15.70 14.01
N ASN D 505 -7.04 -15.69 12.82
CA ASN D 505 -5.68 -15.18 12.62
C ASN D 505 -5.66 -13.66 12.49
N SER E 8 34.80 -2.17 7.88
CA SER E 8 33.70 -3.17 7.86
C SER E 8 32.62 -2.80 6.86
N GLN E 9 32.31 -1.51 6.76
CA GLN E 9 31.28 -1.03 5.83
C GLN E 9 31.62 -1.29 4.36
N LYS E 10 32.91 -1.39 4.06
CA LYS E 10 33.35 -1.76 2.71
C LYS E 10 33.10 -3.27 2.46
N ALA E 11 33.27 -4.08 3.50
CA ALA E 11 33.06 -5.52 3.41
C ALA E 11 31.59 -5.89 3.15
N ARG E 12 30.66 -5.29 3.90
CA ARG E 12 29.24 -5.54 3.70
C ARG E 12 28.77 -5.13 2.30
N LEU E 13 29.26 -3.98 1.85
CA LEU E 13 28.83 -3.39 0.59
C LEU E 13 29.20 -4.26 -0.61
N PHE E 14 30.45 -4.74 -0.63
CA PHE E 14 30.92 -5.62 -1.71
C PHE E 14 30.17 -6.95 -1.72
N ILE E 15 29.93 -7.50 -0.54
CA ILE E 15 29.18 -8.75 -0.41
C ILE E 15 27.74 -8.55 -0.91
N THR E 16 27.14 -7.44 -0.52
CA THR E 16 25.79 -7.10 -0.96
C THR E 16 25.74 -7.03 -2.49
N HIS E 17 26.67 -6.28 -3.09
CA HIS E 17 26.77 -6.21 -4.55
C HIS E 17 26.89 -7.60 -5.15
N LEU E 18 27.72 -8.43 -4.54
CA LEU E 18 27.94 -9.79 -5.04
C LEU E 18 26.63 -10.59 -5.00
N LEU E 19 25.98 -10.58 -3.84
CA LEU E 19 24.74 -11.36 -3.65
C LEU E 19 23.55 -10.80 -4.45
N LEU E 20 23.48 -9.48 -4.60
CA LEU E 20 22.43 -8.90 -5.45
C LEU E 20 22.61 -9.33 -6.91
N LEU E 21 23.83 -9.21 -7.44
CA LEU E 21 24.11 -9.60 -8.83
C LEU E 21 23.78 -11.08 -9.07
N LEU E 22 24.16 -11.95 -8.14
CA LEU E 22 23.86 -13.37 -8.23
C LEU E 22 22.35 -13.59 -8.19
N PHE E 23 21.66 -12.88 -7.29
CA PHE E 23 20.21 -12.98 -7.16
C PHE E 23 19.51 -12.45 -8.42
N ILE E 24 19.98 -11.32 -8.97
CA ILE E 24 19.40 -10.78 -10.21
C ILE E 24 19.63 -11.75 -11.37
N ALA E 25 20.83 -12.32 -11.46
CA ALA E 25 21.13 -13.28 -12.52
C ALA E 25 20.10 -14.42 -12.52
N ALA E 26 19.87 -14.99 -11.34
CA ALA E 26 18.90 -16.06 -11.19
C ALA E 26 17.49 -15.64 -11.62
N ILE E 27 16.98 -14.57 -11.04
CA ILE E 27 15.60 -14.16 -11.30
C ILE E 27 15.37 -13.58 -12.70
N MET E 28 16.44 -13.16 -13.38
CA MET E 28 16.33 -12.69 -14.75
C MET E 28 16.34 -13.83 -15.76
N PHE E 29 16.91 -14.96 -15.38
CA PHE E 29 17.11 -16.08 -16.31
C PHE E 29 15.82 -16.55 -17.00
N PRO E 30 14.72 -16.73 -16.24
CA PRO E 30 13.46 -17.09 -16.90
C PRO E 30 12.98 -16.04 -17.89
N LEU E 31 13.19 -14.76 -17.57
CA LEU E 31 12.75 -13.67 -18.43
C LEU E 31 13.60 -13.56 -19.69
N LEU E 32 14.89 -13.87 -19.58
CA LEU E 32 15.75 -13.88 -20.76
C LEU E 32 15.32 -14.99 -21.71
N MET E 33 14.85 -16.12 -21.17
CA MET E 33 14.34 -17.21 -21.99
C MET E 33 13.07 -16.80 -22.75
N VAL E 34 12.27 -15.91 -22.15
CA VAL E 34 11.12 -15.33 -22.86
C VAL E 34 11.62 -14.48 -24.02
N VAL E 35 12.59 -13.61 -23.74
CA VAL E 35 13.18 -12.76 -24.77
C VAL E 35 13.76 -13.63 -25.89
N ALA E 36 14.44 -14.71 -25.50
CA ALA E 36 14.98 -15.68 -26.46
C ALA E 36 13.87 -16.29 -27.33
N ILE E 37 12.76 -16.69 -26.72
CA ILE E 37 11.62 -17.20 -27.48
C ILE E 37 11.18 -16.17 -28.53
N SER E 38 11.18 -14.89 -28.16
CA SER E 38 10.70 -13.84 -29.05
C SER E 38 11.64 -13.53 -30.21
N LEU E 39 12.89 -14.00 -30.16
CA LEU E 39 13.86 -13.77 -31.23
C LEU E 39 14.24 -15.04 -31.99
N ARG E 40 13.58 -16.15 -31.66
CA ARG E 40 13.84 -17.44 -32.29
C ARG E 40 12.93 -17.57 -33.51
N GLN E 41 13.42 -18.17 -34.59
CA GLN E 41 12.60 -18.34 -35.79
C GLN E 41 11.63 -19.49 -35.60
N GLY E 42 10.42 -19.33 -36.14
CA GLY E 42 9.33 -20.22 -35.85
C GLY E 42 8.80 -19.94 -34.45
N ASN E 43 8.02 -20.86 -33.92
CA ASN E 43 7.41 -20.69 -32.62
C ASN E 43 7.77 -21.87 -31.72
N PHE E 44 8.81 -21.69 -30.91
CA PHE E 44 9.37 -22.77 -30.07
C PHE E 44 9.61 -22.31 -28.63
N ALA E 45 9.03 -23.04 -27.68
CA ALA E 45 9.13 -22.67 -26.26
C ALA E 45 10.48 -23.01 -25.62
N THR E 46 11.25 -23.88 -26.25
CA THR E 46 12.56 -24.28 -25.74
C THR E 46 13.64 -24.09 -26.80
N GLY E 47 14.89 -24.06 -26.35
CA GLY E 47 16.04 -23.77 -27.19
C GLY E 47 17.13 -23.11 -26.37
N SER E 48 18.20 -22.67 -27.04
CA SER E 48 19.32 -22.03 -26.36
C SER E 48 19.00 -20.58 -25.99
N LEU E 49 19.69 -20.09 -24.97
CA LEU E 49 19.51 -18.72 -24.48
C LEU E 49 19.70 -17.72 -25.60
N ILE E 50 20.77 -17.91 -26.36
CA ILE E 50 20.95 -17.25 -27.64
C ILE E 50 20.41 -18.24 -28.68
N PRO E 51 19.28 -17.90 -29.33
CA PRO E 51 18.70 -18.87 -30.27
C PRO E 51 19.65 -19.22 -31.41
N GLU E 52 19.69 -20.49 -31.79
CA GLU E 52 20.52 -20.93 -32.92
C GLU E 52 20.12 -20.19 -34.18
N GLN E 53 18.81 -20.18 -34.46
CA GLN E 53 18.25 -19.50 -35.62
C GLN E 53 17.50 -18.24 -35.18
N ILE E 54 18.17 -17.10 -35.29
CA ILE E 54 17.59 -15.81 -34.92
C ILE E 54 16.62 -15.32 -35.98
N SER E 55 15.57 -14.65 -35.53
CA SER E 55 14.58 -14.05 -36.41
C SER E 55 14.00 -12.79 -35.78
N TRP E 56 13.79 -11.76 -36.60
CA TRP E 56 13.20 -10.50 -36.13
C TRP E 56 11.69 -10.43 -36.47
N ASP E 57 11.18 -11.45 -37.15
CA ASP E 57 9.80 -11.43 -37.67
C ASP E 57 8.75 -11.25 -36.58
N HIS E 58 8.93 -11.89 -35.44
CA HIS E 58 7.94 -11.79 -34.36
C HIS E 58 7.83 -10.34 -33.89
N TRP E 59 8.97 -9.67 -33.77
CA TRP E 59 8.99 -8.26 -33.38
C TRP E 59 8.55 -7.34 -34.50
N LYS E 60 8.94 -7.65 -35.73
CA LYS E 60 8.53 -6.90 -36.91
C LYS E 60 7.02 -6.80 -37.02
N LEU E 61 6.35 -7.95 -36.95
CA LEU E 61 4.90 -7.99 -36.99
C LEU E 61 4.31 -7.25 -35.80
N ALA E 62 4.88 -7.48 -34.61
CA ALA E 62 4.41 -6.79 -33.40
C ALA E 62 4.54 -5.25 -33.50
N LEU E 63 5.54 -4.77 -34.25
CA LEU E 63 5.81 -3.33 -34.33
C LEU E 63 5.13 -2.68 -35.52
N GLY E 64 4.48 -3.48 -36.34
CA GLY E 64 3.71 -2.98 -37.48
C GLY E 64 4.33 -3.23 -38.83
N PHE E 65 5.42 -3.97 -38.87
CA PHE E 65 6.13 -4.23 -40.13
C PHE E 65 5.60 -5.48 -40.82
N SER E 66 5.49 -5.43 -42.14
CA SER E 66 5.19 -6.60 -42.95
C SER E 66 6.45 -7.44 -43.09
N VAL E 67 6.27 -8.74 -43.37
CA VAL E 67 7.38 -9.68 -43.38
C VAL E 67 7.46 -10.41 -44.72
N GLU E 68 8.66 -10.43 -45.30
CA GLU E 68 8.93 -11.14 -46.55
C GLU E 68 9.38 -12.57 -46.23
N GLN E 69 8.50 -13.53 -46.43
CA GLN E 69 8.74 -14.92 -46.00
C GLN E 69 9.35 -15.79 -47.11
N ALA E 70 9.59 -17.06 -46.79
CA ALA E 70 10.34 -17.98 -47.66
C ALA E 70 9.93 -17.97 -49.13
N ASP E 71 8.65 -18.24 -49.39
CA ASP E 71 8.15 -18.34 -50.78
C ASP E 71 8.15 -17.01 -51.56
N GLY E 72 8.20 -15.88 -50.86
CA GLY E 72 8.37 -14.57 -51.48
C GLY E 72 7.20 -13.61 -51.41
N ARG E 73 6.08 -14.07 -50.87
CA ARG E 73 4.88 -13.23 -50.69
C ARG E 73 4.93 -12.48 -49.36
N ILE E 74 4.38 -11.26 -49.37
CA ILE E 74 4.42 -10.36 -48.22
C ILE E 74 3.31 -10.70 -47.22
N THR E 75 3.68 -10.84 -45.95
CA THR E 75 2.74 -11.15 -44.87
C THR E 75 2.54 -9.89 -44.04
N PRO E 76 1.38 -9.22 -44.19
CA PRO E 76 1.17 -8.03 -43.39
C PRO E 76 0.82 -8.42 -41.96
N PRO E 77 0.94 -7.47 -41.01
CA PRO E 77 0.71 -7.85 -39.62
C PRO E 77 -0.75 -8.25 -39.37
N PRO E 78 -0.99 -9.48 -38.92
CA PRO E 78 -2.38 -9.86 -38.64
C PRO E 78 -3.08 -8.96 -37.61
N PHE E 79 -2.37 -8.54 -36.57
CA PHE E 79 -2.97 -7.78 -35.47
C PHE E 79 -2.28 -6.44 -35.20
N PRO E 80 -3.05 -5.45 -34.70
CA PRO E 80 -2.50 -4.15 -34.31
C PRO E 80 -1.97 -4.18 -32.88
N VAL E 81 -0.75 -4.70 -32.73
CA VAL E 81 -0.19 -4.91 -31.42
C VAL E 81 0.07 -3.58 -30.70
N LEU E 82 0.67 -2.61 -31.38
CA LEU E 82 0.97 -1.32 -30.73
C LEU E 82 -0.30 -0.61 -30.27
N LEU E 83 -1.37 -0.69 -31.06
CA LEU E 83 -2.67 -0.14 -30.66
C LEU E 83 -3.21 -0.85 -29.41
N TRP E 84 -3.05 -2.17 -29.35
CA TRP E 84 -3.37 -2.95 -28.16
C TRP E 84 -2.59 -2.44 -26.94
N LEU E 85 -1.31 -2.14 -27.16
CA LEU E 85 -0.44 -1.62 -26.09
C LEU E 85 -0.93 -0.26 -25.58
N TRP E 86 -1.32 0.61 -26.52
CA TRP E 86 -1.86 1.91 -26.17
C TRP E 86 -3.15 1.75 -25.38
N ASN E 87 -4.02 0.86 -25.84
CA ASN E 87 -5.25 0.55 -25.12
C ASN E 87 -4.98 0.09 -23.69
N SER E 88 -3.94 -0.73 -23.51
CA SER E 88 -3.53 -1.17 -22.18
C SER E 88 -3.08 -0.02 -21.29
N VAL E 89 -2.24 0.83 -21.85
CA VAL E 89 -1.77 2.02 -21.12
C VAL E 89 -2.94 2.89 -20.69
N LYS E 90 -3.84 3.17 -21.64
CA LYS E 90 -5.03 3.97 -21.35
C LYS E 90 -5.87 3.36 -20.22
N VAL E 91 -6.25 2.10 -20.39
CA VAL E 91 -7.11 1.43 -19.42
C VAL E 91 -6.43 1.32 -18.06
N ALA E 92 -5.14 0.99 -18.06
CA ALA E 92 -4.43 0.82 -16.80
C ALA E 92 -4.18 2.16 -16.13
N GLY E 93 -3.85 3.17 -16.93
CA GLY E 93 -3.58 4.53 -16.43
C GLY E 93 -4.79 5.21 -15.81
N ILE E 94 -5.89 5.24 -16.55
CA ILE E 94 -7.13 5.85 -16.03
C ILE E 94 -7.64 5.08 -14.82
N SER E 95 -7.66 3.75 -14.90
CA SER E 95 -8.12 2.94 -13.76
C SER E 95 -7.20 3.08 -12.55
N ALA E 96 -5.90 3.20 -12.78
CA ALA E 96 -4.98 3.39 -11.65
C ALA E 96 -5.27 4.70 -10.90
N ILE E 97 -5.43 5.78 -11.65
CA ILE E 97 -5.78 7.09 -11.07
C ILE E 97 -7.07 6.97 -10.27
N GLY E 98 -8.09 6.36 -10.88
CA GLY E 98 -9.37 6.17 -10.23
C GLY E 98 -9.24 5.40 -8.92
N ILE E 99 -8.42 4.37 -8.92
CA ILE E 99 -8.25 3.54 -7.73
C ILE E 99 -7.53 4.31 -6.61
N VAL E 100 -6.47 5.03 -6.96
CA VAL E 100 -5.79 5.91 -6.01
C VAL E 100 -6.78 6.89 -5.40
N ALA E 101 -7.51 7.60 -6.27
CA ALA E 101 -8.44 8.64 -5.83
C ALA E 101 -9.54 8.09 -4.93
N LEU E 102 -10.07 6.91 -5.28
CA LEU E 102 -11.12 6.30 -4.47
C LEU E 102 -10.60 5.73 -3.14
N SER E 103 -9.44 5.10 -3.12
CA SER E 103 -9.00 4.41 -1.89
C SER E 103 -8.37 5.37 -0.88
N THR E 104 -7.70 6.39 -1.39
CA THR E 104 -7.16 7.48 -0.58
C THR E 104 -8.26 8.18 0.24
N THR E 105 -9.33 8.59 -0.41
CA THR E 105 -10.41 9.30 0.27
C THR E 105 -11.07 8.42 1.32
N CYS E 106 -11.35 7.19 0.94
CA CYS E 106 -11.82 6.15 1.86
C CYS E 106 -10.89 6.00 3.06
N ALA E 107 -9.60 5.84 2.79
CA ALA E 107 -8.57 5.67 3.84
C ALA E 107 -8.58 6.81 4.85
N TYR E 108 -8.70 8.04 4.35
CA TYR E 108 -8.70 9.22 5.18
C TYR E 108 -9.81 9.18 6.23
N ALA E 109 -11.02 8.79 5.80
CA ALA E 109 -12.15 8.66 6.71
C ALA E 109 -11.89 7.58 7.75
N PHE E 110 -11.51 6.39 7.29
CA PHE E 110 -11.23 5.29 8.20
C PHE E 110 -10.14 5.68 9.20
N ALA E 111 -9.10 6.35 8.71
CA ALA E 111 -7.94 6.70 9.54
C ALA E 111 -8.14 7.89 10.49
N ARG E 112 -9.01 8.85 10.12
CA ARG E 112 -9.12 10.10 10.88
C ARG E 112 -10.51 10.47 11.40
N MET E 113 -11.54 9.70 11.05
CA MET E 113 -12.90 10.07 11.40
C MET E 113 -13.64 8.98 12.15
N ARG E 114 -14.59 9.42 12.97
CA ARG E 114 -15.46 8.52 13.72
C ARG E 114 -16.75 8.35 12.95
N PHE E 115 -17.19 7.10 12.81
CA PHE E 115 -18.54 6.81 12.33
C PHE E 115 -18.90 5.36 12.69
N PRO E 116 -20.20 5.06 12.78
CA PRO E 116 -20.60 3.75 13.30
C PRO E 116 -20.37 2.62 12.28
N GLY E 117 -19.99 1.45 12.78
CA GLY E 117 -19.74 0.29 11.92
C GLY E 117 -18.49 0.46 11.07
N LYS E 118 -17.55 1.26 11.56
CA LYS E 118 -16.29 1.51 10.89
C LYS E 118 -15.38 0.29 10.95
N ALA E 119 -15.25 -0.27 12.15
CA ALA E 119 -14.48 -1.50 12.38
C ALA E 119 -15.12 -2.67 11.64
N THR E 120 -16.45 -2.73 11.66
CA THR E 120 -17.18 -3.73 10.90
C THR E 120 -16.96 -3.59 9.40
N LEU E 121 -17.07 -2.36 8.88
CA LEU E 121 -16.88 -2.12 7.44
C LEU E 121 -15.50 -2.55 6.96
N LEU E 122 -14.46 -2.22 7.72
CA LEU E 122 -13.09 -2.58 7.35
C LEU E 122 -12.84 -4.09 7.43
N LYS E 123 -13.35 -4.74 8.49
CA LYS E 123 -13.36 -6.20 8.55
C LYS E 123 -14.05 -6.73 7.31
N GLY E 124 -15.26 -6.24 7.06
CA GLY E 124 -16.08 -6.66 5.92
C GLY E 124 -15.43 -6.47 4.56
N MET E 125 -14.82 -5.30 4.34
CA MET E 125 -14.11 -5.03 3.09
C MET E 125 -13.00 -6.04 2.85
N LEU E 126 -12.22 -6.29 3.90
CA LEU E 126 -11.12 -7.25 3.83
C LEU E 126 -11.67 -8.65 3.55
N ILE E 127 -12.71 -9.03 4.29
CA ILE E 127 -13.26 -10.38 4.23
C ILE E 127 -13.99 -10.65 2.90
N PHE E 128 -14.78 -9.70 2.44
CA PHE E 128 -15.58 -9.91 1.22
C PHE E 128 -14.73 -9.95 -0.05
N GLN E 129 -13.57 -9.30 -0.03
CA GLN E 129 -12.66 -9.38 -1.18
C GLN E 129 -11.93 -10.72 -1.23
N MET E 130 -11.98 -11.46 -0.13
CA MET E 130 -11.36 -12.79 -0.07
C MET E 130 -12.25 -13.90 -0.63
N PHE E 131 -13.53 -13.59 -0.85
CA PHE E 131 -14.49 -14.54 -1.42
C PHE E 131 -14.04 -14.99 -2.82
N PRO E 132 -14.05 -16.32 -3.08
CA PRO E 132 -13.77 -16.85 -4.41
C PRO E 132 -15.03 -16.88 -5.27
N ALA E 133 -15.37 -15.73 -5.86
CA ALA E 133 -16.55 -15.63 -6.72
C ALA E 133 -16.26 -16.31 -8.04
N VAL E 134 -16.38 -17.63 -8.05
CA VAL E 134 -16.07 -18.42 -9.24
C VAL E 134 -17.00 -18.05 -10.40
N LEU E 135 -18.22 -17.62 -10.06
CA LEU E 135 -19.22 -17.20 -11.03
C LEU E 135 -19.27 -15.67 -11.20
N SER E 136 -18.15 -14.99 -10.99
CA SER E 136 -18.13 -13.53 -11.07
C SER E 136 -18.35 -13.01 -12.49
N LEU E 137 -17.75 -13.68 -13.48
CA LEU E 137 -17.90 -13.30 -14.89
C LEU E 137 -19.35 -13.34 -15.37
N VAL E 138 -20.10 -14.34 -14.93
CA VAL E 138 -21.52 -14.43 -15.25
C VAL E 138 -22.28 -13.22 -14.69
N ALA E 139 -21.94 -12.82 -13.47
CA ALA E 139 -22.59 -11.69 -12.83
C ALA E 139 -22.26 -10.37 -13.52
N LEU E 140 -20.97 -10.14 -13.76
CA LEU E 140 -20.49 -8.94 -14.43
C LEU E 140 -21.08 -8.75 -15.83
N TYR E 141 -21.07 -9.81 -16.65
CA TYR E 141 -21.62 -9.69 -18.00
C TYR E 141 -23.03 -9.14 -17.93
N ALA E 142 -23.83 -9.70 -17.03
CA ALA E 142 -25.22 -9.31 -16.88
C ALA E 142 -25.34 -7.86 -16.43
N LEU E 143 -24.49 -7.43 -15.52
CA LEU E 143 -24.51 -6.04 -15.05
C LEU E 143 -24.19 -5.09 -16.21
N PHE E 144 -23.10 -5.35 -16.92
CA PHE E 144 -22.66 -4.43 -17.97
C PHE E 144 -23.59 -4.47 -19.20
N ASP E 145 -24.25 -5.59 -19.42
CA ASP E 145 -25.21 -5.69 -20.50
C ASP E 145 -26.41 -4.76 -20.26
N ARG E 146 -26.91 -4.75 -19.03
CA ARG E 146 -28.03 -3.87 -18.66
C ARG E 146 -27.56 -2.43 -18.62
N LEU E 147 -26.45 -2.19 -17.92
CA LEU E 147 -25.86 -0.86 -17.80
C LEU E 147 -25.72 -0.19 -19.18
N GLY E 148 -25.30 -0.97 -20.18
CA GLY E 148 -25.13 -0.48 -21.54
C GLY E 148 -26.35 0.15 -22.19
N GLU E 149 -27.53 -0.37 -21.85
CA GLU E 149 -28.79 0.18 -22.35
C GLU E 149 -29.04 1.60 -21.80
N TYR E 150 -28.50 1.90 -20.62
CA TYR E 150 -28.75 3.19 -19.97
C TYR E 150 -27.56 4.17 -20.05
N ILE E 151 -26.36 3.74 -19.66
CA ILE E 151 -25.13 4.52 -19.90
C ILE E 151 -24.21 3.73 -20.83
N PRO E 152 -24.37 3.90 -22.15
CA PRO E 152 -23.59 3.09 -23.12
C PRO E 152 -22.09 3.33 -23.07
N PHE E 153 -21.68 4.50 -22.58
CA PHE E 153 -20.28 4.87 -22.42
C PHE E 153 -19.52 3.95 -21.46
N ILE E 154 -20.24 3.24 -20.59
CA ILE E 154 -19.62 2.28 -19.68
C ILE E 154 -20.24 0.88 -19.73
N GLY E 155 -20.81 0.51 -20.90
CA GLY E 155 -21.39 -0.83 -21.10
C GLY E 155 -20.41 -1.80 -21.75
N LEU E 156 -20.93 -2.92 -22.23
CA LEU E 156 -20.12 -3.91 -22.94
C LEU E 156 -19.36 -3.29 -24.11
N ASN E 157 -18.20 -3.87 -24.42
CA ASN E 157 -17.36 -3.43 -25.52
C ASN E 157 -17.01 -1.95 -25.43
N THR E 158 -16.62 -1.51 -24.24
CA THR E 158 -16.13 -0.16 -24.01
C THR E 158 -15.02 -0.18 -23.00
N HIS E 159 -14.08 0.76 -23.11
CA HIS E 159 -13.00 0.87 -22.15
C HIS E 159 -13.51 1.38 -20.82
N GLY E 160 -14.46 2.31 -20.87
CA GLY E 160 -15.16 2.79 -19.69
C GLY E 160 -15.63 1.65 -18.80
N GLY E 161 -16.24 0.64 -19.41
CA GLY E 161 -16.73 -0.53 -18.70
C GLY E 161 -15.62 -1.30 -18.02
N VAL E 162 -14.56 -1.58 -18.74
CA VAL E 162 -13.41 -2.30 -18.19
C VAL E 162 -12.86 -1.52 -17.01
N ILE E 163 -12.72 -0.22 -17.19
CA ILE E 163 -12.18 0.65 -16.14
C ILE E 163 -13.11 0.66 -14.93
N PHE E 164 -14.39 0.82 -15.19
CA PHE E 164 -15.38 0.88 -14.14
C PHE E 164 -15.33 -0.40 -13.32
N ALA E 165 -15.12 -1.53 -13.98
CA ALA E 165 -15.07 -2.82 -13.30
C ALA E 165 -13.88 -2.94 -12.34
N TYR E 166 -12.75 -2.35 -12.71
CA TYR E 166 -11.55 -2.38 -11.88
C TYR E 166 -11.62 -1.45 -10.67
N LEU E 167 -12.46 -0.42 -10.73
CA LEU E 167 -12.57 0.55 -9.63
C LEU E 167 -13.08 -0.06 -8.32
N GLY E 168 -13.67 -1.24 -8.38
CA GLY E 168 -14.15 -1.90 -7.17
C GLY E 168 -13.10 -2.68 -6.40
N GLY E 169 -11.90 -2.85 -6.96
CA GLY E 169 -10.86 -3.61 -6.29
C GLY E 169 -9.95 -2.78 -5.38
N ILE E 170 -10.55 -2.12 -4.39
CA ILE E 170 -9.83 -1.11 -3.58
C ILE E 170 -9.59 -1.51 -2.13
N ALA E 171 -10.27 -2.55 -1.65
CA ALA E 171 -10.26 -2.87 -0.23
C ALA E 171 -8.83 -2.92 0.33
N LEU E 172 -7.95 -3.63 -0.36
CA LEU E 172 -6.58 -3.78 0.16
C LEU E 172 -5.87 -2.44 0.14
N HIS E 173 -6.06 -1.69 -0.94
CA HIS E 173 -5.46 -0.38 -1.07
C HIS E 173 -5.93 0.60 0.02
N VAL E 174 -7.20 0.47 0.42
CA VAL E 174 -7.73 1.29 1.52
C VAL E 174 -7.02 0.97 2.83
N TRP E 175 -6.81 -0.31 3.10
CA TRP E 175 -6.08 -0.73 4.30
C TRP E 175 -4.64 -0.25 4.25
N THR E 176 -4.02 -0.35 3.08
CA THR E 176 -2.62 0.00 2.90
C THR E 176 -2.39 1.48 3.16
N ILE E 177 -3.23 2.33 2.56
CA ILE E 177 -3.08 3.77 2.68
C ILE E 177 -3.48 4.20 4.08
N LYS E 178 -4.55 3.63 4.61
CA LYS E 178 -4.93 3.91 5.98
C LYS E 178 -3.70 3.75 6.90
N GLY E 179 -3.13 2.54 6.90
CA GLY E 179 -1.98 2.25 7.75
C GLY E 179 -0.88 3.29 7.66
N TYR E 180 -0.60 3.77 6.46
CA TYR E 180 0.44 4.77 6.25
C TYR E 180 0.04 6.08 6.89
N PHE E 181 -1.19 6.54 6.63
CA PHE E 181 -1.72 7.75 7.27
C PHE E 181 -1.53 7.73 8.79
N GLU E 182 -1.65 6.55 9.40
CA GLU E 182 -1.55 6.40 10.84
C GLU E 182 -0.12 6.50 11.38
N THR E 183 0.87 6.48 10.49
CA THR E 183 2.25 6.74 10.88
C THR E 183 2.57 8.22 10.96
N ILE E 184 1.71 9.05 10.38
CA ILE E 184 1.95 10.48 10.35
C ILE E 184 1.36 11.10 11.60
N ASP E 185 2.18 11.82 12.34
CA ASP E 185 1.75 12.40 13.61
C ASP E 185 0.59 13.34 13.32
N SER E 186 -0.47 13.21 14.11
CA SER E 186 -1.73 13.87 13.84
C SER E 186 -1.71 15.36 14.20
N SER E 187 -0.67 15.79 14.92
CA SER E 187 -0.59 17.18 15.36
C SER E 187 -0.41 18.14 14.18
N LEU E 188 0.15 17.63 13.09
CA LEU E 188 0.26 18.40 11.84
C LEU E 188 -1.14 18.79 11.33
N GLU E 189 -2.04 17.81 11.27
CA GLU E 189 -3.42 18.08 10.87
C GLU E 189 -4.20 18.84 11.93
N GLU E 190 -3.88 18.61 13.21
CA GLU E 190 -4.47 19.35 14.32
C GLU E 190 -4.13 20.85 14.22
N ALA E 191 -2.87 21.16 13.95
CA ALA E 191 -2.43 22.53 13.79
C ALA E 191 -3.07 23.14 12.56
N ALA E 192 -3.18 22.33 11.51
CA ALA E 192 -3.90 22.72 10.30
C ALA E 192 -5.31 23.18 10.65
N ALA E 193 -6.01 22.34 11.40
CA ALA E 193 -7.38 22.66 11.81
C ALA E 193 -7.48 23.99 12.56
N LEU E 194 -6.53 24.24 13.46
CA LEU E 194 -6.50 25.49 14.24
C LEU E 194 -6.13 26.71 13.39
N ASP E 195 -5.46 26.49 12.25
CA ASP E 195 -5.23 27.53 11.25
C ASP E 195 -6.49 27.79 10.42
N GLY E 196 -7.59 27.10 10.71
CA GLY E 196 -8.86 27.26 10.00
C GLY E 196 -9.15 26.26 8.88
N ALA E 197 -8.33 25.23 8.75
CA ALA E 197 -8.47 24.28 7.63
C ALA E 197 -9.63 23.31 7.83
N THR E 198 -10.41 23.11 6.77
CA THR E 198 -11.44 22.09 6.77
C THR E 198 -10.78 20.73 6.68
N PRO E 199 -11.52 19.66 6.97
CA PRO E 199 -10.94 18.31 6.82
C PRO E 199 -10.46 18.00 5.39
N TRP E 200 -11.13 18.58 4.40
CA TRP E 200 -10.69 18.46 3.01
C TRP E 200 -9.33 19.14 2.84
N GLN E 201 -9.19 20.33 3.41
CA GLN E 201 -7.98 21.12 3.25
C GLN E 201 -6.81 20.50 3.96
N ALA E 202 -7.03 20.07 5.20
CA ALA E 202 -6.00 19.31 5.94
C ALA E 202 -5.59 18.05 5.19
N PHE E 203 -6.57 17.35 4.63
CA PHE E 203 -6.33 16.14 3.83
C PHE E 203 -5.48 16.45 2.60
N ARG E 204 -5.92 17.41 1.80
CA ARG E 204 -5.23 17.78 0.56
C ARG E 204 -3.90 18.51 0.74
N LEU E 205 -3.81 19.40 1.72
CA LEU E 205 -2.66 20.31 1.82
C LEU E 205 -1.59 19.87 2.82
N VAL E 206 -1.98 19.02 3.79
CA VAL E 206 -1.04 18.54 4.79
C VAL E 206 -0.75 17.07 4.61
N LEU E 207 -1.78 16.23 4.62
CA LEU E 207 -1.59 14.77 4.70
C LEU E 207 -1.12 14.12 3.41
N LEU E 208 -1.78 14.38 2.29
CA LEU E 208 -1.36 13.77 1.01
C LEU E 208 0.11 14.07 0.65
N PRO E 209 0.57 15.32 0.79
CA PRO E 209 1.96 15.57 0.45
C PRO E 209 2.96 14.70 1.21
N LEU E 210 2.65 14.38 2.46
CA LEU E 210 3.51 13.55 3.29
C LEU E 210 3.23 12.06 3.09
N SER E 211 2.18 11.72 2.34
CA SER E 211 1.77 10.33 2.14
C SER E 211 2.10 9.85 0.74
N VAL E 212 2.83 10.69 0.01
CA VAL E 212 3.08 10.49 -1.40
C VAL E 212 3.79 9.15 -1.75
N PRO E 213 4.65 8.62 -0.84
CA PRO E 213 5.23 7.31 -1.16
C PRO E 213 4.21 6.20 -1.34
N ILE E 214 3.20 6.14 -0.48
CA ILE E 214 2.22 5.05 -0.52
C ILE E 214 1.23 5.26 -1.68
N LEU E 215 1.04 6.51 -2.08
CA LEU E 215 0.25 6.82 -3.26
C LEU E 215 0.92 6.25 -4.50
N ALA E 216 2.24 6.34 -4.56
CA ALA E 216 3.00 5.74 -5.65
C ALA E 216 2.82 4.22 -5.63
N VAL E 217 3.02 3.62 -4.47
CA VAL E 217 2.83 2.18 -4.32
C VAL E 217 1.48 1.76 -4.85
N VAL E 218 0.42 2.49 -4.51
CA VAL E 218 -0.92 2.10 -4.96
C VAL E 218 -1.09 2.31 -6.47
N PHE E 219 -0.47 3.35 -7.02
CA PHE E 219 -0.55 3.57 -8.47
C PHE E 219 0.16 2.43 -9.20
N ILE E 220 1.35 2.10 -8.69
CA ILE E 220 2.18 1.04 -9.28
C ILE E 220 1.43 -0.29 -9.28
N LEU E 221 1.02 -0.74 -8.11
CA LEU E 221 0.29 -1.99 -7.97
C LEU E 221 -0.97 -2.07 -8.84
N SER E 222 -1.67 -0.95 -9.00
CA SER E 222 -2.91 -0.90 -9.77
C SER E 222 -2.68 -0.91 -11.28
N PHE E 223 -1.60 -0.26 -11.70
CA PHE E 223 -1.23 -0.22 -13.11
C PHE E 223 -0.90 -1.66 -13.54
N ILE E 224 0.04 -2.28 -12.83
CA ILE E 224 0.43 -3.67 -13.06
C ILE E 224 -0.78 -4.58 -13.16
N ALA E 225 -1.60 -4.59 -12.11
CA ALA E 225 -2.82 -5.38 -12.13
C ALA E 225 -3.58 -5.20 -13.46
N ALA E 226 -3.85 -3.95 -13.83
CA ALA E 226 -4.64 -3.65 -15.04
C ALA E 226 -3.95 -4.06 -16.35
N ILE E 227 -2.66 -3.76 -16.50
CA ILE E 227 -1.94 -4.19 -17.68
C ILE E 227 -1.97 -5.72 -17.87
N THR E 228 -1.94 -6.49 -16.78
CA THR E 228 -1.85 -7.95 -16.87
C THR E 228 -3.21 -8.66 -16.85
N GLU E 229 -4.30 -7.91 -16.79
CA GLU E 229 -5.63 -8.49 -16.56
C GLU E 229 -6.21 -9.05 -17.86
N VAL E 230 -6.66 -10.31 -17.82
CA VAL E 230 -7.28 -10.95 -18.98
C VAL E 230 -8.79 -11.19 -18.83
N PRO E 231 -9.21 -12.01 -17.86
CA PRO E 231 -10.62 -12.45 -17.82
C PRO E 231 -11.68 -11.36 -17.99
N VAL E 232 -11.57 -10.27 -17.25
CA VAL E 232 -12.61 -9.24 -17.26
C VAL E 232 -12.60 -8.41 -18.56
N ALA E 233 -11.42 -8.00 -19.00
CA ALA E 233 -11.29 -7.27 -20.25
C ALA E 233 -11.69 -8.16 -21.44
N SER E 234 -11.30 -9.42 -21.38
CA SER E 234 -11.63 -10.36 -22.44
C SER E 234 -13.14 -10.60 -22.52
N LEU E 235 -13.81 -10.47 -21.39
CA LEU E 235 -15.25 -10.70 -21.30
C LEU E 235 -16.05 -9.51 -21.82
N LEU E 236 -15.58 -8.29 -21.59
CA LEU E 236 -16.31 -7.09 -21.99
C LEU E 236 -15.94 -6.54 -23.37
N LEU E 237 -14.68 -6.67 -23.76
CA LEU E 237 -14.21 -6.15 -25.05
C LEU E 237 -14.50 -7.13 -26.21
N ARG E 238 -15.12 -6.60 -27.25
CA ARG E 238 -15.53 -7.38 -28.42
C ARG E 238 -14.72 -7.04 -29.67
N ASP E 239 -14.61 -5.74 -29.98
CA ASP E 239 -13.91 -5.28 -31.20
C ASP E 239 -12.40 -5.42 -31.08
N VAL E 240 -11.77 -5.93 -32.14
CA VAL E 240 -10.33 -6.20 -32.12
C VAL E 240 -9.53 -4.93 -31.84
N ASN E 241 -9.96 -3.81 -32.44
CA ASN E 241 -9.29 -2.51 -32.27
C ASN E 241 -9.41 -1.89 -30.89
N SER E 242 -10.27 -2.45 -30.04
CA SER E 242 -10.39 -1.99 -28.67
C SER E 242 -9.66 -2.90 -27.69
N TYR E 243 -9.21 -4.07 -28.13
CA TYR E 243 -8.54 -5.00 -27.23
C TYR E 243 -7.35 -4.33 -26.54
N THR E 244 -7.15 -4.71 -25.27
CA THR E 244 -5.90 -4.42 -24.60
C THR E 244 -4.92 -5.50 -25.03
N LEU E 245 -3.65 -5.29 -24.69
CA LEU E 245 -2.60 -6.22 -25.07
C LEU E 245 -2.75 -7.59 -24.43
N ALA E 246 -3.09 -7.64 -23.15
CA ALA E 246 -3.31 -8.91 -22.45
C ALA E 246 -4.43 -9.72 -23.09
N VAL E 247 -5.47 -9.04 -23.56
CA VAL E 247 -6.56 -9.71 -24.26
C VAL E 247 -6.13 -10.09 -25.67
N GLY E 248 -5.54 -9.14 -26.38
CA GLY E 248 -5.06 -9.37 -27.75
C GLY E 248 -4.15 -10.56 -27.90
N MET E 249 -3.17 -10.71 -27.00
CA MET E 249 -2.19 -11.78 -27.13
C MET E 249 -2.78 -13.18 -26.89
N GLN E 250 -4.00 -13.26 -26.38
CA GLN E 250 -4.70 -14.54 -26.25
C GLN E 250 -4.99 -15.16 -27.62
N GLN E 251 -5.09 -14.32 -28.66
CA GLN E 251 -5.23 -14.81 -30.04
C GLN E 251 -4.11 -15.77 -30.45
N TYR E 252 -2.93 -15.61 -29.86
CA TYR E 252 -1.78 -16.46 -30.16
C TYR E 252 -1.86 -17.86 -29.56
N LEU E 253 -2.87 -18.12 -28.71
CA LEU E 253 -3.00 -19.41 -28.01
C LEU E 253 -4.15 -20.21 -28.59
N ASN E 254 -3.86 -21.42 -29.06
CA ASN E 254 -4.85 -22.31 -29.65
C ASN E 254 -4.82 -23.67 -28.94
N PRO E 255 -5.85 -24.52 -29.18
CA PRO E 255 -5.96 -25.75 -28.40
C PRO E 255 -4.75 -26.68 -28.47
N GLN E 256 -4.11 -26.77 -29.64
CA GLN E 256 -3.00 -27.71 -29.80
C GLN E 256 -1.61 -27.05 -29.89
N ASN E 257 -1.56 -25.75 -30.09
CA ASN E 257 -0.27 -25.08 -30.17
C ASN E 257 -0.36 -23.59 -29.91
N TYR E 258 0.75 -22.99 -29.54
CA TYR E 258 0.84 -21.57 -29.25
C TYR E 258 1.80 -20.92 -30.24
N LEU E 259 1.46 -19.75 -30.76
CA LEU E 259 2.41 -18.97 -31.55
C LEU E 259 3.39 -18.30 -30.58
N TRP E 260 4.23 -19.13 -29.95
CA TRP E 260 5.09 -18.71 -28.85
C TRP E 260 5.87 -17.42 -29.11
N GLY E 261 6.47 -17.32 -30.28
CA GLY E 261 7.29 -16.19 -30.63
C GLY E 261 6.53 -14.87 -30.56
N ASP E 262 5.31 -14.90 -31.07
CA ASP E 262 4.47 -13.70 -31.09
C ASP E 262 3.95 -13.39 -29.70
N PHE E 263 3.68 -14.44 -28.93
CA PHE E 263 3.18 -14.29 -27.58
C PHE E 263 4.26 -13.73 -26.67
N ALA E 264 5.48 -14.27 -26.79
CA ALA E 264 6.61 -13.81 -26.00
C ALA E 264 6.93 -12.34 -26.26
N ALA E 265 6.90 -11.92 -27.53
CA ALA E 265 7.15 -10.53 -27.88
C ALA E 265 6.08 -9.62 -27.29
N ALA E 266 4.85 -10.11 -27.22
CA ALA E 266 3.76 -9.36 -26.63
C ALA E 266 3.95 -9.25 -25.12
N ALA E 267 4.37 -10.34 -24.49
CA ALA E 267 4.63 -10.35 -23.06
C ALA E 267 5.74 -9.37 -22.67
N VAL E 268 6.80 -9.32 -23.48
CA VAL E 268 7.91 -8.39 -23.24
C VAL E 268 7.46 -6.94 -23.41
N MET E 269 6.69 -6.66 -24.46
CA MET E 269 6.15 -5.31 -24.66
C MET E 269 5.31 -4.87 -23.48
N SER E 270 4.60 -5.81 -22.85
CA SER E 270 3.71 -5.45 -21.76
C SER E 270 4.48 -4.99 -20.52
N ALA E 271 5.74 -5.43 -20.40
CA ALA E 271 6.60 -5.01 -19.29
C ALA E 271 7.14 -3.59 -19.47
N LEU E 272 7.08 -3.08 -20.70
CA LEU E 272 7.62 -1.76 -20.98
C LEU E 272 6.88 -0.63 -20.24
N PRO E 273 5.55 -0.57 -20.36
CA PRO E 273 4.84 0.51 -19.65
C PRO E 273 4.97 0.40 -18.13
N ILE E 274 5.07 -0.82 -17.62
CA ILE E 274 5.24 -1.05 -16.19
C ILE E 274 6.59 -0.51 -15.70
N THR E 275 7.65 -0.84 -16.43
CA THR E 275 8.99 -0.37 -16.10
C THR E 275 9.04 1.15 -16.05
N ILE E 276 8.44 1.79 -17.06
CA ILE E 276 8.42 3.24 -17.15
C ILE E 276 7.65 3.87 -16.00
N VAL E 277 6.45 3.38 -15.73
CA VAL E 277 5.67 3.90 -14.60
C VAL E 277 6.43 3.71 -13.29
N PHE E 278 7.08 2.55 -13.12
CA PHE E 278 7.88 2.30 -11.93
C PHE E 278 9.00 3.32 -11.79
N LEU E 279 9.68 3.63 -12.90
CA LEU E 279 10.73 4.65 -12.88
C LEU E 279 10.20 6.03 -12.52
N LEU E 280 9.17 6.48 -13.21
CA LEU E 280 8.56 7.77 -12.92
C LEU E 280 8.05 7.85 -11.48
N ALA E 281 7.54 6.74 -10.95
CA ALA E 281 7.02 6.69 -9.57
C ALA E 281 8.06 6.91 -8.47
N GLN E 282 9.34 6.76 -8.80
CA GLN E 282 10.41 6.91 -7.80
C GLN E 282 10.57 8.33 -7.25
N ARG E 283 10.15 9.34 -8.01
CA ARG E 283 10.28 10.73 -7.52
C ARG E 283 9.40 11.00 -6.31
N TRP E 284 8.38 10.16 -6.10
CA TRP E 284 7.46 10.24 -4.96
CA TRP E 284 7.50 10.28 -4.95
C TRP E 284 7.86 9.25 -3.86
N LEU E 285 8.86 8.41 -4.14
CA LEU E 285 9.34 7.44 -3.16
C LEU E 285 10.58 8.00 -2.46
N VAL E 286 10.35 8.83 -1.45
CA VAL E 286 11.41 9.54 -0.77
C VAL E 286 11.31 9.37 0.76
N ASN E 287 12.45 9.28 1.43
CA ASN E 287 12.47 9.27 2.89
C ASN E 287 12.47 10.70 3.42
N GLY E 288 12.23 10.82 4.73
CA GLY E 288 12.41 12.08 5.44
C GLY E 288 11.35 13.14 5.22
N LEU E 289 10.16 12.76 4.75
CA LEU E 289 9.13 13.75 4.44
C LEU E 289 8.57 14.45 5.69
N THR E 290 8.63 13.77 6.83
CA THR E 290 8.06 14.32 8.06
C THR E 290 9.11 14.89 8.99
N ALA E 291 10.37 14.82 8.59
CA ALA E 291 11.46 15.24 9.45
C ALA E 291 11.37 16.73 9.75
N GLY E 292 11.59 17.09 11.01
CA GLY E 292 11.55 18.49 11.44
C GLY E 292 10.19 19.02 11.85
N GLY E 293 9.13 18.26 11.61
CA GLY E 293 7.77 18.70 11.94
C GLY E 293 7.47 18.63 13.44
N VAL E 294 7.66 17.46 14.02
CA VAL E 294 7.25 17.15 15.38
C VAL E 294 8.43 16.74 16.25
N LYS E 295 8.67 17.51 17.30
CA LYS E 295 9.62 17.16 18.33
C LYS E 295 9.15 15.90 19.08
N GLY E 296 10.08 15.00 19.39
CA GLY E 296 9.74 13.78 20.13
C GLY E 296 10.59 12.57 19.77
O4 GLC F . -8.68 -11.26 -4.85
C1 GLC F . -7.63 -10.29 -4.59
C2 GLC F . -7.32 -9.20 -5.61
C3 GLC F . -5.83 -9.14 -5.95
C4 GLC F . -4.90 -9.42 -4.77
C5 GLC F . -5.40 -10.51 -3.79
C6 GLC F . -4.62 -10.62 -2.48
O2 GLC F . -8.08 -9.44 -6.77
O3 GLC F . -5.50 -7.86 -6.47
O4 GLC F . -3.70 -9.86 -5.38
O5 GLC F . -6.77 -10.38 -3.47
O6 GLC F . -4.59 -9.39 -1.80
C1 GLC F . -2.51 -9.17 -4.92
C2 GLC F . -1.67 -8.76 -6.12
C3 GLC F . -1.13 -9.99 -6.83
C4 GLC F . -0.39 -10.87 -5.83
C5 GLC F . -1.25 -11.19 -4.61
C6 GLC F . -0.39 -11.89 -3.56
O2 GLC F . -2.44 -8.01 -7.04
O3 GLC F . -0.28 -9.60 -7.90
O4 GLC F . -0.06 -12.09 -6.42
O5 GLC F . -1.77 -10.00 -4.05
O6 GLC F . -1.15 -12.00 -2.39
C1 GLC F . 1.33 -12.24 -6.79
C2 GLC F . 1.38 -12.81 -8.20
C3 GLC F . 0.88 -14.25 -8.22
C4 GLC F . 1.61 -15.06 -7.16
C5 GLC F . 1.49 -14.38 -5.81
C6 GLC F . 2.22 -15.13 -4.69
O2 GLC F . 0.61 -11.99 -9.05
O3 GLC F . 1.08 -14.83 -9.48
O4 GLC F . 1.12 -16.38 -7.11
O5 GLC F . 2.05 -13.09 -5.91
O6 GLC F . 2.05 -14.44 -3.46
MG MG G . 3.53 20.21 28.52
PG ANP H . 5.46 19.21 30.77
O1G ANP H . 5.07 19.44 29.33
O2G ANP H . 6.50 18.14 30.98
O3G ANP H . 5.71 20.47 31.55
PB ANP H . 2.49 18.92 31.40
O1B ANP H . 2.15 19.65 32.67
O2B ANP H . 2.23 19.57 30.06
N3B ANP H . 4.13 18.38 31.48
PA ANP H . 0.75 16.99 30.28
O1A ANP H . 1.56 16.88 29.02
O2A ANP H . -0.50 17.84 30.24
O3A ANP H . 1.66 17.54 31.46
O5' ANP H . 0.38 15.51 30.81
C5' ANP H . -0.21 15.41 32.11
C4' ANP H . -0.20 13.98 32.63
O4' ANP H . -0.99 13.14 31.80
C3' ANP H . 1.19 13.37 32.67
O3' ANP H . 1.35 12.66 33.90
C2' ANP H . 1.22 12.42 31.49
O2' ANP H . 2.08 11.32 31.74
C1' ANP H . -0.25 12.01 31.37
N9 ANP H . -0.68 11.68 29.98
C8 ANP H . -0.51 12.45 28.88
N7 ANP H . -1.06 11.84 27.79
C5 ANP H . -1.57 10.66 28.21
C6 ANP H . -2.29 9.52 27.58
N6 ANP H . -2.56 9.53 26.25
N1 ANP H . -2.67 8.48 28.37
C2 ANP H . -2.41 8.46 29.69
N3 ANP H . -1.76 9.47 30.33
C4 ANP H . -1.34 10.57 29.65
MG MG I . 20.59 23.02 18.79
PG ANP J . 19.58 25.83 18.92
O1G ANP J . 19.36 24.34 18.80
O2G ANP J . 18.46 26.71 18.40
O3G ANP J . 20.10 26.25 20.26
PB ANP J . 22.19 25.22 17.48
O1B ANP J . 23.35 25.99 18.06
O2B ANP J . 21.97 23.79 17.92
N3B ANP J . 20.76 26.19 17.72
PA ANP J . 22.52 24.05 14.89
O1A ANP J . 21.33 23.13 15.10
O2A ANP J . 23.92 23.50 15.00
O3A ANP J . 22.37 25.30 15.89
O5' ANP J . 22.42 24.75 13.44
C5' ANP J . 23.42 25.70 13.06
C4' ANP J . 23.03 26.49 11.82
O4' ANP J . 22.98 25.63 10.66
C3' ANP J . 21.66 27.14 11.95
O3' ANP J . 21.75 28.52 11.54
C2' ANP J . 20.77 26.31 11.04
O2' ANP J . 19.66 27.03 10.49
C1' ANP J . 21.74 25.80 9.97
N9 ANP J . 21.33 24.51 9.36
C8 ANP J . 20.92 23.38 10.00
N7 ANP J . 20.63 22.40 9.11
C5 ANP J . 20.85 22.89 7.88
C6 ANP J . 20.76 22.39 6.49
N6 ANP J . 20.34 21.13 6.26
N1 ANP J . 21.09 23.23 5.48
C2 ANP J . 21.51 24.50 5.70
N3 ANP J . 21.62 25.02 6.95
C4 ANP J . 21.32 24.28 8.05
C2 UMQ K . -30.77 -24.50 -58.91
C4 UMQ K . -32.41 -24.60 -57.01
C5 UMQ K . -31.30 -25.24 -56.18
C6 UMQ K . -31.86 -26.31 -55.26
O2 UMQ K . -30.14 -23.63 -59.85
O4 UMQ K . -33.20 -23.72 -56.20
C1 UMQ K . -29.70 -24.98 -57.95
C3 UMQ K . -31.88 -23.77 -58.18
O1 UMQ K . -29.12 -23.87 -57.26
O3 UMQ K . -32.97 -23.44 -59.05
O5 UMQ K . -30.30 -25.86 -57.00
O6 UMQ K . -30.80 -26.85 -54.47
C1' UMQ K . -25.69 -21.68 -57.04
C2' UMQ K . -25.97 -22.22 -58.44
C3' UMQ K . -27.42 -22.67 -58.49
C4' UMQ K . -27.71 -23.69 -57.40
C5' UMQ K . -27.17 -23.24 -56.03
C6' UMQ K . -27.23 -24.36 -54.98
O1' UMQ K . -24.35 -21.18 -56.99
O3' UMQ K . -27.69 -23.20 -59.80
O5' UMQ K . -25.84 -22.75 -56.10
O6' UMQ K . -27.00 -25.66 -55.51
O2' UMQ K . -25.71 -21.24 -59.45
CA UMQ K . -24.25 -19.89 -56.38
CB UMQ K . -22.78 -19.50 -56.29
CC UMQ K . -22.07 -20.29 -55.19
CD UMQ K . -20.59 -20.47 -55.52
CF UMQ K . -19.72 -20.64 -54.28
CG UMQ K . -18.87 -19.40 -54.02
CH UMQ K . -17.92 -19.62 -52.85
CI UMQ K . -17.14 -18.35 -52.50
CJ UMQ K . -15.88 -18.19 -53.33
CK UMQ K . -15.41 -16.74 -53.41
CL UMQ K . -14.41 -16.42 -52.32
P PGV L . 22.01 0.49 8.20
C01 PGV L . 20.92 -2.38 4.90
C02 PGV L . 22.27 -2.38 5.61
C03 PGV L . 22.52 -0.96 6.10
C04 PGV L . 19.49 1.30 8.20
C05 PGV L . 19.59 2.74 7.71
C06 PGV L . 20.27 3.65 8.73
O01 PGV L . 23.30 -2.77 4.71
O02 PGV L . 24.97 -3.92 5.85
O03 PGV L . 19.91 -2.80 5.81
O04 PGV L . 18.60 -3.92 4.32
O05 PGV L . 18.26 3.19 7.43
O06 PGV L . 20.13 5.05 8.38
O11 PGV L . 21.57 -0.60 7.11
O12 PGV L . 20.65 0.91 8.93
O13 PGV L . 22.56 1.69 7.44
O14 PGV L . 22.85 -0.20 9.22
C1 PGV L . 24.04 -3.99 5.06
C2 PGV L . 23.67 -5.30 4.41
C3 PGV L . 24.48 -6.47 4.94
C4 PGV L . 24.43 -7.68 4.02
C5 PGV L . 23.06 -8.36 4.04
C6 PGV L . 22.99 -9.49 3.00
C7 PGV L . 21.55 -9.96 2.78
C8 PGV L . 21.44 -10.86 1.55
C9 PGV L . 20.82 -10.14 0.36
C10 PGV L . 20.60 -11.08 -0.85
C11 PGV L . 19.26 -10.83 -1.55
C12 PGV L . 18.26 -11.99 -1.38
C13 PGV L . 17.51 -11.93 -0.04
C14 PGV L . 17.03 -13.30 0.40
C15 PGV L . 16.52 -13.30 1.84
C16 PGV L . 16.24 -14.72 2.33
C17 PGV L . 15.31 -14.75 3.54
C18 PGV L . 14.89 -16.17 3.88
C19 PGV L . 19.07 -3.91 5.45
C20 PGV L . 18.79 -5.06 6.40
C21 PGV L . 19.84 -6.15 6.22
C22 PGV L . 19.25 -7.54 6.01
C23 PGV L . 18.91 -8.23 7.33
C24 PGV L . 18.88 -9.76 7.19
C25 PGV L . 17.51 -10.36 7.46
C26 PGV L . 17.42 -11.77 6.88
C27 PGV L . 16.32 -12.61 7.54
C28 PGV L . 14.95 -12.30 6.95
C29 PGV L . 13.82 -12.56 7.94
C30 PGV L . 12.63 -11.62 7.70
C31 PGV L . 11.67 -11.59 8.89
C32 PGV L . 10.40 -12.40 8.63
C33 PGV L . 9.31 -11.57 7.96
C34 PGV L . 7.96 -12.21 8.13
P PGV M . -20.21 21.68 2.35
C01 PGV M . -19.11 19.50 -2.12
C02 PGV M . -18.92 19.44 -0.61
C03 PGV M . -19.52 20.70 -0.01
C04 PGV M . -22.59 20.62 1.72
C05 PGV M . -23.18 20.55 0.31
C06 PGV M . -24.70 20.56 0.36
O01 PGV M . -17.53 19.39 -0.29
O02 PGV M . -17.82 17.59 1.19
O03 PGV M . -18.96 18.19 -2.67
O04 PGV M . -17.95 18.84 -4.65
O05 PGV M . -22.73 19.35 -0.33
O06 PGV M . -25.16 21.83 0.84
O11 PGV M . -19.61 20.54 1.41
O12 PGV M . -21.75 21.78 1.87
O13 PGV M . -19.50 22.98 2.00
O14 PGV M . -20.17 21.18 3.77
C1 PGV M . -17.05 18.27 0.53
C2 PGV M . -15.58 17.97 0.56
C3 PGV M . -15.25 16.78 -0.35
C4 PGV M . -15.90 15.50 0.14
C5 PGV M . -15.11 14.24 -0.25
C6 PGV M . -15.42 13.76 -1.66
C7 PGV M . -14.78 12.40 -1.86
C8 PGV M . -15.01 11.87 -3.27
C9 PGV M . -13.89 12.25 -4.23
C10 PGV M . -13.23 11.03 -4.84
C11 PGV M . -14.09 10.40 -5.93
C12 PGV M . -13.27 10.06 -7.16
C13 PGV M . -14.17 9.70 -8.35
C14 PGV M . -13.49 8.76 -9.35
C15 PGV M . -12.07 9.18 -9.78
C16 PGV M . -11.97 10.60 -10.35
C17 PGV M . -10.51 10.99 -10.62
C18 PGV M . -10.07 12.15 -9.73
C19 PGV M . -18.12 17.95 -3.84
C20 PGV M . -17.46 16.61 -4.05
C21 PGV M . -17.90 16.02 -5.39
C22 PGV M . -17.47 14.57 -5.55
C23 PGV M . -18.69 13.66 -5.72
C24 PGV M . -18.29 12.21 -5.92
C25 PGV M . -19.40 11.41 -6.62
C26 PGV M . -19.42 9.95 -6.20
C27 PGV M . -19.92 9.06 -7.33
C28 PGV M . -20.56 7.77 -6.82
C29 PGV M . -20.26 6.57 -7.73
C30 PGV M . -19.06 5.79 -7.21
C31 PGV M . -18.57 4.72 -8.19
C32 PGV M . -17.07 4.82 -8.46
C33 PGV M . -16.75 5.77 -9.62
C34 PGV M . -16.87 7.24 -9.24
C1' UMQ N . 19.53 5.93 -13.08
O1' UMQ N . 18.37 5.31 -13.63
CA UMQ N . 18.67 4.18 -14.45
CB UMQ N . 17.39 3.51 -14.94
CC UMQ N . 17.64 2.48 -16.04
CD UMQ N . 16.80 1.22 -15.83
CF UMQ N . 16.89 0.23 -16.99
CG UMQ N . 16.38 -1.15 -16.58
CH UMQ N . 16.12 -2.08 -17.76
CI UMQ N . 14.64 -2.12 -18.13
CJ UMQ N . 14.34 -3.15 -19.22
CK UMQ N . 12.86 -3.12 -19.62
CL UMQ N . 12.33 -4.49 -20.01
C1' UMQ O . 20.09 -21.93 -14.12
O1' UMQ O . 18.69 -21.73 -13.90
CA UMQ O . 18.43 -21.05 -12.68
CB UMQ O . 16.93 -20.72 -12.55
CC UMQ O . 16.69 -19.80 -11.35
CD UMQ O . 15.27 -19.94 -10.79
CF UMQ O . 14.82 -18.70 -10.02
CG UMQ O . 15.15 -18.74 -8.53
CH UMQ O . 14.27 -17.76 -7.73
CI UMQ O . 14.79 -17.52 -6.32
CJ UMQ O . 13.71 -16.94 -5.38
CK UMQ O . 14.11 -17.09 -3.91
CL UMQ O . 13.81 -18.46 -3.35
C1' UMQ P . 2.00 -33.99 4.16
O1' UMQ P . 2.62 -32.84 4.76
CA UMQ P . 2.37 -31.61 4.07
CB UMQ P . 3.53 -30.63 4.27
CC UMQ P . 4.45 -30.60 3.06
CD UMQ P . 5.72 -29.77 3.31
CF UMQ P . 6.29 -29.24 2.00
CG UMQ P . 7.78 -28.93 2.10
CH UMQ P . 8.21 -27.88 1.08
CI UMQ P . 9.61 -27.33 1.39
CJ UMQ P . 9.68 -25.82 1.17
CK UMQ P . 11.11 -25.28 1.18
CL UMQ P . 11.25 -24.05 0.30
C2 UMQ Q . 10.34 -4.47 -47.34
C4 UMQ Q . 11.35 -2.76 -48.85
C5 UMQ Q . 11.70 -1.95 -47.60
C6 UMQ Q . 11.76 -0.45 -47.90
O2 UMQ Q . 10.40 -5.84 -46.94
O4 UMQ Q . 12.32 -2.54 -49.89
C1 UMQ Q . 10.65 -3.57 -46.14
C3 UMQ Q . 11.32 -4.24 -48.48
O1 UMQ Q . 11.88 -3.97 -45.53
O3 UMQ Q . 10.93 -5.02 -49.61
O5 UMQ Q . 10.75 -2.20 -46.56
O6 UMQ Q . 12.03 0.26 -46.69
C1' UMQ Q . 13.38 -3.94 -41.67
C2' UMQ Q . 11.86 -4.08 -41.79
C3' UMQ Q . 11.52 -4.54 -43.19
C4' UMQ Q . 12.04 -3.50 -44.19
C5' UMQ Q . 13.53 -3.23 -43.93
C6' UMQ Q . 14.06 -2.15 -44.86
O1' UMQ Q . 13.84 -3.75 -40.33
O3' UMQ Q . 10.11 -4.74 -43.31
O5' UMQ Q . 13.76 -2.87 -42.55
O6' UMQ Q . 15.28 -1.59 -44.37
O2' UMQ Q . 11.36 -5.02 -40.85
CA UMQ Q . 13.16 -2.80 -39.50
CB UMQ Q . 13.75 -2.83 -38.09
CC UMQ Q . 13.54 -4.19 -37.42
CD UMQ Q . 12.62 -4.11 -36.20
CF UMQ Q . 13.43 -3.98 -34.90
CG UMQ Q . 13.83 -5.35 -34.33
CH UMQ Q . 13.01 -5.74 -33.11
CI UMQ Q . 13.60 -5.23 -31.80
CJ UMQ Q . 13.91 -6.35 -30.80
CK UMQ Q . 13.51 -5.94 -29.38
CL UMQ Q . 13.74 -7.06 -28.39
C1' UMQ R . 5.17 -0.74 -43.88
O1' UMQ R . 4.92 0.37 -43.02
CA UMQ R . 5.26 0.09 -41.66
CB UMQ R . 4.97 1.25 -40.71
CC UMQ R . 4.99 0.76 -39.26
CD UMQ R . 5.42 1.82 -38.25
CF UMQ R . 6.59 1.37 -37.36
CG UMQ R . 6.59 2.09 -36.00
CH UMQ R . 7.80 1.71 -35.15
CI UMQ R . 7.79 2.42 -33.80
CJ UMQ R . 7.82 1.46 -32.61
CK UMQ R . 7.90 2.20 -31.27
CL UMQ R . 7.43 1.37 -30.08
C1' UMQ S . -1.43 1.66 -37.14
O1' UMQ S . -1.63 1.57 -35.72
CA UMQ S . -0.72 2.39 -35.01
CB UMQ S . -1.06 2.45 -33.51
CC UMQ S . -0.05 3.30 -32.75
CD UMQ S . -0.10 3.07 -31.24
CF UMQ S . 0.98 3.84 -30.49
CG UMQ S . 1.51 3.05 -29.29
CH UMQ S . 2.22 3.94 -28.26
CI UMQ S . 2.24 3.29 -26.87
CJ UMQ S . 3.59 3.47 -26.18
CK UMQ S . 3.48 3.21 -24.68
CL UMQ S . 4.72 2.53 -24.12
C1' UMQ T . 19.44 -7.96 -41.73
O1' UMQ T . 18.58 -7.74 -40.62
CA UMQ T . 18.51 -6.36 -40.26
CB UMQ T . 17.59 -6.14 -39.05
CC UMQ T . 18.35 -5.53 -37.86
CD UMQ T . 17.42 -5.12 -36.72
CF UMQ T . 18.11 -5.23 -35.36
CG UMQ T . 17.63 -4.18 -34.36
CH UMQ T . 17.63 -4.71 -32.91
CI UMQ T . 17.38 -3.59 -31.89
CJ UMQ T . 17.17 -4.14 -30.48
CK UMQ T . 17.36 -3.05 -29.42
CL UMQ T . 16.32 -3.13 -28.32
O1 UMQ U . -11.91 5.40 -29.69
C1' UMQ U . -11.97 6.37 -25.57
C2' UMQ U . -11.47 4.98 -25.98
C3' UMQ U . -11.14 4.87 -27.47
C4' UMQ U . -12.26 5.47 -28.31
C5' UMQ U . -12.49 6.91 -27.85
C6' UMQ U . -13.54 7.64 -28.69
O1' UMQ U . -12.61 6.24 -24.30
O3' UMQ U . -10.97 3.49 -27.84
O5' UMQ U . -12.93 6.88 -26.50
O6' UMQ U . -13.19 7.60 -30.08
O2' UMQ U . -10.30 4.69 -25.21
CA UMQ U . -11.83 6.65 -23.16
CB UMQ U . -12.39 5.99 -21.91
CC UMQ U . -12.69 6.98 -20.80
CD UMQ U . -12.93 6.25 -19.48
CF UMQ U . -13.83 7.05 -18.52
CG UMQ U . -13.80 6.44 -17.12
CH UMQ U . -15.20 6.25 -16.56
CI UMQ U . -15.17 5.58 -15.19
CJ UMQ U . -16.53 5.04 -14.78
CK UMQ U . -17.04 5.67 -13.49
CL UMQ U . -18.56 5.79 -13.50
C1' UMQ V . -9.33 10.12 -28.68
O1' UMQ V . -9.46 9.36 -27.48
CA UMQ V . -8.22 9.07 -26.84
CB UMQ V . -8.39 9.10 -25.32
CC UMQ V . -7.19 9.78 -24.64
CD UMQ V . -7.04 9.36 -23.17
CF UMQ V . -5.57 9.30 -22.75
CG UMQ V . -5.41 8.72 -21.35
CH UMQ V . -3.98 8.26 -21.08
CI UMQ V . -3.76 7.91 -19.60
CJ UMQ V . -2.31 7.47 -19.33
CK UMQ V . -1.91 7.67 -17.87
CL UMQ V . -0.55 7.08 -17.56
C2 UMQ W . 9.27 16.91 -5.07
C4 UMQ W . 10.72 18.30 -3.54
C5 UMQ W . 10.00 19.54 -4.10
C6 UMQ W . 11.02 20.64 -4.39
O2 UMQ W . 8.52 15.70 -5.15
O4 UMQ W . 10.90 18.48 -2.13
C1 UMQ W . 8.39 18.14 -5.24
C3 UMQ W . 9.99 16.97 -3.74
O1 UMQ W . 7.47 18.26 -4.13
O3 UMQ W . 10.94 15.90 -3.66
O5 UMQ W . 9.24 19.28 -5.30
O6 UMQ W . 10.35 21.83 -4.82
C1' UMQ W . 3.43 17.29 -3.51
C2' UMQ W . 4.17 16.46 -4.55
C3' UMQ W . 5.68 16.69 -4.59
C4' UMQ W . 6.08 18.16 -4.45
C5' UMQ W . 5.26 18.83 -3.34
C6' UMQ W . 5.58 20.33 -3.19
O1' UMQ W . 2.00 17.25 -3.75
O3' UMQ W . 6.14 16.19 -5.85
O5' UMQ W . 3.87 18.66 -3.59
O6' UMQ W . 6.20 20.88 -4.36
O2' UMQ W . 4.00 15.06 -4.27
CA UMQ W . 1.38 15.97 -3.63
CB UMQ W . -0.09 16.12 -3.27
CC UMQ W . -0.91 14.95 -3.79
CD UMQ W . -1.45 15.21 -5.20
CF UMQ W . -2.82 14.58 -5.45
CG UMQ W . -2.74 13.09 -5.82
CH UMQ W . -3.73 12.23 -5.04
CI UMQ W . -5.17 12.44 -5.52
CJ UMQ W . -6.21 12.22 -4.41
CK UMQ W . -7.32 13.28 -4.46
CL UMQ W . -8.62 12.74 -3.89
#